data_2RNO
#
_entry.id   2RNO
#
_entity_poly.entity_id   1
_entity_poly.type   'polypeptide(L)'
_entity_poly.pdbx_seq_one_letter_code
;GSHMASADLVSSCKDKLAYFRIKELKDILNQLGLPKQGKKQDLIDRVLALLTDEQGQRHHGWGRKNSLTKEAVAKIVDDT
YRKMQIQCAPDLATRSHSGSDFSFRPIEEA
;
_entity_poly.pdbx_strand_id   A
#
# COMPACT_ATOMS: atom_id res chain seq x y z
N GLY A 1 -7.53 -18.66 3.17
CA GLY A 1 -7.96 -18.61 1.78
C GLY A 1 -7.26 -19.65 0.92
N SER A 2 -7.14 -19.35 -0.37
CA SER A 2 -6.48 -20.26 -1.30
C SER A 2 -5.10 -19.75 -1.69
N HIS A 3 -4.50 -18.95 -0.80
CA HIS A 3 -3.17 -18.40 -1.05
C HIS A 3 -3.18 -17.51 -2.28
N MET A 4 -4.16 -16.61 -2.36
CA MET A 4 -4.29 -15.70 -3.49
C MET A 4 -4.82 -14.34 -3.03
N ALA A 5 -3.93 -13.50 -2.54
CA ALA A 5 -4.32 -12.16 -2.08
C ALA A 5 -3.71 -11.08 -2.96
N SER A 6 -2.75 -11.47 -3.80
CA SER A 6 -2.09 -10.52 -4.68
C SER A 6 -3.10 -9.68 -5.44
N ALA A 7 -4.03 -10.35 -6.13
CA ALA A 7 -5.05 -9.66 -6.89
C ALA A 7 -5.97 -8.86 -5.98
N ASP A 8 -6.01 -9.24 -4.71
CA ASP A 8 -6.86 -8.56 -3.73
C ASP A 8 -6.22 -7.25 -3.28
N LEU A 9 -4.91 -7.29 -3.03
CA LEU A 9 -4.18 -6.10 -2.60
C LEU A 9 -4.07 -5.08 -3.73
N VAL A 10 -3.84 -5.56 -4.94
CA VAL A 10 -3.72 -4.68 -6.10
C VAL A 10 -5.06 -4.09 -6.48
N SER A 11 -6.07 -4.95 -6.60
CA SER A 11 -7.42 -4.50 -6.95
C SER A 11 -7.96 -3.54 -5.90
N SER A 12 -7.67 -3.83 -4.64
CA SER A 12 -8.13 -3.01 -3.53
C SER A 12 -7.38 -1.68 -3.49
N CYS A 13 -6.06 -1.76 -3.48
CA CYS A 13 -5.22 -0.57 -3.44
C CYS A 13 -5.47 0.32 -4.64
N LYS A 14 -5.63 -0.30 -5.81
CA LYS A 14 -5.88 0.44 -7.04
C LYS A 14 -7.26 1.10 -7.01
N ASP A 15 -8.29 0.30 -6.74
CA ASP A 15 -9.65 0.80 -6.69
C ASP A 15 -9.73 2.03 -5.78
N LYS A 16 -9.16 1.91 -4.58
CA LYS A 16 -9.18 3.00 -3.62
C LYS A 16 -8.30 4.16 -4.10
N LEU A 17 -7.04 3.87 -4.39
CA LEU A 17 -6.10 4.88 -4.85
C LEU A 17 -6.70 5.69 -5.99
N ALA A 18 -7.37 5.00 -6.91
CA ALA A 18 -8.00 5.67 -8.05
C ALA A 18 -9.20 6.51 -7.61
N TYR A 19 -10.01 5.94 -6.72
CA TYR A 19 -11.19 6.64 -6.22
C TYR A 19 -10.79 7.78 -5.29
N PHE A 20 -9.53 7.78 -4.87
CA PHE A 20 -9.03 8.81 -3.97
C PHE A 20 -8.26 9.88 -4.75
N ARG A 21 -8.52 11.14 -4.43
CA ARG A 21 -7.86 12.25 -5.10
C ARG A 21 -6.34 12.08 -5.07
N ILE A 22 -5.63 12.96 -5.76
CA ILE A 22 -4.18 12.91 -5.82
C ILE A 22 -3.58 12.80 -4.42
N LYS A 23 -4.32 13.29 -3.42
CA LYS A 23 -3.87 13.24 -2.04
C LYS A 23 -3.34 11.85 -1.69
N GLU A 24 -4.12 10.83 -2.01
CA GLU A 24 -3.73 9.45 -1.73
C GLU A 24 -2.36 9.14 -2.30
N LEU A 25 -2.22 9.37 -3.61
CA LEU A 25 -0.95 9.11 -4.29
C LEU A 25 0.16 10.00 -3.73
N LYS A 26 -0.21 11.19 -3.30
CA LYS A 26 0.76 12.13 -2.74
C LYS A 26 1.45 11.53 -1.52
N ASP A 27 0.65 11.04 -0.57
CA ASP A 27 1.19 10.44 0.65
C ASP A 27 2.00 9.20 0.32
N ILE A 28 1.50 8.39 -0.62
CA ILE A 28 2.19 7.17 -1.01
C ILE A 28 3.54 7.48 -1.64
N LEU A 29 3.52 8.26 -2.72
CA LEU A 29 4.74 8.64 -3.41
C LEU A 29 5.68 9.42 -2.49
N ASN A 30 5.10 10.11 -1.51
CA ASN A 30 5.88 10.89 -0.57
C ASN A 30 6.74 9.98 0.32
N GLN A 31 6.12 8.93 0.85
CA GLN A 31 6.82 7.99 1.71
C GLN A 31 7.81 7.15 0.91
N LEU A 32 7.46 6.87 -0.34
CA LEU A 32 8.32 6.07 -1.21
C LEU A 32 9.60 6.82 -1.55
N GLY A 33 9.50 8.15 -1.64
CA GLY A 33 10.65 8.96 -1.96
C GLY A 33 10.65 9.45 -3.39
N LEU A 34 9.46 9.58 -3.97
CA LEU A 34 9.32 10.04 -5.35
C LEU A 34 9.38 11.56 -5.43
N PRO A 35 9.69 12.08 -6.63
CA PRO A 35 9.79 13.53 -6.86
C PRO A 35 8.43 14.22 -6.79
N LYS A 36 8.46 15.54 -6.71
CA LYS A 36 7.23 16.33 -6.65
C LYS A 36 6.40 16.14 -7.91
N GLN A 37 7.06 15.78 -9.00
CA GLN A 37 6.38 15.57 -10.28
C GLN A 37 5.61 14.25 -10.27
N GLY A 38 5.06 13.89 -11.43
CA GLY A 38 4.31 12.65 -11.53
C GLY A 38 2.80 12.90 -11.58
N LYS A 39 2.27 13.03 -12.79
CA LYS A 39 0.84 13.26 -12.97
C LYS A 39 0.02 12.14 -12.35
N LYS A 40 -1.30 12.30 -12.35
CA LYS A 40 -2.20 11.31 -11.79
C LYS A 40 -1.91 9.93 -12.35
N GLN A 41 -1.59 9.88 -13.64
CA GLN A 41 -1.28 8.61 -14.31
C GLN A 41 0.07 8.06 -13.83
N ASP A 42 1.09 8.91 -13.88
CA ASP A 42 2.42 8.51 -13.45
C ASP A 42 2.40 7.91 -12.05
N LEU A 43 1.74 8.61 -11.13
CA LEU A 43 1.64 8.16 -9.75
C LEU A 43 0.92 6.81 -9.67
N ILE A 44 -0.28 6.76 -10.25
CA ILE A 44 -1.08 5.54 -10.24
C ILE A 44 -0.26 4.35 -10.74
N ASP A 45 0.39 4.52 -11.89
CA ASP A 45 1.22 3.46 -12.46
C ASP A 45 2.37 3.10 -11.52
N ARG A 46 2.85 4.08 -10.77
CA ARG A 46 3.95 3.87 -9.84
C ARG A 46 3.51 2.99 -8.68
N VAL A 47 2.37 3.32 -8.09
CA VAL A 47 1.83 2.56 -6.97
C VAL A 47 1.62 1.09 -7.34
N LEU A 48 0.81 0.87 -8.38
CA LEU A 48 0.52 -0.48 -8.84
C LEU A 48 1.81 -1.23 -9.20
N ALA A 49 2.73 -0.52 -9.86
CA ALA A 49 3.99 -1.11 -10.26
C ALA A 49 4.87 -1.40 -9.04
N LEU A 50 4.59 -0.72 -7.94
CA LEU A 50 5.34 -0.91 -6.70
C LEU A 50 4.86 -2.13 -5.95
N LEU A 51 3.54 -2.31 -5.89
CA LEU A 51 2.96 -3.45 -5.19
C LEU A 51 2.87 -4.67 -6.12
N THR A 52 3.19 -4.45 -7.39
CA THR A 52 3.15 -5.52 -8.37
C THR A 52 4.55 -5.92 -8.82
N ASP A 53 5.32 -4.94 -9.26
CA ASP A 53 6.68 -5.18 -9.72
C ASP A 53 7.68 -5.06 -8.56
N GLU A 54 7.18 -4.60 -7.41
CA GLU A 54 8.02 -4.44 -6.23
C GLU A 54 7.35 -5.03 -5.00
N GLN A 55 6.40 -5.94 -5.22
CA GLN A 55 5.68 -6.57 -4.12
C GLN A 55 6.65 -7.05 -3.04
N GLY A 56 7.88 -7.37 -3.45
CA GLY A 56 8.87 -7.83 -2.50
C GLY A 56 8.37 -8.99 -1.66
N GLN A 57 7.44 -9.75 -2.20
CA GLN A 57 6.87 -10.89 -1.48
C GLN A 57 7.96 -11.90 -1.13
N ARG A 58 9.04 -11.89 -1.91
CA ARG A 58 10.16 -12.81 -1.67
C ARG A 58 11.44 -12.04 -1.35
N HIS A 59 11.27 -10.81 -0.89
CA HIS A 59 12.42 -9.98 -0.53
C HIS A 59 12.09 -9.06 0.65
N HIS A 60 11.68 -9.67 1.75
CA HIS A 60 11.34 -8.92 2.96
C HIS A 60 12.47 -8.98 3.98
N GLY A 61 12.33 -8.20 5.05
CA GLY A 61 13.34 -8.18 6.08
C GLY A 61 13.92 -6.80 6.30
N TRP A 62 13.05 -5.79 6.32
CA TRP A 62 13.49 -4.41 6.51
C TRP A 62 12.93 -3.84 7.82
N GLY A 63 11.65 -3.51 7.82
CA GLY A 63 11.02 -2.96 9.01
C GLY A 63 11.23 -1.47 9.13
N ARG A 64 12.48 -1.03 8.98
CA ARG A 64 12.82 0.39 9.09
C ARG A 64 12.80 1.05 7.71
N LYS A 65 12.14 0.40 6.75
CA LYS A 65 12.06 0.93 5.39
C LYS A 65 10.86 0.35 4.66
N ASN A 66 9.85 -0.06 5.42
CA ASN A 66 8.63 -0.64 4.84
C ASN A 66 7.66 0.46 4.42
N SER A 67 8.10 1.70 4.53
CA SER A 67 7.26 2.84 4.16
C SER A 67 6.98 2.85 2.67
N LEU A 68 7.66 1.98 1.94
CA LEU A 68 7.49 1.88 0.49
C LEU A 68 6.96 0.50 0.09
N THR A 69 6.26 -0.15 1.02
CA THR A 69 5.71 -1.47 0.77
C THR A 69 4.19 -1.46 0.86
N LYS A 70 3.58 -2.62 0.65
CA LYS A 70 2.13 -2.74 0.70
C LYS A 70 1.58 -2.20 2.02
N GLU A 71 2.31 -2.46 3.11
CA GLU A 71 1.90 -1.98 4.43
C GLU A 71 1.69 -0.47 4.42
N ALA A 72 2.62 0.25 3.81
CA ALA A 72 2.53 1.70 3.74
C ALA A 72 1.35 2.14 2.87
N VAL A 73 1.30 1.63 1.64
CA VAL A 73 0.23 1.96 0.71
C VAL A 73 -1.13 1.68 1.33
N ALA A 74 -1.26 0.53 1.98
CA ALA A 74 -2.51 0.13 2.61
C ALA A 74 -2.82 1.03 3.81
N LYS A 75 -1.77 1.46 4.50
CA LYS A 75 -1.92 2.32 5.67
C LYS A 75 -2.58 3.64 5.29
N ILE A 76 -2.05 4.29 4.25
CA ILE A 76 -2.58 5.56 3.79
C ILE A 76 -3.99 5.39 3.23
N VAL A 77 -4.14 4.46 2.30
CA VAL A 77 -5.44 4.19 1.68
C VAL A 77 -6.51 3.96 2.75
N ASP A 78 -6.15 3.23 3.79
CA ASP A 78 -7.09 2.93 4.87
C ASP A 78 -7.48 4.20 5.61
N ASP A 79 -6.49 5.03 5.93
CA ASP A 79 -6.73 6.29 6.64
C ASP A 79 -7.65 7.19 5.83
N THR A 80 -7.51 7.15 4.52
CA THR A 80 -8.32 7.97 3.62
C THR A 80 -9.76 7.47 3.58
N TYR A 81 -9.93 6.16 3.58
CA TYR A 81 -11.26 5.56 3.55
C TYR A 81 -12.03 5.83 4.84
N ARG A 82 -11.39 5.52 5.97
CA ARG A 82 -12.01 5.73 7.27
C ARG A 82 -12.27 7.22 7.51
N LYS A 83 -11.37 8.07 7.03
CA LYS A 83 -11.51 9.50 7.18
C LYS A 83 -12.49 10.07 6.17
N MET A 84 -12.67 9.36 5.07
CA MET A 84 -13.59 9.79 4.02
C MET A 84 -15.03 9.67 4.48
N GLN A 85 -15.43 8.47 4.88
CA GLN A 85 -16.79 8.22 5.35
C GLN A 85 -16.81 7.11 6.40
N ILE A 86 -15.64 6.77 6.91
CA ILE A 86 -15.52 5.72 7.92
C ILE A 86 -15.83 4.35 7.33
N GLN A 87 -17.10 4.13 6.99
CA GLN A 87 -17.52 2.85 6.42
C GLN A 87 -17.08 1.68 7.29
N CYS A 88 -17.32 0.47 6.81
CA CYS A 88 -16.94 -0.73 7.55
C CYS A 88 -15.65 -1.32 7.01
N ALA A 89 -14.64 -0.48 6.86
CA ALA A 89 -13.35 -0.92 6.35
C ALA A 89 -13.45 -1.37 4.90
N PRO A 90 -12.48 -0.96 4.07
CA PRO A 90 -12.44 -1.31 2.65
C PRO A 90 -12.12 -2.79 2.43
N ASP A 91 -11.86 -3.50 3.53
CA ASP A 91 -11.54 -4.93 3.46
C ASP A 91 -10.22 -5.16 2.73
N LEU A 92 -9.29 -4.22 2.91
CA LEU A 92 -7.98 -4.32 2.27
C LEU A 92 -7.35 -5.69 2.52
N ALA A 93 -7.47 -6.18 3.75
CA ALA A 93 -6.92 -7.49 4.11
C ALA A 93 -7.19 -7.82 5.57
N THR A 94 -7.20 -6.78 6.41
CA THR A 94 -7.44 -6.95 7.84
C THR A 94 -6.33 -7.79 8.48
N ARG A 95 -5.16 -7.80 7.86
CA ARG A 95 -4.03 -8.55 8.39
C ARG A 95 -4.39 -10.02 8.55
N SER A 96 -5.39 -10.47 7.79
CA SER A 96 -5.83 -11.86 7.86
C SER A 96 -5.24 -12.68 6.72
N HIS A 97 -3.91 -12.68 6.62
CA HIS A 97 -3.22 -13.42 5.58
C HIS A 97 -1.86 -13.91 6.06
N SER A 98 -0.90 -13.00 6.16
CA SER A 98 0.45 -13.35 6.61
C SER A 98 1.22 -12.08 7.00
N GLY A 99 1.81 -12.12 8.20
CA GLY A 99 2.57 -10.97 8.67
C GLY A 99 1.87 -10.22 9.78
N SER A 100 2.34 -10.40 11.00
CA SER A 100 1.75 -9.74 12.16
C SER A 100 2.79 -9.49 13.24
N ASP A 101 4.06 -9.62 12.87
CA ASP A 101 5.15 -9.41 13.82
C ASP A 101 6.12 -8.36 13.30
N PHE A 102 5.91 -7.92 12.07
CA PHE A 102 6.77 -6.92 11.45
C PHE A 102 6.07 -5.57 11.37
N SER A 103 4.96 -5.44 12.10
CA SER A 103 4.18 -4.21 12.11
C SER A 103 4.64 -3.30 13.25
N PHE A 104 3.88 -2.23 13.49
CA PHE A 104 4.21 -1.29 14.55
C PHE A 104 5.55 -0.61 14.29
N ARG A 105 5.76 -0.20 13.04
CA ARG A 105 7.00 0.46 12.66
C ARG A 105 7.34 1.60 13.63
N PRO A 106 8.63 1.96 13.68
CA PRO A 106 9.11 3.03 14.57
C PRO A 106 8.64 4.41 14.10
N ILE A 107 9.17 5.44 14.74
CA ILE A 107 8.81 6.82 14.40
C ILE A 107 10.04 7.60 13.94
N GLU A 108 10.96 6.93 13.26
CA GLU A 108 12.17 7.56 12.76
C GLU A 108 13.02 8.08 13.93
N GLU A 109 12.87 7.45 15.08
CA GLU A 109 13.63 7.85 16.27
C GLU A 109 13.48 9.34 16.53
N ALA A 110 12.31 9.89 16.22
CA ALA A 110 12.04 11.30 16.42
C ALA A 110 13.02 12.16 15.65
N GLY A 1 -7.74 -14.87 2.97
CA GLY A 1 -7.73 -16.10 2.20
C GLY A 1 -6.63 -17.05 2.62
N SER A 2 -6.43 -18.11 1.84
CA SER A 2 -5.40 -19.10 2.15
C SER A 2 -4.01 -18.49 2.04
N HIS A 3 -3.57 -18.24 0.81
CA HIS A 3 -2.26 -17.66 0.57
C HIS A 3 -2.25 -16.87 -0.73
N MET A 4 -3.27 -16.04 -0.92
CA MET A 4 -3.38 -15.22 -2.13
C MET A 4 -4.04 -13.88 -1.81
N ALA A 5 -3.23 -12.93 -1.34
CA ALA A 5 -3.74 -11.60 -1.00
C ALA A 5 -3.12 -10.53 -1.89
N SER A 6 -2.09 -10.93 -2.65
CA SER A 6 -1.40 -10.00 -3.54
C SER A 6 -2.40 -9.25 -4.42
N ALA A 7 -3.24 -10.00 -5.13
CA ALA A 7 -4.24 -9.40 -6.00
C ALA A 7 -5.26 -8.60 -5.20
N ASP A 8 -5.37 -8.91 -3.91
CA ASP A 8 -6.30 -8.21 -3.04
C ASP A 8 -5.75 -6.85 -2.62
N LEU A 9 -4.47 -6.81 -2.30
CA LEU A 9 -3.83 -5.57 -1.89
C LEU A 9 -3.69 -4.60 -3.05
N VAL A 10 -3.36 -5.15 -4.23
CA VAL A 10 -3.20 -4.34 -5.43
C VAL A 10 -4.55 -3.82 -5.92
N SER A 11 -5.49 -4.74 -6.09
CA SER A 11 -6.83 -4.38 -6.56
C SER A 11 -7.50 -3.40 -5.62
N SER A 12 -7.33 -3.62 -4.32
CA SER A 12 -7.92 -2.76 -3.30
C SER A 12 -7.23 -1.39 -3.30
N CYS A 13 -5.91 -1.40 -3.31
CA CYS A 13 -5.13 -0.17 -3.29
C CYS A 13 -5.44 0.68 -4.53
N LYS A 14 -5.58 0.02 -5.67
CA LYS A 14 -5.87 0.70 -6.92
C LYS A 14 -7.26 1.33 -6.89
N ASP A 15 -8.27 0.51 -6.59
CA ASP A 15 -9.64 0.99 -6.52
C ASP A 15 -9.75 2.22 -5.62
N LYS A 16 -9.16 2.13 -4.43
CA LYS A 16 -9.19 3.24 -3.48
C LYS A 16 -8.35 4.41 -3.98
N LEU A 17 -7.10 4.14 -4.32
CA LEU A 17 -6.20 5.18 -4.82
C LEU A 17 -6.85 5.95 -5.95
N ALA A 18 -7.51 5.24 -6.86
CA ALA A 18 -8.18 5.87 -8.00
C ALA A 18 -9.39 6.66 -7.54
N TYR A 19 -10.12 6.12 -6.57
CA TYR A 19 -11.31 6.76 -6.04
C TYR A 19 -10.95 7.97 -5.18
N PHE A 20 -9.68 8.02 -4.76
CA PHE A 20 -9.20 9.13 -3.93
C PHE A 20 -8.46 10.16 -4.78
N ARG A 21 -8.75 11.43 -4.54
CA ARG A 21 -8.10 12.51 -5.28
C ARG A 21 -6.58 12.38 -5.23
N ILE A 22 -5.89 13.23 -5.97
CA ILE A 22 -4.43 13.21 -6.01
C ILE A 22 -3.84 13.19 -4.60
N LYS A 23 -4.60 13.73 -3.65
CA LYS A 23 -4.16 13.78 -2.26
C LYS A 23 -3.63 12.42 -1.81
N GLU A 24 -4.41 11.38 -2.05
CA GLU A 24 -4.01 10.03 -1.67
C GLU A 24 -2.64 9.67 -2.25
N LEU A 25 -2.51 9.81 -3.56
CA LEU A 25 -1.25 9.51 -4.24
C LEU A 25 -0.13 10.42 -3.75
N LYS A 26 -0.50 11.65 -3.38
CA LYS A 26 0.48 12.62 -2.89
C LYS A 26 1.17 12.10 -1.63
N ASP A 27 0.39 11.62 -0.68
CA ASP A 27 0.92 11.09 0.57
C ASP A 27 1.70 9.79 0.32
N ILE A 28 1.19 8.98 -0.59
CA ILE A 28 1.83 7.71 -0.92
C ILE A 28 3.20 7.94 -1.57
N LEU A 29 3.22 8.73 -2.63
CA LEU A 29 4.46 9.04 -3.34
C LEU A 29 5.42 9.80 -2.44
N ASN A 30 4.87 10.63 -1.56
CA ASN A 30 5.69 11.43 -0.65
C ASN A 30 6.45 10.51 0.31
N GLN A 31 5.77 9.50 0.83
CA GLN A 31 6.39 8.56 1.76
C GLN A 31 7.29 7.57 1.03
N LEU A 32 6.93 7.26 -0.22
CA LEU A 32 7.70 6.32 -1.03
C LEU A 32 9.06 6.91 -1.38
N GLY A 33 9.09 8.23 -1.56
CA GLY A 33 10.34 8.89 -1.91
C GLY A 33 10.50 9.08 -3.40
N LEU A 34 9.43 9.47 -4.07
CA LEU A 34 9.45 9.68 -5.51
C LEU A 34 9.23 11.15 -5.86
N PRO A 35 10.20 12.00 -5.49
CA PRO A 35 10.14 13.45 -5.75
C PRO A 35 10.28 13.77 -7.23
N LYS A 36 10.63 15.01 -7.53
CA LYS A 36 10.80 15.46 -8.91
C LYS A 36 9.44 15.71 -9.57
N GLN A 37 8.60 14.69 -9.58
CA GLN A 37 7.28 14.79 -10.19
C GLN A 37 6.37 13.66 -9.72
N GLY A 38 5.21 13.53 -10.35
CA GLY A 38 4.27 12.49 -9.98
C GLY A 38 2.85 12.81 -10.40
N LYS A 39 2.60 12.78 -11.69
CA LYS A 39 1.27 13.07 -12.23
C LYS A 39 0.28 11.97 -11.85
N LYS A 40 -1.00 12.20 -12.14
CA LYS A 40 -2.04 11.24 -11.83
C LYS A 40 -1.70 9.87 -12.40
N GLN A 41 -1.25 9.84 -13.66
CA GLN A 41 -0.88 8.59 -14.32
C GLN A 41 0.41 8.03 -13.73
N ASP A 42 1.45 8.85 -13.67
CA ASP A 42 2.73 8.43 -13.14
C ASP A 42 2.57 7.80 -11.75
N LEU A 43 1.80 8.47 -10.90
CA LEU A 43 1.55 7.98 -9.54
C LEU A 43 0.80 6.66 -9.57
N ILE A 44 -0.35 6.65 -10.23
CA ILE A 44 -1.17 5.45 -10.33
C ILE A 44 -0.34 4.26 -10.82
N ASP A 45 0.31 4.43 -11.97
CA ASP A 45 1.14 3.38 -12.54
C ASP A 45 2.28 3.02 -11.60
N ARG A 46 2.74 3.99 -10.82
CA ARG A 46 3.83 3.77 -9.88
C ARG A 46 3.39 2.87 -8.73
N VAL A 47 2.24 3.20 -8.14
CA VAL A 47 1.70 2.41 -7.03
C VAL A 47 1.49 0.96 -7.43
N LEU A 48 0.72 0.76 -8.50
CA LEU A 48 0.43 -0.58 -8.99
C LEU A 48 1.71 -1.31 -9.37
N ALA A 49 2.66 -0.57 -9.93
CA ALA A 49 3.94 -1.15 -10.33
C ALA A 49 4.75 -1.58 -9.12
N LEU A 50 4.50 -0.94 -7.99
CA LEU A 50 5.21 -1.25 -6.75
C LEU A 50 4.63 -2.50 -6.10
N LEU A 51 3.30 -2.58 -6.05
CA LEU A 51 2.63 -3.73 -5.45
C LEU A 51 2.57 -4.90 -6.44
N THR A 52 2.92 -4.63 -7.69
CA THR A 52 2.91 -5.66 -8.72
C THR A 52 4.33 -6.05 -9.12
N ASP A 53 5.07 -5.10 -9.67
CA ASP A 53 6.44 -5.35 -10.10
C ASP A 53 7.38 -5.40 -8.90
N GLU A 54 6.87 -5.02 -7.73
CA GLU A 54 7.66 -5.02 -6.51
C GLU A 54 6.90 -5.70 -5.37
N GLN A 55 5.95 -6.55 -5.73
CA GLN A 55 5.15 -7.26 -4.73
C GLN A 55 6.04 -8.03 -3.77
N GLY A 56 7.27 -8.32 -4.21
CA GLY A 56 8.20 -9.06 -3.38
C GLY A 56 7.72 -10.47 -3.10
N GLN A 57 7.31 -11.18 -4.16
CA GLN A 57 6.83 -12.54 -4.02
C GLN A 57 7.95 -13.55 -4.28
N ARG A 58 9.16 -13.21 -3.84
CA ARG A 58 10.31 -14.08 -4.03
C ARG A 58 11.20 -14.09 -2.78
N HIS A 59 11.33 -12.93 -2.15
CA HIS A 59 12.14 -12.81 -0.94
C HIS A 59 12.02 -11.41 -0.34
N HIS A 60 10.80 -11.00 -0.04
CA HIS A 60 10.54 -9.69 0.53
C HIS A 60 10.92 -9.67 2.02
N GLY A 61 10.54 -8.59 2.69
CA GLY A 61 10.84 -8.46 4.11
C GLY A 61 11.60 -7.20 4.43
N TRP A 62 11.36 -6.15 3.64
CA TRP A 62 12.03 -4.87 3.85
C TRP A 62 11.04 -3.79 4.25
N GLY A 63 9.77 -3.99 3.89
CA GLY A 63 8.74 -3.03 4.23
C GLY A 63 8.32 -3.10 5.68
N ARG A 64 9.30 -3.19 6.58
CA ARG A 64 9.03 -3.27 8.00
C ARG A 64 8.68 -1.90 8.57
N LYS A 65 9.18 -0.86 7.93
CA LYS A 65 8.93 0.51 8.37
C LYS A 65 9.71 1.52 7.52
N ASN A 66 9.37 1.59 6.24
CA ASN A 66 10.03 2.51 5.32
C ASN A 66 9.02 3.41 4.61
N SER A 67 7.74 3.15 4.86
CA SER A 67 6.67 3.93 4.24
C SER A 67 6.86 4.01 2.73
N LEU A 68 7.17 2.87 2.12
CA LEU A 68 7.38 2.81 0.68
C LEU A 68 7.02 1.44 0.13
N THR A 69 6.22 0.70 0.89
CA THR A 69 5.80 -0.65 0.48
C THR A 69 4.28 -0.80 0.58
N LYS A 70 3.80 -2.00 0.29
CA LYS A 70 2.38 -2.29 0.35
C LYS A 70 1.78 -1.81 1.67
N GLU A 71 2.59 -1.86 2.73
CA GLU A 71 2.14 -1.44 4.05
C GLU A 71 1.78 0.05 4.04
N ALA A 72 2.65 0.87 3.48
CA ALA A 72 2.42 2.30 3.41
C ALA A 72 1.20 2.63 2.55
N VAL A 73 1.17 2.06 1.34
CA VAL A 73 0.07 2.28 0.41
C VAL A 73 -1.26 1.88 1.04
N ALA A 74 -1.28 0.72 1.68
CA ALA A 74 -2.49 0.21 2.32
C ALA A 74 -2.80 1.00 3.59
N LYS A 75 -1.77 1.60 4.18
CA LYS A 75 -1.92 2.38 5.40
C LYS A 75 -2.74 3.64 5.13
N ILE A 76 -2.37 4.38 4.09
CA ILE A 76 -3.07 5.61 3.73
C ILE A 76 -4.42 5.29 3.10
N VAL A 77 -4.46 4.25 2.27
CA VAL A 77 -5.70 3.85 1.61
C VAL A 77 -6.74 3.38 2.62
N ASP A 78 -6.28 2.65 3.64
CA ASP A 78 -7.17 2.15 4.67
C ASP A 78 -7.65 3.27 5.58
N ASP A 79 -6.71 4.08 6.05
CA ASP A 79 -7.04 5.20 6.93
C ASP A 79 -7.91 6.22 6.21
N THR A 80 -7.63 6.44 4.94
CA THR A 80 -8.40 7.39 4.14
C THR A 80 -9.76 6.83 3.77
N TYR A 81 -9.82 5.53 3.54
CA TYR A 81 -11.07 4.86 3.17
C TYR A 81 -11.97 4.71 4.40
N ARG A 82 -11.36 4.48 5.55
CA ARG A 82 -12.11 4.30 6.79
C ARG A 82 -12.55 5.66 7.35
N LYS A 83 -11.70 6.66 7.17
CA LYS A 83 -12.00 8.01 7.66
C LYS A 83 -12.99 8.71 6.74
N MET A 84 -12.89 8.44 5.44
CA MET A 84 -13.78 9.05 4.47
C MET A 84 -15.14 8.34 4.45
N GLN A 85 -15.11 7.02 4.42
CA GLN A 85 -16.34 6.22 4.40
C GLN A 85 -16.96 6.15 5.80
N ILE A 86 -16.11 5.92 6.79
CA ILE A 86 -16.56 5.83 8.17
C ILE A 86 -17.49 4.63 8.37
N GLN A 87 -17.33 3.62 7.51
CA GLN A 87 -18.14 2.42 7.58
C GLN A 87 -17.73 1.56 8.77
N CYS A 88 -18.25 0.33 8.82
CA CYS A 88 -17.93 -0.59 9.90
C CYS A 88 -16.62 -1.32 9.62
N ALA A 89 -15.55 -0.56 9.39
CA ALA A 89 -14.24 -1.12 9.11
C ALA A 89 -14.24 -1.87 7.78
N PRO A 90 -13.28 -1.51 6.92
CA PRO A 90 -13.14 -2.12 5.59
C PRO A 90 -12.67 -3.57 5.67
N ASP A 91 -12.40 -4.04 6.89
CA ASP A 91 -11.94 -5.40 7.09
C ASP A 91 -10.53 -5.59 6.54
N LEU A 92 -9.60 -4.77 7.02
CA LEU A 92 -8.22 -4.85 6.57
C LEU A 92 -7.57 -6.15 7.04
N ALA A 93 -8.26 -6.87 7.92
CA ALA A 93 -7.76 -8.13 8.44
C ALA A 93 -6.52 -7.92 9.30
N THR A 94 -6.40 -6.71 9.87
CA THR A 94 -5.26 -6.38 10.71
C THR A 94 -3.95 -6.43 9.93
N ARG A 95 -4.06 -6.42 8.60
CA ARG A 95 -2.90 -6.47 7.74
C ARG A 95 -2.02 -7.67 8.08
N SER A 96 -2.62 -8.70 8.64
CA SER A 96 -1.90 -9.90 9.02
C SER A 96 -1.93 -10.93 7.90
N HIS A 97 -1.72 -10.48 6.66
CA HIS A 97 -1.72 -11.35 5.50
C HIS A 97 -0.36 -11.36 4.83
N SER A 98 0.38 -10.28 4.99
CA SER A 98 1.71 -10.17 4.39
C SER A 98 2.35 -8.83 4.75
N GLY A 99 2.62 -8.63 6.04
CA GLY A 99 3.23 -7.40 6.49
C GLY A 99 2.31 -6.59 7.38
N SER A 100 2.74 -6.35 8.62
CA SER A 100 1.94 -5.58 9.57
C SER A 100 2.68 -4.33 10.01
N ASP A 101 3.81 -4.06 9.37
CA ASP A 101 4.62 -2.88 9.69
C ASP A 101 4.93 -2.83 11.18
N PHE A 102 4.90 -3.99 11.83
CA PHE A 102 5.18 -4.08 13.26
C PHE A 102 4.16 -3.28 14.06
N SER A 103 3.01 -3.00 13.44
CA SER A 103 1.95 -2.24 14.09
C SER A 103 2.43 -0.82 14.43
N PHE A 104 2.99 -0.14 13.43
CA PHE A 104 3.49 1.22 13.61
C PHE A 104 2.47 2.24 13.12
N ARG A 105 1.25 2.15 13.64
CA ARG A 105 0.18 3.07 13.25
C ARG A 105 0.65 4.52 13.35
N PRO A 106 -0.06 5.42 12.65
CA PRO A 106 0.26 6.85 12.64
C PRO A 106 -0.02 7.50 13.98
N ILE A 107 0.07 8.83 14.01
CA ILE A 107 -0.19 9.59 15.24
C ILE A 107 -0.90 10.90 14.94
N GLU A 108 -1.74 10.88 13.91
CA GLU A 108 -2.50 12.06 13.51
C GLU A 108 -1.57 13.27 13.35
N GLU A 109 -0.39 13.02 12.79
CA GLU A 109 0.58 14.08 12.57
C GLU A 109 0.10 15.06 11.50
N ALA A 110 -0.71 16.03 11.90
CA ALA A 110 -1.23 17.02 10.98
C ALA A 110 -0.12 17.92 10.43
N GLY A 1 -4.98 -20.08 -4.40
CA GLY A 1 -4.35 -21.35 -4.12
C GLY A 1 -4.38 -21.70 -2.64
N SER A 2 -4.21 -20.68 -1.79
CA SER A 2 -4.21 -20.89 -0.35
C SER A 2 -4.09 -19.56 0.39
N HIS A 3 -3.01 -18.83 0.12
CA HIS A 3 -2.77 -17.56 0.76
C HIS A 3 -2.04 -16.60 -0.19
N MET A 4 -2.81 -15.76 -0.88
CA MET A 4 -2.24 -14.80 -1.83
C MET A 4 -2.82 -13.41 -1.59
N ALA A 5 -4.04 -13.19 -2.07
CA ALA A 5 -4.70 -11.90 -1.92
C ALA A 5 -3.98 -10.81 -2.70
N SER A 6 -3.08 -11.23 -3.60
CA SER A 6 -2.32 -10.29 -4.41
C SER A 6 -3.25 -9.41 -5.24
N ALA A 7 -4.09 -10.05 -6.05
CA ALA A 7 -5.04 -9.33 -6.89
C ALA A 7 -6.01 -8.51 -6.06
N ASP A 8 -6.17 -8.90 -4.79
CA ASP A 8 -7.07 -8.20 -3.89
C ASP A 8 -6.44 -6.90 -3.40
N LEU A 9 -5.15 -6.96 -3.05
CA LEU A 9 -4.43 -5.80 -2.56
C LEU A 9 -4.22 -4.77 -3.68
N VAL A 10 -3.90 -5.26 -4.86
CA VAL A 10 -3.68 -4.39 -6.01
C VAL A 10 -4.97 -3.76 -6.49
N SER A 11 -5.99 -4.59 -6.72
CA SER A 11 -7.28 -4.11 -7.17
C SER A 11 -7.89 -3.14 -6.17
N SER A 12 -7.77 -3.48 -4.88
CA SER A 12 -8.31 -2.65 -3.82
C SER A 12 -7.53 -1.33 -3.70
N CYS A 13 -6.21 -1.43 -3.82
CA CYS A 13 -5.35 -0.25 -3.73
C CYS A 13 -5.65 0.73 -4.86
N LYS A 14 -5.81 0.19 -6.06
CA LYS A 14 -6.10 1.01 -7.23
C LYS A 14 -7.45 1.71 -7.09
N ASP A 15 -8.49 0.91 -6.87
CA ASP A 15 -9.84 1.45 -6.72
C ASP A 15 -9.87 2.57 -5.68
N LYS A 16 -9.31 2.29 -4.50
CA LYS A 16 -9.27 3.28 -3.43
C LYS A 16 -8.40 4.47 -3.82
N LEU A 17 -7.19 4.19 -4.25
CA LEU A 17 -6.26 5.25 -4.66
C LEU A 17 -6.91 6.19 -5.67
N ALA A 18 -7.62 5.60 -6.64
CA ALA A 18 -8.29 6.39 -7.67
C ALA A 18 -9.46 7.17 -7.07
N TYR A 19 -10.13 6.59 -6.08
CA TYR A 19 -11.26 7.23 -5.44
C TYR A 19 -10.79 8.25 -4.41
N PHE A 20 -9.50 8.21 -4.08
CA PHE A 20 -8.93 9.13 -3.11
C PHE A 20 -8.24 10.30 -3.81
N ARG A 21 -8.37 10.35 -5.13
CA ARG A 21 -7.76 11.41 -5.92
C ARG A 21 -6.23 11.34 -5.83
N ILE A 22 -5.57 12.40 -6.30
CA ILE A 22 -4.11 12.45 -6.27
C ILE A 22 -3.59 12.46 -4.84
N LYS A 23 -4.43 12.92 -3.92
CA LYS A 23 -4.05 12.98 -2.51
C LYS A 23 -3.41 11.68 -2.06
N GLU A 24 -4.05 10.56 -2.37
CA GLU A 24 -3.54 9.25 -2.00
C GLU A 24 -2.13 9.04 -2.56
N LEU A 25 -1.98 9.23 -3.86
CA LEU A 25 -0.69 9.07 -4.52
C LEU A 25 0.36 9.99 -3.90
N LYS A 26 -0.05 11.21 -3.58
CA LYS A 26 0.85 12.19 -2.97
C LYS A 26 1.46 11.65 -1.68
N ASP A 27 0.61 11.07 -0.84
CA ASP A 27 1.06 10.51 0.43
C ASP A 27 2.03 9.36 0.20
N ILE A 28 1.73 8.51 -0.78
CA ILE A 28 2.58 7.37 -1.09
C ILE A 28 3.95 7.82 -1.56
N LEU A 29 3.98 8.63 -2.61
CA LEU A 29 5.22 9.14 -3.16
C LEU A 29 6.00 9.93 -2.11
N ASN A 30 5.27 10.59 -1.22
CA ASN A 30 5.89 11.39 -0.15
C ASN A 30 6.68 10.49 0.79
N GLN A 31 6.08 9.36 1.16
CA GLN A 31 6.73 8.42 2.07
C GLN A 31 7.93 7.76 1.40
N LEU A 32 7.80 7.45 0.12
CA LEU A 32 8.88 6.82 -0.64
C LEU A 32 10.06 7.77 -0.80
N GLY A 33 9.77 9.07 -0.91
CA GLY A 33 10.82 10.05 -1.06
C GLY A 33 11.19 10.27 -2.51
N LEU A 34 10.19 10.29 -3.38
CA LEU A 34 10.43 10.50 -4.81
C LEU A 34 9.51 11.59 -5.35
N PRO A 35 9.65 12.81 -4.80
CA PRO A 35 8.85 13.96 -5.22
C PRO A 35 9.23 14.45 -6.61
N LYS A 36 8.76 13.74 -7.63
CA LYS A 36 9.05 14.10 -9.01
C LYS A 36 8.34 13.16 -9.98
N GLN A 37 7.03 13.04 -9.84
CA GLN A 37 6.23 12.18 -10.70
C GLN A 37 5.54 12.99 -11.79
N GLY A 38 4.68 12.32 -12.57
CA GLY A 38 3.97 12.99 -13.63
C GLY A 38 2.54 13.33 -13.24
N LYS A 39 1.58 12.86 -14.04
CA LYS A 39 0.18 13.12 -13.78
C LYS A 39 -0.46 11.93 -13.07
N LYS A 40 -1.78 12.00 -12.90
CA LYS A 40 -2.53 10.93 -12.24
C LYS A 40 -2.13 9.57 -12.80
N GLN A 41 -1.78 9.53 -14.08
CA GLN A 41 -1.38 8.30 -14.73
C GLN A 41 -0.02 7.84 -14.23
N ASP A 42 0.96 8.74 -14.29
CA ASP A 42 2.31 8.43 -13.85
C ASP A 42 2.31 7.95 -12.40
N LEU A 43 1.65 8.72 -11.53
CA LEU A 43 1.57 8.39 -10.12
C LEU A 43 0.93 7.01 -9.91
N ILE A 44 -0.27 6.85 -10.45
CA ILE A 44 -0.99 5.58 -10.34
C ILE A 44 -0.12 4.41 -10.75
N ASP A 45 0.49 4.51 -11.93
CA ASP A 45 1.36 3.45 -12.43
C ASP A 45 2.50 3.18 -11.46
N ARG A 46 2.95 4.23 -10.77
CA ARG A 46 4.04 4.11 -9.81
C ARG A 46 3.63 3.24 -8.63
N VAL A 47 2.51 3.58 -8.02
CA VAL A 47 2.00 2.84 -6.86
C VAL A 47 1.87 1.36 -7.19
N LEU A 48 1.17 1.05 -8.27
CA LEU A 48 0.98 -0.34 -8.69
C LEU A 48 2.32 -1.01 -8.99
N ALA A 49 3.25 -0.25 -9.55
CA ALA A 49 4.57 -0.76 -9.87
C ALA A 49 5.32 -1.19 -8.62
N LEU A 50 5.02 -0.52 -7.50
CA LEU A 50 5.67 -0.84 -6.23
C LEU A 50 5.11 -2.13 -5.63
N LEU A 51 3.78 -2.20 -5.55
CA LEU A 51 3.11 -3.37 -5.01
C LEU A 51 3.15 -4.53 -5.99
N THR A 52 3.57 -4.25 -7.22
CA THR A 52 3.66 -5.27 -8.26
C THR A 52 5.11 -5.63 -8.56
N ASP A 53 5.82 -4.71 -9.18
CA ASP A 53 7.23 -4.92 -9.53
C ASP A 53 8.10 -4.96 -8.27
N GLU A 54 7.52 -4.55 -7.14
CA GLU A 54 8.23 -4.55 -5.88
C GLU A 54 7.42 -5.24 -4.79
N GLN A 55 6.52 -6.11 -5.20
CA GLN A 55 5.68 -6.85 -4.26
C GLN A 55 6.52 -7.66 -3.29
N GLY A 56 7.78 -7.87 -3.64
CA GLY A 56 8.68 -8.63 -2.80
C GLY A 56 9.51 -7.76 -1.88
N GLN A 57 8.94 -6.62 -1.48
CA GLN A 57 9.63 -5.70 -0.60
C GLN A 57 9.25 -5.96 0.86
N ARG A 58 8.77 -7.16 1.13
CA ARG A 58 8.37 -7.53 2.48
C ARG A 58 9.58 -7.96 3.32
N HIS A 59 10.72 -8.14 2.65
CA HIS A 59 11.94 -8.55 3.32
C HIS A 59 12.49 -7.42 4.18
N HIS A 60 13.23 -7.79 5.23
CA HIS A 60 13.81 -6.81 6.14
C HIS A 60 14.60 -5.75 5.37
N GLY A 61 14.90 -4.64 6.03
CA GLY A 61 15.64 -3.58 5.40
C GLY A 61 14.78 -2.35 5.12
N TRP A 62 14.02 -1.94 6.13
CA TRP A 62 13.15 -0.77 5.99
C TRP A 62 13.60 0.36 6.91
N GLY A 63 13.38 0.18 8.20
CA GLY A 63 13.76 1.20 9.17
C GLY A 63 12.69 2.24 9.39
N ARG A 64 12.14 2.76 8.30
CA ARG A 64 11.09 3.77 8.37
C ARG A 64 9.71 3.12 8.29
N LYS A 65 9.59 1.91 8.82
CA LYS A 65 8.32 1.19 8.80
C LYS A 65 7.93 0.82 7.38
N ASN A 66 8.93 0.50 6.55
CA ASN A 66 8.68 0.12 5.17
C ASN A 66 7.48 0.87 4.60
N SER A 67 7.48 2.18 4.76
CA SER A 67 6.39 3.01 4.26
C SER A 67 6.49 3.21 2.76
N LEU A 68 6.75 2.13 2.04
CA LEU A 68 6.87 2.18 0.59
C LEU A 68 6.47 0.85 -0.04
N THR A 69 5.76 0.02 0.72
CA THR A 69 5.31 -1.27 0.24
C THR A 69 3.79 -1.40 0.34
N LYS A 70 3.28 -2.57 -0.05
CA LYS A 70 1.84 -2.81 -0.01
C LYS A 70 1.27 -2.45 1.36
N GLU A 71 2.07 -2.65 2.40
CA GLU A 71 1.64 -2.34 3.76
C GLU A 71 1.36 -0.85 3.92
N ALA A 72 2.28 -0.02 3.44
CA ALA A 72 2.13 1.43 3.53
C ALA A 72 0.91 1.89 2.74
N VAL A 73 0.84 1.50 1.47
CA VAL A 73 -0.28 1.88 0.61
C VAL A 73 -1.61 1.49 1.24
N ALA A 74 -1.68 0.29 1.80
CA ALA A 74 -2.88 -0.20 2.43
C ALA A 74 -3.18 0.55 3.73
N LYS A 75 -2.11 1.01 4.38
CA LYS A 75 -2.25 1.76 5.63
C LYS A 75 -2.97 3.09 5.41
N ILE A 76 -2.53 3.82 4.39
CA ILE A 76 -3.14 5.10 4.06
C ILE A 76 -4.53 4.92 3.48
N VAL A 77 -4.70 3.90 2.65
CA VAL A 77 -5.99 3.62 2.02
C VAL A 77 -7.04 3.30 3.08
N ASP A 78 -6.65 2.54 4.09
CA ASP A 78 -7.57 2.16 5.16
C ASP A 78 -7.89 3.36 6.04
N ASP A 79 -6.85 4.07 6.48
CA ASP A 79 -7.02 5.23 7.33
C ASP A 79 -7.81 6.32 6.62
N THR A 80 -7.51 6.52 5.34
CA THR A 80 -8.19 7.53 4.54
C THR A 80 -9.68 7.20 4.41
N TYR A 81 -9.99 5.96 4.08
CA TYR A 81 -11.37 5.53 3.91
C TYR A 81 -12.11 5.61 5.25
N ARG A 82 -11.53 5.02 6.29
CA ARG A 82 -12.15 5.02 7.61
C ARG A 82 -12.47 6.45 8.05
N LYS A 83 -11.54 7.36 7.81
CA LYS A 83 -11.73 8.76 8.19
C LYS A 83 -12.67 9.46 7.21
N MET A 84 -12.72 8.96 5.98
CA MET A 84 -13.57 9.54 4.95
C MET A 84 -15.05 9.40 5.32
N GLN A 85 -15.49 8.17 5.54
CA GLN A 85 -16.87 7.90 5.90
C GLN A 85 -17.05 6.46 6.35
N ILE A 86 -15.97 5.85 6.81
CA ILE A 86 -16.01 4.47 7.26
C ILE A 86 -16.72 3.57 6.26
N GLN A 87 -16.61 3.93 4.98
CA GLN A 87 -17.24 3.16 3.92
C GLN A 87 -16.33 2.03 3.45
N CYS A 88 -16.88 1.11 2.66
CA CYS A 88 -16.12 -0.02 2.16
C CYS A 88 -15.73 -0.97 3.28
N ALA A 89 -14.71 -0.59 4.04
CA ALA A 89 -14.23 -1.41 5.15
C ALA A 89 -14.03 -2.86 4.71
N PRO A 90 -13.06 -3.08 3.82
CA PRO A 90 -12.75 -4.43 3.31
C PRO A 90 -12.11 -5.32 4.37
N ASP A 91 -11.80 -4.74 5.52
CA ASP A 91 -11.19 -5.48 6.62
C ASP A 91 -9.81 -5.99 6.22
N LEU A 92 -8.83 -5.10 6.17
CA LEU A 92 -7.47 -5.46 5.81
C LEU A 92 -6.96 -6.59 6.69
N ALA A 93 -7.54 -6.71 7.88
CA ALA A 93 -7.14 -7.75 8.82
C ALA A 93 -5.70 -7.55 9.28
N THR A 94 -5.23 -6.31 9.23
CA THR A 94 -3.87 -5.99 9.63
C THR A 94 -2.85 -6.79 8.83
N ARG A 95 -3.26 -7.25 7.65
CA ARG A 95 -2.38 -8.02 6.79
C ARG A 95 -1.83 -9.25 7.52
N SER A 96 -2.54 -9.69 8.55
CA SER A 96 -2.12 -10.84 9.34
C SER A 96 -2.84 -12.10 8.88
N HIS A 97 -2.25 -12.78 7.90
CA HIS A 97 -2.84 -14.01 7.36
C HIS A 97 -1.89 -14.66 6.35
N SER A 98 -0.59 -14.51 6.58
CA SER A 98 0.40 -15.08 5.69
C SER A 98 1.81 -14.83 6.21
N GLY A 99 2.70 -15.79 6.00
CA GLY A 99 4.06 -15.66 6.47
C GLY A 99 5.02 -15.24 5.36
N SER A 100 5.93 -16.14 4.99
CA SER A 100 6.90 -15.86 3.95
C SER A 100 7.91 -14.81 4.40
N ASP A 101 7.89 -14.50 5.69
CA ASP A 101 8.79 -13.50 6.26
C ASP A 101 9.67 -14.12 7.34
N PHE A 102 9.44 -15.40 7.62
CA PHE A 102 10.20 -16.11 8.64
C PHE A 102 11.23 -17.05 8.00
N SER A 103 11.38 -16.94 6.69
CA SER A 103 12.32 -17.78 5.96
C SER A 103 12.54 -17.24 4.55
N PHE A 104 12.71 -15.93 4.44
CA PHE A 104 12.92 -15.29 3.14
C PHE A 104 14.33 -15.58 2.62
N ARG A 105 14.52 -16.78 2.08
CA ARG A 105 15.81 -17.18 1.55
C ARG A 105 16.36 -16.13 0.59
N PRO A 106 17.66 -15.83 0.73
CA PRO A 106 18.33 -14.83 -0.12
C PRO A 106 18.49 -15.31 -1.55
N ILE A 107 19.23 -14.54 -2.35
CA ILE A 107 19.46 -14.89 -3.75
C ILE A 107 20.89 -14.55 -4.17
N GLU A 108 21.83 -14.70 -3.24
CA GLU A 108 23.23 -14.41 -3.51
C GLU A 108 23.69 -15.14 -4.78
N GLU A 109 23.10 -16.30 -5.03
CA GLU A 109 23.47 -17.09 -6.20
C GLU A 109 24.94 -17.47 -6.18
N ALA A 110 25.45 -17.76 -4.99
CA ALA A 110 26.85 -18.15 -4.82
C ALA A 110 26.99 -19.66 -4.68
N GLY A 1 2.16 -14.91 0.31
CA GLY A 1 0.99 -14.93 1.18
C GLY A 1 0.03 -16.04 0.84
N SER A 2 -0.41 -16.77 1.86
CA SER A 2 -1.34 -17.88 1.67
C SER A 2 -2.56 -17.43 0.86
N HIS A 3 -3.45 -16.68 1.51
CA HIS A 3 -4.65 -16.18 0.86
C HIS A 3 -4.45 -14.76 0.34
N MET A 4 -3.29 -14.52 -0.26
CA MET A 4 -2.98 -13.20 -0.80
C MET A 4 -2.02 -13.30 -1.97
N ALA A 5 -2.58 -13.44 -3.18
CA ALA A 5 -1.78 -13.56 -4.39
C ALA A 5 -1.46 -12.18 -4.96
N SER A 6 -1.61 -11.15 -4.14
CA SER A 6 -1.34 -9.78 -4.57
C SER A 6 -2.49 -9.24 -5.43
N ALA A 7 -3.43 -10.12 -5.75
CA ALA A 7 -4.58 -9.73 -6.56
C ALA A 7 -5.56 -8.88 -5.76
N ASP A 8 -5.67 -9.17 -4.47
CA ASP A 8 -6.56 -8.44 -3.59
C ASP A 8 -5.94 -7.12 -3.16
N LEU A 9 -4.63 -7.14 -2.93
CA LEU A 9 -3.91 -5.94 -2.50
C LEU A 9 -3.84 -4.93 -3.63
N VAL A 10 -3.59 -5.41 -4.85
CA VAL A 10 -3.49 -4.55 -6.01
C VAL A 10 -4.86 -4.03 -6.43
N SER A 11 -5.81 -4.94 -6.58
CA SER A 11 -7.17 -4.59 -6.97
C SER A 11 -7.79 -3.62 -5.96
N SER A 12 -7.53 -3.86 -4.69
CA SER A 12 -8.06 -3.02 -3.63
C SER A 12 -7.37 -1.65 -3.60
N CYS A 13 -6.04 -1.68 -3.57
CA CYS A 13 -5.25 -0.46 -3.56
C CYS A 13 -5.54 0.40 -4.77
N LYS A 14 -5.68 -0.25 -5.94
CA LYS A 14 -5.97 0.45 -7.17
C LYS A 14 -7.35 1.10 -7.13
N ASP A 15 -8.37 0.29 -6.84
CA ASP A 15 -9.73 0.79 -6.77
C ASP A 15 -9.82 2.01 -5.84
N LYS A 16 -9.21 1.89 -4.67
CA LYS A 16 -9.21 2.99 -3.70
C LYS A 16 -8.39 4.16 -4.20
N LEU A 17 -7.13 3.90 -4.52
CA LEU A 17 -6.22 4.95 -5.01
C LEU A 17 -6.87 5.72 -6.16
N ALA A 18 -7.54 5.00 -7.06
CA ALA A 18 -8.21 5.62 -8.20
C ALA A 18 -9.39 6.46 -7.75
N TYR A 19 -10.16 5.92 -6.80
CA TYR A 19 -11.33 6.62 -6.29
C TYR A 19 -10.93 7.75 -5.34
N PHE A 20 -9.66 7.75 -4.95
CA PHE A 20 -9.15 8.77 -4.06
C PHE A 20 -8.44 9.88 -4.83
N ARG A 21 -8.70 11.12 -4.45
CA ARG A 21 -8.09 12.27 -5.11
C ARG A 21 -6.57 12.18 -5.06
N ILE A 22 -5.91 13.18 -5.62
CA ILE A 22 -4.45 13.21 -5.64
C ILE A 22 -3.88 13.04 -4.25
N LYS A 23 -4.67 13.38 -3.24
CA LYS A 23 -4.25 13.26 -1.85
C LYS A 23 -3.60 11.90 -1.59
N GLU A 24 -4.27 10.84 -2.02
CA GLU A 24 -3.76 9.48 -1.83
C GLU A 24 -2.38 9.34 -2.47
N LEU A 25 -2.29 9.63 -3.75
CA LEU A 25 -1.02 9.54 -4.48
C LEU A 25 0.04 10.43 -3.84
N LYS A 26 -0.39 11.56 -3.29
CA LYS A 26 0.52 12.49 -2.64
C LYS A 26 1.22 11.83 -1.46
N ASP A 27 0.45 11.16 -0.61
CA ASP A 27 1.00 10.49 0.56
C ASP A 27 1.95 9.37 0.14
N ILE A 28 1.58 8.63 -0.89
CA ILE A 28 2.40 7.54 -1.39
C ILE A 28 3.71 8.06 -1.97
N LEU A 29 3.60 8.93 -2.96
CA LEU A 29 4.78 9.51 -3.61
C LEU A 29 5.63 10.27 -2.60
N ASN A 30 5.00 10.76 -1.54
CA ASN A 30 5.71 11.50 -0.50
C ASN A 30 6.61 10.58 0.31
N GLN A 31 6.05 9.45 0.74
CA GLN A 31 6.80 8.48 1.53
C GLN A 31 7.87 7.79 0.68
N LEU A 32 7.61 7.70 -0.63
CA LEU A 32 8.55 7.07 -1.54
C LEU A 32 9.81 7.92 -1.71
N GLY A 33 9.76 9.15 -1.19
CA GLY A 33 10.91 10.03 -1.29
C GLY A 33 10.67 11.17 -2.26
N LEU A 34 9.43 11.34 -2.69
CA LEU A 34 9.08 12.40 -3.62
C LEU A 34 9.94 12.33 -4.88
N PRO A 35 9.42 11.68 -5.92
CA PRO A 35 10.12 11.53 -7.20
C PRO A 35 10.24 12.84 -7.95
N LYS A 36 11.19 12.91 -8.88
CA LYS A 36 11.41 14.11 -9.68
C LYS A 36 10.09 14.63 -10.23
N GLN A 37 9.18 13.73 -10.54
CA GLN A 37 7.88 14.11 -11.08
C GLN A 37 6.89 12.94 -10.99
N GLY A 38 5.69 13.15 -11.54
CA GLY A 38 4.68 12.10 -11.51
C GLY A 38 3.28 12.67 -11.30
N LYS A 39 2.55 12.83 -12.40
CA LYS A 39 1.19 13.35 -12.34
C LYS A 39 0.23 12.31 -11.77
N LYS A 40 -1.06 12.65 -11.77
CA LYS A 40 -2.08 11.74 -11.26
C LYS A 40 -1.94 10.36 -11.88
N GLN A 41 -1.74 10.32 -13.19
CA GLN A 41 -1.59 9.07 -13.91
C GLN A 41 -0.25 8.40 -13.58
N ASP A 42 0.83 9.15 -13.71
CA ASP A 42 2.17 8.64 -13.44
C ASP A 42 2.21 8.01 -12.05
N LEU A 43 1.69 8.72 -11.05
CA LEU A 43 1.68 8.22 -9.68
C LEU A 43 0.86 6.94 -9.58
N ILE A 44 -0.36 6.98 -10.08
CA ILE A 44 -1.25 5.82 -10.05
C ILE A 44 -0.54 4.58 -10.59
N ASP A 45 0.03 4.71 -11.77
CA ASP A 45 0.74 3.59 -12.40
C ASP A 45 1.94 3.17 -11.57
N ARG A 46 2.57 4.13 -10.91
CA ARG A 46 3.73 3.86 -10.07
C ARG A 46 3.34 3.01 -8.87
N VAL A 47 2.23 3.37 -8.23
CA VAL A 47 1.75 2.65 -7.06
C VAL A 47 1.42 1.19 -7.41
N LEU A 48 0.54 1.01 -8.37
CA LEU A 48 0.13 -0.33 -8.80
C LEU A 48 1.36 -1.17 -9.16
N ALA A 49 2.32 -0.54 -9.84
CA ALA A 49 3.54 -1.22 -10.24
C ALA A 49 4.41 -1.57 -9.02
N LEU A 50 4.28 -0.77 -7.98
CA LEU A 50 5.06 -0.99 -6.75
C LEU A 50 4.45 -2.13 -5.92
N LEU A 51 3.14 -2.12 -5.80
CA LEU A 51 2.44 -3.16 -5.04
C LEU A 51 2.32 -4.44 -5.85
N THR A 52 2.57 -4.34 -7.15
CA THR A 52 2.50 -5.50 -8.04
C THR A 52 3.89 -6.01 -8.40
N ASP A 53 4.63 -5.20 -9.15
CA ASP A 53 5.98 -5.57 -9.57
C ASP A 53 6.94 -5.52 -8.39
N GLU A 54 6.49 -4.92 -7.29
CA GLU A 54 7.32 -4.81 -6.10
C GLU A 54 6.54 -5.23 -4.85
N GLN A 55 5.55 -6.09 -5.05
CA GLN A 55 4.72 -6.58 -3.95
C GLN A 55 5.59 -7.10 -2.81
N GLY A 56 6.81 -7.50 -3.13
CA GLY A 56 7.73 -8.01 -2.12
C GLY A 56 7.27 -9.34 -1.55
N GLN A 57 6.86 -10.25 -2.43
CA GLN A 57 6.40 -11.57 -2.00
C GLN A 57 7.45 -12.26 -1.15
N ARG A 58 8.71 -11.89 -1.34
CA ARG A 58 9.81 -12.48 -0.59
C ARG A 58 11.12 -11.74 -0.87
N HIS A 59 11.20 -10.50 -0.39
CA HIS A 59 12.39 -9.69 -0.58
C HIS A 59 12.24 -8.32 0.07
N HIS A 60 11.06 -7.72 -0.09
CA HIS A 60 10.78 -6.41 0.48
C HIS A 60 9.31 -6.31 0.89
N GLY A 61 8.95 -6.99 1.96
CA GLY A 61 7.57 -6.96 2.44
C GLY A 61 7.47 -6.50 3.88
N TRP A 62 7.85 -5.25 4.13
CA TRP A 62 7.79 -4.69 5.48
C TRP A 62 6.84 -3.50 5.54
N GLY A 63 7.24 -2.40 4.91
CA GLY A 63 6.40 -1.21 4.91
C GLY A 63 6.74 -0.27 6.04
N ARG A 64 7.09 -0.83 7.21
CA ARG A 64 7.42 -0.04 8.38
C ARG A 64 8.90 0.35 8.37
N LYS A 65 9.56 0.11 7.24
CA LYS A 65 10.97 0.43 7.10
C LYS A 65 11.16 1.83 6.52
N ASN A 66 10.28 2.22 5.61
CA ASN A 66 10.35 3.53 4.99
C ASN A 66 9.00 3.91 4.38
N SER A 67 7.95 3.27 4.85
CA SER A 67 6.60 3.54 4.35
C SER A 67 6.59 3.62 2.83
N LEU A 68 7.28 2.69 2.19
CA LEU A 68 7.36 2.66 0.73
C LEU A 68 6.96 1.28 0.20
N THR A 69 6.47 0.43 1.08
CA THR A 69 6.05 -0.92 0.71
C THR A 69 4.53 -1.04 0.72
N LYS A 70 4.04 -2.23 0.37
CA LYS A 70 2.60 -2.48 0.34
C LYS A 70 1.94 -2.05 1.65
N GLU A 71 2.56 -2.44 2.76
CA GLU A 71 2.03 -2.10 4.08
C GLU A 71 1.77 -0.60 4.19
N ALA A 72 2.69 0.20 3.65
CA ALA A 72 2.56 1.65 3.69
C ALA A 72 1.39 2.12 2.83
N VAL A 73 1.40 1.71 1.56
CA VAL A 73 0.34 2.08 0.63
C VAL A 73 -1.03 1.73 1.19
N ALA A 74 -1.17 0.51 1.70
CA ALA A 74 -2.43 0.05 2.27
C ALA A 74 -2.73 0.77 3.58
N LYS A 75 -1.69 1.18 4.27
CA LYS A 75 -1.85 1.89 5.55
C LYS A 75 -2.54 3.23 5.34
N ILE A 76 -2.03 4.03 4.40
CA ILE A 76 -2.60 5.33 4.11
C ILE A 76 -3.99 5.19 3.49
N VAL A 77 -4.08 4.40 2.42
CA VAL A 77 -5.35 4.18 1.74
C VAL A 77 -6.42 3.72 2.71
N ASP A 78 -6.03 2.84 3.65
CA ASP A 78 -6.96 2.31 4.63
C ASP A 78 -7.48 3.43 5.54
N ASP A 79 -6.56 4.23 6.06
CA ASP A 79 -6.93 5.34 6.94
C ASP A 79 -7.90 6.29 6.25
N THR A 80 -7.63 6.59 4.99
CA THR A 80 -8.48 7.49 4.21
C THR A 80 -9.89 6.94 4.09
N TYR A 81 -10.00 5.69 3.65
CA TYR A 81 -11.30 5.05 3.49
C TYR A 81 -12.01 4.92 4.83
N ARG A 82 -11.29 4.45 5.85
CA ARG A 82 -11.85 4.29 7.17
C ARG A 82 -12.50 5.58 7.66
N LYS A 83 -11.82 6.70 7.42
CA LYS A 83 -12.33 8.00 7.83
C LYS A 83 -13.40 8.51 6.86
N MET A 84 -13.32 8.04 5.63
CA MET A 84 -14.29 8.44 4.60
C MET A 84 -15.69 7.96 4.96
N GLN A 85 -15.83 6.66 5.16
CA GLN A 85 -17.12 6.07 5.50
C GLN A 85 -16.99 4.58 5.80
N ILE A 86 -15.80 4.17 6.22
CA ILE A 86 -15.53 2.78 6.54
C ILE A 86 -16.03 1.86 5.42
N GLN A 87 -16.02 2.37 4.20
CA GLN A 87 -16.48 1.60 3.05
C GLN A 87 -15.31 0.80 2.44
N CYS A 88 -15.64 -0.30 1.79
CA CYS A 88 -14.63 -1.15 1.17
C CYS A 88 -13.51 -1.48 2.16
N ALA A 89 -13.90 -1.80 3.39
CA ALA A 89 -12.93 -2.14 4.42
C ALA A 89 -13.01 -3.62 4.79
N PRO A 90 -12.52 -4.49 3.89
CA PRO A 90 -12.52 -5.94 4.11
C PRO A 90 -11.57 -6.37 5.22
N ASP A 91 -10.80 -5.42 5.73
CA ASP A 91 -9.84 -5.70 6.79
C ASP A 91 -8.71 -6.60 6.28
N LEU A 92 -7.72 -5.99 5.64
CA LEU A 92 -6.59 -6.74 5.10
C LEU A 92 -5.97 -7.63 6.17
N ALA A 93 -6.16 -7.25 7.44
CA ALA A 93 -5.62 -8.01 8.55
C ALA A 93 -4.09 -7.98 8.56
N THR A 94 -3.53 -6.87 8.09
CA THR A 94 -2.08 -6.71 8.04
C THR A 94 -1.43 -7.87 7.31
N ARG A 95 -2.17 -8.48 6.39
CA ARG A 95 -1.65 -9.60 5.62
C ARG A 95 -1.25 -10.76 6.54
N SER A 96 -1.82 -10.78 7.73
CA SER A 96 -1.51 -11.81 8.71
C SER A 96 -2.53 -12.95 8.63
N HIS A 97 -2.22 -13.95 7.81
CA HIS A 97 -3.11 -15.10 7.65
C HIS A 97 -2.32 -16.39 7.59
N SER A 98 -1.24 -16.46 8.37
CA SER A 98 -0.39 -17.64 8.40
C SER A 98 0.26 -17.89 7.05
N GLY A 99 1.32 -17.15 6.77
CA GLY A 99 2.02 -17.30 5.50
C GLY A 99 3.38 -17.92 5.65
N SER A 100 4.42 -17.09 5.67
CA SER A 100 5.79 -17.56 5.82
C SER A 100 6.78 -16.40 5.81
N ASP A 101 6.32 -15.25 6.27
CA ASP A 101 7.15 -14.05 6.33
C ASP A 101 7.18 -13.47 7.74
N PHE A 102 6.38 -14.04 8.62
CA PHE A 102 6.30 -13.57 10.00
C PHE A 102 7.04 -14.52 10.94
N SER A 103 7.83 -15.41 10.36
CA SER A 103 8.60 -16.37 11.14
C SER A 103 10.04 -15.93 11.30
N PHE A 104 10.28 -15.01 12.22
CA PHE A 104 11.62 -14.49 12.47
C PHE A 104 12.26 -14.00 11.18
N ARG A 105 11.53 -13.19 10.43
CA ARG A 105 12.01 -12.65 9.17
C ARG A 105 13.41 -12.06 9.34
N PRO A 106 14.42 -12.76 8.79
CA PRO A 106 15.82 -12.31 8.87
C PRO A 106 16.08 -11.07 8.02
N ILE A 107 16.02 -9.91 8.66
CA ILE A 107 16.25 -8.65 7.95
C ILE A 107 17.01 -7.67 8.84
N GLU A 108 17.87 -8.19 9.69
CA GLU A 108 18.67 -7.36 10.60
C GLU A 108 17.77 -6.39 11.37
N GLU A 109 16.60 -6.88 11.78
CA GLU A 109 15.66 -6.06 12.53
C GLU A 109 16.19 -5.76 13.92
N ALA A 110 17.01 -4.72 14.03
CA ALA A 110 17.59 -4.32 15.31
C ALA A 110 16.71 -3.28 16.00
N GLY A 1 -3.20 -10.23 -11.01
CA GLY A 1 -3.98 -10.68 -12.14
C GLY A 1 -5.44 -10.90 -11.78
N SER A 2 -5.68 -11.47 -10.60
CA SER A 2 -7.04 -11.74 -10.15
C SER A 2 -7.05 -12.13 -8.67
N HIS A 3 -6.12 -13.00 -8.29
CA HIS A 3 -6.02 -13.45 -6.91
C HIS A 3 -4.82 -14.38 -6.72
N MET A 4 -3.70 -13.81 -6.32
CA MET A 4 -2.48 -14.59 -6.12
C MET A 4 -1.59 -13.93 -5.05
N ALA A 5 -2.11 -13.83 -3.84
CA ALA A 5 -1.37 -13.22 -2.74
C ALA A 5 -0.74 -11.90 -3.16
N SER A 6 -1.51 -11.09 -3.88
CA SER A 6 -1.04 -9.79 -4.35
C SER A 6 -2.10 -9.10 -5.20
N ALA A 7 -2.94 -9.88 -5.85
CA ALA A 7 -4.01 -9.34 -6.69
C ALA A 7 -5.05 -8.62 -5.84
N ASP A 8 -5.15 -9.01 -4.58
CA ASP A 8 -6.11 -8.39 -3.67
C ASP A 8 -5.62 -7.03 -3.19
N LEU A 9 -4.34 -6.96 -2.86
CA LEU A 9 -3.73 -5.71 -2.38
C LEU A 9 -3.62 -4.70 -3.52
N VAL A 10 -3.27 -5.18 -4.71
CA VAL A 10 -3.14 -4.32 -5.87
C VAL A 10 -4.50 -3.81 -6.34
N SER A 11 -5.43 -4.74 -6.55
CA SER A 11 -6.77 -4.39 -7.00
C SER A 11 -7.46 -3.47 -6.00
N SER A 12 -7.27 -3.76 -4.72
CA SER A 12 -7.88 -2.96 -3.65
C SER A 12 -7.23 -1.58 -3.58
N CYS A 13 -5.91 -1.55 -3.58
CA CYS A 13 -5.17 -0.29 -3.50
C CYS A 13 -5.50 0.59 -4.70
N LYS A 14 -5.57 -0.01 -5.88
CA LYS A 14 -5.88 0.73 -7.10
C LYS A 14 -7.30 1.32 -7.04
N ASP A 15 -8.28 0.45 -6.78
CA ASP A 15 -9.67 0.89 -6.70
C ASP A 15 -9.81 2.09 -5.76
N LYS A 16 -9.24 1.95 -4.56
CA LYS A 16 -9.31 3.01 -3.56
C LYS A 16 -8.51 4.23 -4.02
N LEU A 17 -7.23 4.02 -4.31
CA LEU A 17 -6.35 5.10 -4.76
C LEU A 17 -7.00 5.89 -5.88
N ALA A 18 -7.63 5.19 -6.83
CA ALA A 18 -8.30 5.83 -7.94
C ALA A 18 -9.54 6.59 -7.49
N TYR A 19 -10.28 5.99 -6.55
CA TYR A 19 -11.49 6.60 -6.02
C TYR A 19 -11.16 7.73 -5.05
N PHE A 20 -9.89 7.81 -4.66
CA PHE A 20 -9.44 8.84 -3.73
C PHE A 20 -8.71 9.96 -4.47
N ARG A 21 -9.04 11.21 -4.12
CA ARG A 21 -8.42 12.36 -4.75
C ARG A 21 -6.89 12.25 -4.71
N ILE A 22 -6.22 13.18 -5.38
CA ILE A 22 -4.77 13.19 -5.42
C ILE A 22 -4.18 13.10 -4.02
N LYS A 23 -4.96 13.54 -3.02
CA LYS A 23 -4.51 13.50 -1.64
C LYS A 23 -3.90 12.15 -1.29
N GLU A 24 -4.64 11.08 -1.59
CA GLU A 24 -4.18 9.73 -1.32
C GLU A 24 -2.82 9.47 -1.97
N LEU A 25 -2.74 9.71 -3.28
CA LEU A 25 -1.50 9.50 -4.03
C LEU A 25 -0.39 10.39 -3.49
N LYS A 26 -0.77 11.57 -2.99
CA LYS A 26 0.18 12.52 -2.43
C LYS A 26 0.94 11.91 -1.25
N ASP A 27 0.19 11.31 -0.33
CA ASP A 27 0.77 10.69 0.85
C ASP A 27 1.66 9.51 0.45
N ILE A 28 1.17 8.71 -0.49
CA ILE A 28 1.92 7.54 -0.94
C ILE A 28 3.23 7.96 -1.61
N LEU A 29 3.14 8.79 -2.64
CA LEU A 29 4.32 9.26 -3.35
C LEU A 29 5.26 10.00 -2.41
N ASN A 30 4.68 10.67 -1.42
CA ASN A 30 5.48 11.42 -0.45
C ASN A 30 6.39 10.50 0.35
N GLN A 31 5.84 9.36 0.77
CA GLN A 31 6.60 8.39 1.55
C GLN A 31 7.64 7.70 0.68
N LEU A 32 7.30 7.48 -0.59
CA LEU A 32 8.21 6.83 -1.53
C LEU A 32 9.42 7.72 -1.83
N GLY A 33 9.27 9.00 -1.54
CA GLY A 33 10.36 9.93 -1.78
C GLY A 33 10.08 10.86 -2.96
N LEU A 34 8.88 10.76 -3.51
CA LEU A 34 8.49 11.59 -4.65
C LEU A 34 9.41 11.36 -5.84
N PRO A 35 8.85 10.77 -6.91
CA PRO A 35 9.60 10.48 -8.13
C PRO A 35 9.98 11.74 -8.90
N LYS A 36 10.44 11.57 -10.13
CA LYS A 36 10.83 12.70 -10.97
C LYS A 36 9.62 13.50 -11.41
N GLN A 37 8.44 12.89 -11.28
CA GLN A 37 7.20 13.55 -11.67
C GLN A 37 6.19 13.52 -10.53
N GLY A 38 4.98 14.00 -10.81
CA GLY A 38 3.94 14.03 -9.80
C GLY A 38 2.55 14.05 -10.40
N LYS A 39 2.44 13.65 -11.65
CA LYS A 39 1.16 13.62 -12.34
C LYS A 39 0.36 12.38 -11.95
N LYS A 40 -0.97 12.51 -11.99
CA LYS A 40 -1.85 11.39 -11.65
C LYS A 40 -1.42 10.11 -12.36
N GLN A 41 -0.81 10.27 -13.53
CA GLN A 41 -0.35 9.12 -14.31
C GLN A 41 0.86 8.46 -13.65
N ASP A 42 1.79 9.28 -13.20
CA ASP A 42 3.00 8.78 -12.55
C ASP A 42 2.66 8.11 -11.22
N LEU A 43 1.81 8.76 -10.44
CA LEU A 43 1.41 8.23 -9.14
C LEU A 43 0.69 6.89 -9.30
N ILE A 44 -0.39 6.89 -10.06
CA ILE A 44 -1.15 5.67 -10.30
C ILE A 44 -0.25 4.54 -10.77
N ASP A 45 0.50 4.79 -11.84
CA ASP A 45 1.42 3.78 -12.37
C ASP A 45 2.47 3.40 -11.35
N ARG A 46 2.82 4.35 -10.48
CA ARG A 46 3.82 4.10 -9.44
C ARG A 46 3.29 3.13 -8.40
N VAL A 47 2.12 3.44 -7.84
CA VAL A 47 1.50 2.60 -6.83
C VAL A 47 1.39 1.16 -7.31
N LEU A 48 0.75 0.98 -8.45
CA LEU A 48 0.56 -0.36 -9.01
C LEU A 48 1.91 -1.02 -9.28
N ALA A 49 2.89 -0.23 -9.70
CA ALA A 49 4.22 -0.74 -9.99
C ALA A 49 4.87 -1.31 -8.73
N LEU A 50 4.53 -0.73 -7.58
CA LEU A 50 5.09 -1.18 -6.31
C LEU A 50 4.44 -2.49 -5.87
N LEU A 51 3.11 -2.52 -5.88
CA LEU A 51 2.37 -3.70 -5.48
C LEU A 51 2.48 -4.80 -6.54
N THR A 52 2.98 -4.42 -7.71
CA THR A 52 3.14 -5.38 -8.81
C THR A 52 4.60 -5.74 -9.02
N ASP A 53 5.37 -4.80 -9.57
CA ASP A 53 6.78 -5.03 -9.81
C ASP A 53 7.55 -5.21 -8.51
N GLU A 54 6.90 -4.85 -7.41
CA GLU A 54 7.53 -4.98 -6.08
C GLU A 54 6.60 -5.70 -5.12
N GLN A 55 5.70 -6.53 -5.66
CA GLN A 55 4.76 -7.28 -4.85
C GLN A 55 5.49 -8.06 -3.76
N GLY A 56 6.77 -8.34 -3.99
CA GLY A 56 7.56 -9.07 -3.02
C GLY A 56 7.37 -10.57 -3.14
N GLN A 57 7.52 -11.09 -4.36
CA GLN A 57 7.36 -12.51 -4.61
C GLN A 57 8.64 -13.11 -5.20
N ARG A 58 9.61 -12.25 -5.48
CA ARG A 58 10.87 -12.68 -6.04
C ARG A 58 12.04 -12.31 -5.14
N HIS A 59 11.77 -11.45 -4.16
CA HIS A 59 12.80 -11.01 -3.22
C HIS A 59 12.21 -10.03 -2.20
N HIS A 60 13.08 -9.43 -1.39
CA HIS A 60 12.66 -8.48 -0.38
C HIS A 60 13.71 -7.39 -0.18
N GLY A 61 13.32 -6.32 0.51
CA GLY A 61 14.24 -5.22 0.75
C GLY A 61 13.84 -3.96 0.03
N TRP A 62 12.57 -3.59 0.15
CA TRP A 62 12.05 -2.39 -0.51
C TRP A 62 11.58 -1.37 0.53
N GLY A 63 10.44 -1.64 1.14
CA GLY A 63 9.90 -0.74 2.14
C GLY A 63 10.53 -0.95 3.51
N ARG A 64 11.57 -1.77 3.56
CA ARG A 64 12.26 -2.06 4.81
C ARG A 64 13.42 -1.08 5.01
N LYS A 65 13.39 0.04 4.31
CA LYS A 65 14.43 1.04 4.41
C LYS A 65 13.86 2.45 4.26
N ASN A 66 12.55 2.56 4.46
CA ASN A 66 11.88 3.86 4.36
C ASN A 66 10.38 3.71 4.65
N SER A 67 9.57 3.70 3.59
CA SER A 67 8.13 3.58 3.73
C SER A 67 7.51 3.03 2.46
N LEU A 68 8.32 2.38 1.63
CA LEU A 68 7.84 1.82 0.38
C LEU A 68 7.48 0.34 0.55
N THR A 69 6.49 0.09 1.40
CA THR A 69 6.04 -1.28 1.65
C THR A 69 4.52 -1.38 1.55
N LYS A 70 4.03 -2.60 1.34
CA LYS A 70 2.59 -2.84 1.22
C LYS A 70 1.85 -2.28 2.44
N GLU A 71 2.49 -2.35 3.60
CA GLU A 71 1.90 -1.86 4.83
C GLU A 71 1.67 -0.35 4.76
N ALA A 72 2.65 0.36 4.19
CA ALA A 72 2.57 1.81 4.06
C ALA A 72 1.43 2.21 3.12
N VAL A 73 1.44 1.64 1.91
CA VAL A 73 0.42 1.95 0.92
C VAL A 73 -0.98 1.64 1.47
N ALA A 74 -1.12 0.49 2.10
CA ALA A 74 -2.40 0.08 2.68
C ALA A 74 -2.76 0.95 3.89
N LYS A 75 -1.74 1.46 4.57
CA LYS A 75 -1.95 2.29 5.74
C LYS A 75 -2.67 3.59 5.37
N ILE A 76 -2.15 4.27 4.36
CA ILE A 76 -2.74 5.52 3.89
C ILE A 76 -4.11 5.28 3.26
N VAL A 77 -4.15 4.35 2.31
CA VAL A 77 -5.40 4.02 1.62
C VAL A 77 -6.50 3.69 2.62
N ASP A 78 -6.14 2.95 3.67
CA ASP A 78 -7.10 2.56 4.69
C ASP A 78 -7.59 3.78 5.47
N ASP A 79 -6.67 4.64 5.86
CA ASP A 79 -7.01 5.84 6.61
C ASP A 79 -7.98 6.71 5.83
N THR A 80 -7.77 6.80 4.52
CA THR A 80 -8.63 7.61 3.66
C THR A 80 -10.02 6.99 3.55
N TYR A 81 -10.08 5.67 3.36
CA TYR A 81 -11.35 4.97 3.24
C TYR A 81 -12.13 5.05 4.55
N ARG A 82 -11.40 5.09 5.67
CA ARG A 82 -12.03 5.15 6.98
C ARG A 82 -12.63 6.53 7.24
N LYS A 83 -11.85 7.57 6.93
CA LYS A 83 -12.29 8.95 7.11
C LYS A 83 -13.45 9.28 6.17
N MET A 84 -13.37 8.76 4.95
CA MET A 84 -14.41 9.01 3.96
C MET A 84 -15.64 8.15 4.23
N GLN A 85 -15.40 6.88 4.57
CA GLN A 85 -16.50 5.96 4.85
C GLN A 85 -16.27 5.25 6.18
N ILE A 86 -16.38 5.98 7.28
CA ILE A 86 -16.19 5.42 8.60
C ILE A 86 -17.02 4.16 8.80
N GLN A 87 -18.17 4.11 8.12
CA GLN A 87 -19.06 2.95 8.22
C GLN A 87 -18.78 1.97 7.09
N CYS A 88 -17.90 1.01 7.34
CA CYS A 88 -17.56 0.00 6.34
C CYS A 88 -16.61 -1.04 6.92
N ALA A 89 -15.35 -0.66 7.09
CA ALA A 89 -14.34 -1.56 7.63
C ALA A 89 -14.14 -2.77 6.73
N PRO A 90 -13.44 -2.57 5.61
CA PRO A 90 -13.16 -3.64 4.65
C PRO A 90 -12.19 -4.67 5.19
N ASP A 91 -11.60 -4.38 6.35
CA ASP A 91 -10.65 -5.29 6.97
C ASP A 91 -9.50 -5.60 6.03
N LEU A 92 -9.00 -4.57 5.34
CA LEU A 92 -7.89 -4.74 4.42
C LEU A 92 -8.30 -5.65 3.25
N ALA A 93 -9.55 -5.52 2.82
CA ALA A 93 -10.06 -6.32 1.71
C ALA A 93 -9.88 -7.82 1.99
N THR A 94 -9.83 -8.17 3.27
CA THR A 94 -9.66 -9.56 3.67
C THR A 94 -8.31 -10.11 3.23
N ARG A 95 -7.40 -10.27 4.18
CA ARG A 95 -6.06 -10.78 3.88
C ARG A 95 -6.00 -12.29 4.09
N SER A 96 -7.17 -12.94 4.04
CA SER A 96 -7.25 -14.38 4.23
C SER A 96 -6.52 -15.11 3.11
N HIS A 97 -6.42 -14.47 1.94
CA HIS A 97 -5.75 -15.06 0.80
C HIS A 97 -4.30 -15.39 1.12
N SER A 98 -3.46 -14.36 1.18
CA SER A 98 -2.05 -14.54 1.48
C SER A 98 -1.31 -13.20 1.49
N GLY A 99 -1.12 -12.65 2.68
CA GLY A 99 -0.44 -11.37 2.80
C GLY A 99 0.75 -11.45 3.74
N SER A 100 0.59 -12.16 4.85
CA SER A 100 1.66 -12.30 5.84
C SER A 100 1.90 -10.98 6.57
N ASP A 101 1.00 -10.03 6.36
CA ASP A 101 1.11 -8.73 7.00
C ASP A 101 -0.01 -8.52 8.02
N PHE A 102 -0.90 -9.50 8.11
CA PHE A 102 -2.03 -9.43 9.04
C PHE A 102 -1.58 -9.78 10.46
N SER A 103 -0.39 -10.35 10.57
CA SER A 103 0.16 -10.73 11.86
C SER A 103 1.65 -11.05 11.76
N PHE A 104 2.38 -10.18 11.04
CA PHE A 104 3.81 -10.37 10.85
C PHE A 104 4.57 -10.05 12.14
N ARG A 105 4.56 -11.00 13.08
CA ARG A 105 5.24 -10.81 14.36
C ARG A 105 5.79 -12.14 14.87
N PRO A 106 7.04 -12.45 14.50
CA PRO A 106 7.71 -13.67 14.90
C PRO A 106 8.05 -13.69 16.39
N ILE A 107 8.81 -14.70 16.82
CA ILE A 107 9.21 -14.82 18.21
C ILE A 107 10.73 -14.73 18.37
N GLU A 108 11.35 -13.91 17.53
CA GLU A 108 12.80 -13.72 17.58
C GLU A 108 13.51 -15.03 17.24
N GLU A 109 12.84 -15.89 16.48
CA GLU A 109 13.42 -17.17 16.11
C GLU A 109 13.93 -17.93 17.33
N ALA A 110 13.14 -17.92 18.40
CA ALA A 110 13.51 -18.60 19.63
C ALA A 110 13.07 -20.07 19.60
N GLY A 1 -8.50 -17.87 6.73
CA GLY A 1 -8.56 -17.35 5.38
C GLY A 1 -7.79 -18.21 4.40
N SER A 2 -7.38 -17.60 3.29
CA SER A 2 -6.63 -18.31 2.25
C SER A 2 -5.27 -17.66 2.02
N HIS A 3 -4.50 -18.24 1.10
CA HIS A 3 -3.17 -17.71 0.78
C HIS A 3 -3.20 -16.94 -0.53
N MET A 4 -4.20 -16.10 -0.71
CA MET A 4 -4.34 -15.31 -1.93
C MET A 4 -4.96 -13.95 -1.62
N ALA A 5 -4.13 -13.01 -1.20
CA ALA A 5 -4.59 -11.66 -0.89
C ALA A 5 -3.94 -10.62 -1.79
N SER A 6 -2.95 -11.06 -2.56
CA SER A 6 -2.23 -10.17 -3.47
C SER A 6 -3.20 -9.36 -4.31
N ALA A 7 -4.08 -10.06 -5.02
CA ALA A 7 -5.07 -9.42 -5.88
C ALA A 7 -6.04 -8.58 -5.06
N ASP A 8 -6.14 -8.89 -3.77
CA ASP A 8 -7.04 -8.16 -2.87
C ASP A 8 -6.43 -6.81 -2.48
N LEU A 9 -5.14 -6.82 -2.16
CA LEU A 9 -4.44 -5.60 -1.76
C LEU A 9 -4.27 -4.66 -2.95
N VAL A 10 -3.94 -5.22 -4.11
CA VAL A 10 -3.75 -4.44 -5.31
C VAL A 10 -5.08 -3.85 -5.79
N SER A 11 -6.09 -4.71 -5.93
CA SER A 11 -7.40 -4.28 -6.39
C SER A 11 -8.01 -3.27 -5.43
N SER A 12 -7.79 -3.48 -4.14
CA SER A 12 -8.31 -2.59 -3.10
C SER A 12 -7.54 -1.26 -3.10
N CYS A 13 -6.22 -1.35 -3.00
CA CYS A 13 -5.37 -0.17 -2.97
C CYS A 13 -5.54 0.65 -4.25
N LYS A 14 -5.68 -0.05 -5.37
CA LYS A 14 -5.85 0.60 -6.67
C LYS A 14 -7.20 1.31 -6.74
N ASP A 15 -8.27 0.58 -6.47
CA ASP A 15 -9.61 1.14 -6.51
C ASP A 15 -9.70 2.41 -5.66
N LYS A 16 -9.13 2.35 -4.47
CA LYS A 16 -9.13 3.49 -3.56
C LYS A 16 -8.19 4.60 -4.06
N LEU A 17 -6.90 4.26 -4.17
CA LEU A 17 -5.92 5.21 -4.63
C LEU A 17 -6.39 5.92 -5.91
N ALA A 18 -7.00 5.16 -6.80
CA ALA A 18 -7.51 5.70 -8.06
C ALA A 18 -8.71 6.61 -7.82
N TYR A 19 -9.63 6.15 -6.97
CA TYR A 19 -10.82 6.92 -6.66
C TYR A 19 -10.50 8.08 -5.73
N PHE A 20 -9.27 8.11 -5.23
CA PHE A 20 -8.83 9.17 -4.33
C PHE A 20 -8.05 10.24 -5.08
N ARG A 21 -8.34 11.50 -4.77
CA ARG A 21 -7.67 12.62 -5.41
C ARG A 21 -6.14 12.47 -5.32
N ILE A 22 -5.43 13.37 -5.98
CA ILE A 22 -3.97 13.33 -5.97
C ILE A 22 -3.44 13.24 -4.55
N LYS A 23 -4.23 13.70 -3.58
CA LYS A 23 -3.84 13.67 -2.19
C LYS A 23 -3.28 12.29 -1.81
N GLU A 24 -4.02 11.25 -2.17
CA GLU A 24 -3.60 9.88 -1.87
C GLU A 24 -2.22 9.60 -2.46
N LEU A 25 -2.08 9.80 -3.77
CA LEU A 25 -0.82 9.56 -4.46
C LEU A 25 0.30 10.38 -3.82
N LYS A 26 0.00 11.62 -3.46
CA LYS A 26 0.98 12.51 -2.84
C LYS A 26 1.50 11.91 -1.54
N ASP A 27 0.60 11.34 -0.74
CA ASP A 27 0.97 10.74 0.53
C ASP A 27 1.90 9.56 0.31
N ILE A 28 1.59 8.74 -0.69
CA ILE A 28 2.40 7.56 -1.01
C ILE A 28 3.82 7.98 -1.40
N LEU A 29 3.93 8.80 -2.43
CA LEU A 29 5.23 9.26 -2.91
C LEU A 29 5.98 10.01 -1.81
N ASN A 30 5.23 10.69 -0.94
CA ASN A 30 5.81 11.45 0.15
C ASN A 30 6.52 10.53 1.14
N GLN A 31 5.85 9.42 1.49
CA GLN A 31 6.41 8.46 2.43
C GLN A 31 7.60 7.74 1.81
N LEU A 32 7.53 7.48 0.51
CA LEU A 32 8.60 6.79 -0.19
C LEU A 32 9.82 7.69 -0.34
N GLY A 33 9.58 9.00 -0.48
CA GLY A 33 10.67 9.94 -0.61
C GLY A 33 11.16 10.06 -2.04
N LEU A 34 10.23 10.10 -2.99
CA LEU A 34 10.57 10.21 -4.40
C LEU A 34 9.70 11.25 -5.09
N PRO A 35 9.78 12.50 -4.62
CA PRO A 35 9.01 13.61 -5.18
C PRO A 35 9.49 14.01 -6.56
N LYS A 36 9.04 13.27 -7.57
CA LYS A 36 9.43 13.54 -8.95
C LYS A 36 8.66 12.65 -9.92
N GLN A 37 7.34 12.72 -9.88
CA GLN A 37 6.49 11.91 -10.75
C GLN A 37 5.77 12.78 -11.76
N GLY A 38 4.96 12.15 -12.60
CA GLY A 38 4.22 12.89 -13.61
C GLY A 38 2.86 13.33 -13.12
N LYS A 39 1.81 12.93 -13.84
CA LYS A 39 0.45 13.28 -13.46
C LYS A 39 -0.22 12.16 -12.68
N LYS A 40 -1.50 12.32 -12.41
CA LYS A 40 -2.26 11.31 -11.66
C LYS A 40 -2.03 9.93 -12.25
N GLN A 41 -1.81 9.86 -13.56
CA GLN A 41 -1.58 8.59 -14.24
C GLN A 41 -0.21 8.02 -13.87
N ASP A 42 0.82 8.87 -13.90
CA ASP A 42 2.17 8.45 -13.57
C ASP A 42 2.24 7.91 -12.14
N LEU A 43 1.64 8.65 -11.21
CA LEU A 43 1.64 8.25 -9.81
C LEU A 43 0.88 6.94 -9.62
N ILE A 44 -0.38 6.92 -10.03
CA ILE A 44 -1.21 5.73 -9.92
C ILE A 44 -0.51 4.51 -10.49
N ASP A 45 0.02 4.65 -11.70
CA ASP A 45 0.72 3.56 -12.36
C ASP A 45 1.98 3.17 -11.59
N ARG A 46 2.59 4.16 -10.94
CA ARG A 46 3.80 3.93 -10.17
C ARG A 46 3.50 3.12 -8.90
N VAL A 47 2.45 3.52 -8.18
CA VAL A 47 2.05 2.83 -6.96
C VAL A 47 1.74 1.37 -7.24
N LEU A 48 0.79 1.13 -8.14
CA LEU A 48 0.39 -0.23 -8.49
C LEU A 48 1.59 -1.04 -8.99
N ALA A 49 2.42 -0.41 -9.82
CA ALA A 49 3.60 -1.07 -10.35
C ALA A 49 4.61 -1.36 -9.26
N LEU A 50 4.51 -0.63 -8.15
CA LEU A 50 5.43 -0.81 -7.02
C LEU A 50 4.98 -1.98 -6.16
N LEU A 51 3.69 -2.05 -5.89
CA LEU A 51 3.13 -3.12 -5.06
C LEU A 51 2.84 -4.36 -5.90
N THR A 52 3.03 -4.24 -7.22
CA THR A 52 2.80 -5.35 -8.13
C THR A 52 4.10 -5.83 -8.76
N ASP A 53 4.81 -4.91 -9.40
CA ASP A 53 6.08 -5.24 -10.05
C ASP A 53 7.23 -5.14 -9.06
N GLU A 54 6.94 -4.64 -7.86
CA GLU A 54 7.96 -4.49 -6.83
C GLU A 54 7.44 -4.99 -5.48
N GLN A 55 6.41 -5.83 -5.52
CA GLN A 55 5.82 -6.38 -4.31
C GLN A 55 6.83 -7.24 -3.56
N GLY A 56 7.93 -7.59 -4.23
CA GLY A 56 8.95 -8.41 -3.62
C GLY A 56 9.31 -9.62 -4.45
N GLN A 57 9.41 -9.42 -5.75
CA GLN A 57 9.75 -10.51 -6.68
C GLN A 57 11.10 -11.13 -6.30
N ARG A 58 12.10 -10.29 -6.08
CA ARG A 58 13.43 -10.75 -5.72
C ARG A 58 14.39 -9.57 -5.55
N HIS A 59 14.14 -8.77 -4.53
CA HIS A 59 14.98 -7.60 -4.25
C HIS A 59 14.84 -7.16 -2.79
N HIS A 60 15.47 -7.92 -1.89
CA HIS A 60 15.42 -7.60 -0.46
C HIS A 60 15.95 -6.19 -0.20
N GLY A 61 15.71 -5.70 1.01
CA GLY A 61 16.16 -4.37 1.37
C GLY A 61 15.02 -3.39 1.55
N TRP A 62 14.01 -3.80 2.31
CA TRP A 62 12.85 -2.96 2.55
C TRP A 62 12.75 -2.59 4.04
N GLY A 63 12.47 -3.58 4.86
CA GLY A 63 12.34 -3.35 6.29
C GLY A 63 10.90 -3.38 6.76
N ARG A 64 9.97 -3.38 5.82
CA ARG A 64 8.55 -3.40 6.14
C ARG A 64 8.13 -2.12 6.85
N LYS A 65 9.05 -1.16 6.92
CA LYS A 65 8.78 0.11 7.57
C LYS A 65 9.33 1.28 6.75
N ASN A 66 9.79 0.97 5.54
CA ASN A 66 10.35 1.99 4.65
C ASN A 66 9.26 2.98 4.21
N SER A 67 8.01 2.64 4.51
CA SER A 67 6.89 3.49 4.14
C SER A 67 6.78 3.63 2.62
N LEU A 68 7.07 2.54 1.91
CA LEU A 68 7.01 2.54 0.45
C LEU A 68 6.59 1.17 -0.07
N THR A 69 5.99 0.36 0.80
CA THR A 69 5.54 -0.97 0.42
C THR A 69 4.03 -1.11 0.58
N LYS A 70 3.52 -2.31 0.30
CA LYS A 70 2.09 -2.57 0.42
C LYS A 70 1.55 -2.09 1.76
N GLU A 71 2.41 -2.11 2.78
CA GLU A 71 2.01 -1.67 4.11
C GLU A 71 1.65 -0.19 4.12
N ALA A 72 2.52 0.63 3.52
CA ALA A 72 2.30 2.07 3.46
C ALA A 72 1.10 2.39 2.58
N VAL A 73 1.09 1.85 1.37
CA VAL A 73 0.00 2.09 0.43
C VAL A 73 -1.34 1.68 1.04
N ALA A 74 -1.37 0.50 1.65
CA ALA A 74 -2.59 0.00 2.27
C ALA A 74 -2.90 0.75 3.56
N LYS A 75 -1.86 1.33 4.17
CA LYS A 75 -2.02 2.08 5.41
C LYS A 75 -2.83 3.35 5.18
N ILE A 76 -2.43 4.12 4.17
CA ILE A 76 -3.12 5.36 3.84
C ILE A 76 -4.46 5.08 3.17
N VAL A 77 -4.49 4.07 2.30
CA VAL A 77 -5.71 3.71 1.59
C VAL A 77 -6.78 3.21 2.55
N ASP A 78 -6.35 2.43 3.55
CA ASP A 78 -7.28 1.90 4.54
C ASP A 78 -7.75 2.98 5.50
N ASP A 79 -6.80 3.82 5.95
CA ASP A 79 -7.12 4.90 6.87
C ASP A 79 -8.00 5.95 6.19
N THR A 80 -7.63 6.31 4.96
CA THR A 80 -8.38 7.30 4.20
C THR A 80 -9.77 6.79 3.83
N TYR A 81 -9.83 5.51 3.48
CA TYR A 81 -11.10 4.90 3.10
C TYR A 81 -11.99 4.68 4.33
N ARG A 82 -11.42 4.04 5.35
CA ARG A 82 -12.16 3.77 6.58
C ARG A 82 -12.67 5.06 7.21
N LYS A 83 -11.86 6.11 7.13
CA LYS A 83 -12.22 7.41 7.69
C LYS A 83 -13.14 8.17 6.74
N MET A 84 -13.05 7.85 5.45
CA MET A 84 -13.87 8.51 4.44
C MET A 84 -15.35 8.21 4.66
N GLN A 85 -15.69 6.93 4.69
CA GLN A 85 -17.06 6.51 4.90
C GLN A 85 -17.14 5.16 5.62
N ILE A 86 -16.01 4.75 6.19
CA ILE A 86 -15.93 3.49 6.91
C ILE A 86 -16.69 2.39 6.17
N GLN A 87 -16.01 1.75 5.22
CA GLN A 87 -16.61 0.68 4.43
C GLN A 87 -16.94 -0.52 5.31
N CYS A 88 -17.60 -1.52 4.73
CA CYS A 88 -17.97 -2.72 5.46
C CYS A 88 -16.81 -3.69 5.54
N ALA A 89 -15.66 -3.18 5.98
CA ALA A 89 -14.46 -4.01 6.10
C ALA A 89 -14.20 -4.79 4.81
N PRO A 90 -13.49 -4.15 3.87
CA PRO A 90 -13.16 -4.77 2.58
C PRO A 90 -12.13 -5.89 2.72
N ASP A 91 -11.64 -6.07 3.94
CA ASP A 91 -10.64 -7.12 4.20
C ASP A 91 -9.43 -6.96 3.29
N LEU A 92 -8.70 -5.86 3.49
CA LEU A 92 -7.51 -5.60 2.69
C LEU A 92 -6.61 -6.82 2.61
N ALA A 93 -6.59 -7.60 3.69
CA ALA A 93 -5.77 -8.81 3.75
C ALA A 93 -6.18 -9.69 4.92
N THR A 94 -5.75 -9.32 6.12
CA THR A 94 -6.07 -10.08 7.32
C THR A 94 -5.47 -9.42 8.56
N ARG A 95 -4.31 -8.81 8.40
CA ARG A 95 -3.63 -8.15 9.51
C ARG A 95 -3.29 -9.14 10.60
N SER A 96 -3.22 -10.42 10.24
CA SER A 96 -2.90 -11.47 11.21
C SER A 96 -2.15 -12.60 10.54
N HIS A 97 -2.86 -13.41 9.75
CA HIS A 97 -2.26 -14.53 9.05
C HIS A 97 -1.48 -15.42 10.02
N SER A 98 -1.92 -15.45 11.27
CA SER A 98 -1.26 -16.25 12.29
C SER A 98 0.16 -15.77 12.54
N GLY A 99 0.34 -14.44 12.55
CA GLY A 99 1.65 -13.88 12.77
C GLY A 99 1.84 -12.55 12.05
N SER A 100 1.37 -11.48 12.68
CA SER A 100 1.48 -10.14 12.09
C SER A 100 1.96 -9.13 13.13
N ASP A 101 2.34 -9.63 14.30
CA ASP A 101 2.82 -8.77 15.38
C ASP A 101 1.82 -7.66 15.68
N PHE A 102 0.55 -7.91 15.34
CA PHE A 102 -0.50 -6.93 15.56
C PHE A 102 -0.25 -5.66 14.77
N SER A 103 0.58 -5.77 13.72
CA SER A 103 0.91 -4.62 12.89
C SER A 103 1.49 -3.48 13.72
N PHE A 104 2.81 -3.50 13.91
CA PHE A 104 3.48 -2.47 14.69
C PHE A 104 3.60 -1.18 13.89
N ARG A 105 2.47 -0.52 13.66
CA ARG A 105 2.45 0.73 12.90
C ARG A 105 3.48 1.71 13.46
N PRO A 106 4.19 2.39 12.54
CA PRO A 106 5.22 3.36 12.92
C PRO A 106 4.62 4.63 13.54
N ILE A 107 5.47 5.64 13.75
CA ILE A 107 5.02 6.90 14.33
C ILE A 107 5.73 8.08 13.67
N GLU A 108 6.00 7.97 12.38
CA GLU A 108 6.67 9.03 11.64
C GLU A 108 5.96 10.36 11.85
N GLU A 109 4.84 10.54 11.17
CA GLU A 109 4.07 11.78 11.28
C GLU A 109 2.76 11.68 10.50
N ALA A 110 2.18 12.83 10.17
CA ALA A 110 0.94 12.87 9.42
C ALA A 110 1.10 12.23 8.04
N GLY A 1 -1.84 -9.85 -11.34
CA GLY A 1 -1.55 -10.97 -12.19
C GLY A 1 -2.61 -12.06 -12.09
N SER A 2 -2.80 -12.60 -10.89
CA SER A 2 -3.78 -13.65 -10.67
C SER A 2 -4.06 -13.83 -9.19
N HIS A 3 -4.81 -14.88 -8.85
CA HIS A 3 -5.15 -15.16 -7.46
C HIS A 3 -3.95 -15.72 -6.70
N MET A 4 -3.10 -14.82 -6.21
CA MET A 4 -1.91 -15.23 -5.47
C MET A 4 -1.58 -14.21 -4.38
N ALA A 5 -2.56 -13.92 -3.53
CA ALA A 5 -2.37 -12.97 -2.45
C ALA A 5 -1.77 -11.66 -2.96
N SER A 6 -2.01 -11.37 -4.23
CA SER A 6 -1.49 -10.16 -4.84
C SER A 6 -2.59 -9.42 -5.61
N ALA A 7 -3.52 -10.18 -6.18
CA ALA A 7 -4.62 -9.61 -6.94
C ALA A 7 -5.57 -8.85 -6.02
N ASP A 8 -5.61 -9.23 -4.75
CA ASP A 8 -6.47 -8.59 -3.78
C ASP A 8 -5.90 -7.25 -3.34
N LEU A 9 -4.59 -7.22 -3.08
CA LEU A 9 -3.92 -6.01 -2.66
C LEU A 9 -3.85 -4.99 -3.79
N VAL A 10 -3.56 -5.47 -5.00
CA VAL A 10 -3.48 -4.61 -6.18
C VAL A 10 -4.84 -4.05 -6.54
N SER A 11 -5.83 -4.93 -6.67
CA SER A 11 -7.18 -4.53 -7.03
C SER A 11 -7.77 -3.59 -5.96
N SER A 12 -7.45 -3.88 -4.71
CA SER A 12 -7.95 -3.06 -3.60
C SER A 12 -7.23 -1.72 -3.55
N CYS A 13 -5.90 -1.76 -3.53
CA CYS A 13 -5.10 -0.55 -3.48
C CYS A 13 -5.38 0.34 -4.69
N LYS A 14 -5.54 -0.29 -5.85
CA LYS A 14 -5.82 0.45 -7.08
C LYS A 14 -7.20 1.09 -7.04
N ASP A 15 -8.21 0.27 -6.76
CA ASP A 15 -9.58 0.77 -6.69
C ASP A 15 -9.68 1.97 -5.77
N LYS A 16 -9.09 1.86 -4.58
CA LYS A 16 -9.11 2.95 -3.60
C LYS A 16 -8.29 4.14 -4.10
N LEU A 17 -7.01 3.90 -4.39
CA LEU A 17 -6.12 4.95 -4.87
C LEU A 17 -6.77 5.71 -6.03
N ALA A 18 -7.42 4.98 -6.92
CA ALA A 18 -8.09 5.59 -8.07
C ALA A 18 -9.28 6.42 -7.64
N TYR A 19 -10.04 5.90 -6.68
CA TYR A 19 -11.22 6.59 -6.18
C TYR A 19 -10.82 7.74 -5.25
N PHE A 20 -9.56 7.76 -4.84
CA PHE A 20 -9.05 8.79 -3.95
C PHE A 20 -8.33 9.88 -4.73
N ARG A 21 -8.62 11.13 -4.41
CA ARG A 21 -7.99 12.25 -5.09
C ARG A 21 -6.47 12.15 -5.04
N ILE A 22 -5.79 13.09 -5.69
CA ILE A 22 -4.34 13.10 -5.72
C ILE A 22 -3.76 13.00 -4.31
N LYS A 23 -4.55 13.42 -3.32
CA LYS A 23 -4.12 13.37 -1.92
C LYS A 23 -3.52 12.01 -1.59
N GLU A 24 -4.24 10.95 -1.94
CA GLU A 24 -3.78 9.59 -1.67
C GLU A 24 -2.39 9.36 -2.26
N LEU A 25 -2.26 9.57 -3.56
CA LEU A 25 -0.98 9.39 -4.24
C LEU A 25 0.09 10.30 -3.65
N LYS A 26 -0.33 11.48 -3.18
CA LYS A 26 0.59 12.44 -2.59
C LYS A 26 1.26 11.86 -1.35
N ASP A 27 0.45 11.27 -0.47
CA ASP A 27 0.96 10.66 0.76
C ASP A 27 1.88 9.49 0.45
N ILE A 28 1.50 8.69 -0.55
CA ILE A 28 2.29 7.54 -0.94
C ILE A 28 3.63 7.96 -1.54
N LEU A 29 3.58 8.77 -2.58
CA LEU A 29 4.79 9.25 -3.25
C LEU A 29 5.65 10.05 -2.27
N ASN A 30 5.01 10.63 -1.26
CA ASN A 30 5.72 11.43 -0.27
C ASN A 30 6.54 10.52 0.66
N GLN A 31 5.93 9.43 1.10
CA GLN A 31 6.61 8.49 1.98
C GLN A 31 7.61 7.63 1.22
N LEU A 32 7.36 7.47 -0.08
CA LEU A 32 8.24 6.68 -0.94
C LEU A 32 9.61 7.34 -1.08
N GLY A 33 9.70 8.60 -0.66
CA GLY A 33 10.95 9.33 -0.76
C GLY A 33 10.94 10.35 -1.86
N LEU A 34 9.75 10.69 -2.35
CA LEU A 34 9.61 11.66 -3.42
C LEU A 34 10.26 11.17 -4.71
N PRO A 35 9.51 10.36 -5.47
CA PRO A 35 9.99 9.81 -6.73
C PRO A 35 10.13 10.86 -7.83
N LYS A 36 10.18 10.41 -9.07
CA LYS A 36 10.32 11.33 -10.21
C LYS A 36 9.04 12.13 -10.42
N GLN A 37 8.04 11.89 -9.56
CA GLN A 37 6.77 12.60 -9.65
C GLN A 37 6.00 12.14 -10.88
N GLY A 38 5.01 12.94 -11.29
CA GLY A 38 4.20 12.61 -12.44
C GLY A 38 2.74 12.95 -12.24
N LYS A 39 2.06 13.26 -13.34
CA LYS A 39 0.64 13.61 -13.29
C LYS A 39 -0.16 12.52 -12.58
N LYS A 40 -1.46 12.76 -12.43
CA LYS A 40 -2.34 11.80 -11.78
C LYS A 40 -2.15 10.40 -12.35
N GLN A 41 -1.99 10.31 -13.66
CA GLN A 41 -1.80 9.04 -14.34
C GLN A 41 -0.49 8.39 -13.89
N ASP A 42 0.61 9.12 -14.03
CA ASP A 42 1.92 8.60 -13.64
C ASP A 42 1.90 8.08 -12.21
N LEU A 43 1.35 8.88 -11.30
CA LEU A 43 1.27 8.49 -9.89
C LEU A 43 0.54 7.16 -9.74
N ILE A 44 -0.65 7.07 -10.33
CA ILE A 44 -1.44 5.85 -10.25
C ILE A 44 -0.61 4.63 -10.67
N ASP A 45 -0.03 4.70 -11.85
CA ASP A 45 0.79 3.60 -12.37
C ASP A 45 1.99 3.35 -11.46
N ARG A 46 2.42 4.40 -10.76
CA ARG A 46 3.56 4.29 -9.85
C ARG A 46 3.23 3.40 -8.67
N VAL A 47 2.10 3.66 -8.02
CA VAL A 47 1.67 2.88 -6.87
C VAL A 47 1.48 1.42 -7.24
N LEU A 48 0.66 1.17 -8.26
CA LEU A 48 0.39 -0.18 -8.71
C LEU A 48 1.68 -0.89 -9.10
N ALA A 49 2.58 -0.17 -9.74
CA ALA A 49 3.86 -0.73 -10.15
C ALA A 49 4.75 -1.03 -8.95
N LEU A 50 4.52 -0.32 -7.85
CA LEU A 50 5.29 -0.51 -6.63
C LEU A 50 4.83 -1.77 -5.89
N LEU A 51 3.52 -1.93 -5.77
CA LEU A 51 2.95 -3.09 -5.09
C LEU A 51 2.94 -4.31 -6.00
N THR A 52 3.21 -4.09 -7.28
CA THR A 52 3.24 -5.18 -8.25
C THR A 52 4.67 -5.50 -8.68
N ASP A 53 5.31 -4.55 -9.34
CA ASP A 53 6.68 -4.74 -9.80
C ASP A 53 7.66 -4.66 -8.63
N GLU A 54 7.17 -4.21 -7.49
CA GLU A 54 8.00 -4.09 -6.29
C GLU A 54 7.31 -4.72 -5.08
N GLN A 55 6.41 -5.65 -5.34
CA GLN A 55 5.68 -6.33 -4.27
C GLN A 55 6.64 -6.92 -3.24
N GLY A 56 7.89 -7.14 -3.67
CA GLY A 56 8.89 -7.70 -2.77
C GLY A 56 10.16 -8.07 -3.49
N GLN A 57 10.63 -7.18 -4.37
CA GLN A 57 11.85 -7.42 -5.12
C GLN A 57 13.05 -6.74 -4.46
N ARG A 58 13.04 -6.72 -3.12
CA ARG A 58 14.13 -6.10 -2.37
C ARG A 58 14.37 -6.84 -1.07
N HIS A 59 13.81 -8.04 -0.95
CA HIS A 59 13.95 -8.85 0.25
C HIS A 59 13.53 -8.07 1.49
N HIS A 60 12.25 -8.19 1.84
CA HIS A 60 11.71 -7.48 3.00
C HIS A 60 12.53 -7.80 4.25
N GLY A 61 12.23 -7.11 5.34
CA GLY A 61 12.95 -7.33 6.58
C GLY A 61 13.64 -6.08 7.09
N TRP A 62 12.93 -4.95 7.01
CA TRP A 62 13.49 -3.68 7.47
C TRP A 62 12.70 -3.14 8.65
N GLY A 63 11.49 -2.66 8.38
CA GLY A 63 10.65 -2.11 9.43
C GLY A 63 10.88 -0.63 9.65
N ARG A 64 12.15 -0.21 9.59
CA ARG A 64 12.50 1.19 9.78
C ARG A 64 12.43 1.95 8.47
N LYS A 65 11.83 1.33 7.45
CA LYS A 65 11.70 1.96 6.14
C LYS A 65 10.63 1.26 5.32
N ASN A 66 9.54 0.85 5.99
CA ASN A 66 8.45 0.17 5.32
C ASN A 66 7.49 1.19 4.68
N SER A 67 7.85 2.46 4.75
CA SER A 67 7.03 3.53 4.20
C SER A 67 7.15 3.56 2.68
N LEU A 68 6.89 2.43 2.04
CA LEU A 68 6.97 2.32 0.59
C LEU A 68 6.64 0.91 0.12
N THR A 69 5.76 0.24 0.87
CA THR A 69 5.36 -1.12 0.53
C THR A 69 3.85 -1.28 0.65
N LYS A 70 3.37 -2.50 0.39
CA LYS A 70 1.95 -2.79 0.46
C LYS A 70 1.36 -2.32 1.79
N GLU A 71 2.15 -2.46 2.86
CA GLU A 71 1.71 -2.04 4.18
C GLU A 71 1.45 -0.55 4.22
N ALA A 72 2.37 0.23 3.66
CA ALA A 72 2.23 1.68 3.64
C ALA A 72 1.01 2.10 2.83
N VAL A 73 0.93 1.63 1.59
CA VAL A 73 -0.19 1.96 0.71
C VAL A 73 -1.52 1.63 1.38
N ALA A 74 -1.58 0.46 2.02
CA ALA A 74 -2.80 0.04 2.69
C ALA A 74 -3.07 0.88 3.93
N LYS A 75 -2.00 1.36 4.57
CA LYS A 75 -2.13 2.18 5.76
C LYS A 75 -2.82 3.50 5.45
N ILE A 76 -2.33 4.18 4.41
CA ILE A 76 -2.91 5.46 4.00
C ILE A 76 -4.33 5.28 3.46
N VAL A 77 -4.47 4.37 2.49
CA VAL A 77 -5.77 4.10 1.90
C VAL A 77 -6.82 3.80 2.97
N ASP A 78 -6.43 3.04 3.98
CA ASP A 78 -7.33 2.68 5.06
C ASP A 78 -7.71 3.91 5.88
N ASP A 79 -6.71 4.75 6.16
CA ASP A 79 -6.95 5.97 6.93
C ASP A 79 -7.91 6.91 6.21
N THR A 80 -7.64 7.14 4.92
CA THR A 80 -8.47 8.02 4.11
C THR A 80 -9.91 7.53 4.08
N TYR A 81 -10.09 6.25 3.74
CA TYR A 81 -11.42 5.66 3.67
C TYR A 81 -12.09 5.65 5.04
N ARG A 82 -11.34 5.23 6.06
CA ARG A 82 -11.86 5.17 7.42
C ARG A 82 -12.48 6.51 7.82
N LYS A 83 -11.77 7.60 7.54
CA LYS A 83 -12.24 8.93 7.87
C LYS A 83 -13.26 9.42 6.84
N MET A 84 -13.17 8.87 5.62
CA MET A 84 -14.08 9.25 4.55
C MET A 84 -15.54 9.04 4.97
N GLN A 85 -15.86 7.81 5.34
CA GLN A 85 -17.22 7.47 5.76
C GLN A 85 -17.35 5.97 6.03
N ILE A 86 -16.26 5.37 6.48
CA ILE A 86 -16.25 3.93 6.78
C ILE A 86 -16.21 3.68 8.28
N GLN A 87 -15.04 3.86 8.87
CA GLN A 87 -14.87 3.65 10.31
C GLN A 87 -14.80 2.17 10.65
N CYS A 88 -15.73 1.40 10.09
CA CYS A 88 -15.78 -0.04 10.33
C CYS A 88 -14.94 -0.79 9.29
N ALA A 89 -13.86 -0.16 8.85
CA ALA A 89 -12.97 -0.77 7.87
C ALA A 89 -13.69 -0.95 6.53
N PRO A 90 -13.10 -0.37 5.47
CA PRO A 90 -13.67 -0.45 4.12
C PRO A 90 -13.56 -1.86 3.53
N ASP A 91 -12.97 -2.77 4.30
CA ASP A 91 -12.80 -4.15 3.85
C ASP A 91 -11.84 -4.23 2.67
N LEU A 92 -10.58 -3.90 2.92
CA LEU A 92 -9.56 -3.93 1.88
C LEU A 92 -9.69 -5.20 1.03
N ALA A 93 -9.30 -6.33 1.61
CA ALA A 93 -9.38 -7.60 0.90
C ALA A 93 -8.97 -8.76 1.81
N THR A 94 -9.23 -8.61 3.11
CA THR A 94 -8.88 -9.63 4.08
C THR A 94 -7.39 -9.91 4.09
N ARG A 95 -6.70 -9.37 5.10
CA ARG A 95 -5.26 -9.55 5.22
C ARG A 95 -4.93 -10.96 5.69
N SER A 96 -5.10 -11.93 4.80
CA SER A 96 -4.82 -13.32 5.12
C SER A 96 -5.11 -14.23 3.92
N HIS A 97 -4.85 -13.71 2.73
CA HIS A 97 -5.07 -14.48 1.49
C HIS A 97 -3.89 -15.40 1.20
N SER A 98 -3.61 -16.31 2.13
CA SER A 98 -2.50 -17.24 1.97
C SER A 98 -1.16 -16.50 1.91
N GLY A 99 -0.51 -16.38 3.07
CA GLY A 99 0.77 -15.70 3.12
C GLY A 99 0.81 -14.65 4.21
N SER A 100 1.01 -15.09 5.46
CA SER A 100 1.06 -14.17 6.59
C SER A 100 1.91 -14.76 7.72
N ASP A 101 2.70 -15.78 7.39
CA ASP A 101 3.56 -16.42 8.37
C ASP A 101 5.01 -16.43 7.90
N PHE A 102 5.23 -15.96 6.67
CA PHE A 102 6.58 -15.92 6.10
C PHE A 102 7.12 -14.50 6.12
N SER A 103 6.41 -13.60 6.80
CA SER A 103 6.82 -12.20 6.89
C SER A 103 5.95 -11.44 7.88
N PHE A 104 6.04 -11.82 9.15
CA PHE A 104 5.27 -11.18 10.21
C PHE A 104 5.84 -9.80 10.54
N ARG A 105 5.61 -8.84 9.64
CA ARG A 105 6.09 -7.48 9.85
C ARG A 105 5.71 -6.97 11.23
N PRO A 106 6.42 -5.92 11.69
CA PRO A 106 6.18 -5.31 13.00
C PRO A 106 4.85 -4.55 13.04
N ILE A 107 4.63 -3.84 14.14
CA ILE A 107 3.40 -3.07 14.31
C ILE A 107 3.67 -1.74 15.01
N GLU A 108 4.84 -1.17 14.75
CA GLU A 108 5.22 0.10 15.36
C GLU A 108 4.13 1.14 15.17
N GLU A 109 3.41 1.05 14.05
CA GLU A 109 2.34 1.99 13.76
C GLU A 109 2.88 3.42 13.65
N ALA A 110 3.96 3.57 12.89
CA ALA A 110 4.58 4.88 12.70
C ALA A 110 5.56 4.87 11.54
N GLY A 1 -4.13 -17.31 1.60
CA GLY A 1 -3.49 -16.53 2.63
C GLY A 1 -2.53 -15.50 2.05
N SER A 2 -2.73 -15.13 0.79
CA SER A 2 -1.87 -14.16 0.13
C SER A 2 -2.70 -13.05 -0.51
N HIS A 3 -3.85 -12.76 0.08
CA HIS A 3 -4.73 -11.72 -0.44
C HIS A 3 -5.11 -11.99 -1.90
N MET A 4 -5.44 -13.24 -2.20
CA MET A 4 -5.81 -13.63 -3.55
C MET A 4 -4.62 -13.49 -4.50
N ALA A 5 -3.46 -13.95 -4.05
CA ALA A 5 -2.26 -13.88 -4.86
C ALA A 5 -1.85 -12.43 -5.13
N SER A 6 -2.11 -11.57 -4.16
CA SER A 6 -1.79 -10.15 -4.29
C SER A 6 -2.79 -9.45 -5.19
N ALA A 7 -3.74 -10.21 -5.72
CA ALA A 7 -4.77 -9.66 -6.59
C ALA A 7 -5.76 -8.82 -5.81
N ASP A 8 -6.00 -9.21 -4.56
CA ASP A 8 -6.93 -8.50 -3.69
C ASP A 8 -6.31 -7.21 -3.16
N LEU A 9 -5.03 -7.28 -2.80
CA LEU A 9 -4.31 -6.13 -2.28
C LEU A 9 -4.09 -5.08 -3.37
N VAL A 10 -3.74 -5.54 -4.57
CA VAL A 10 -3.51 -4.64 -5.69
C VAL A 10 -4.81 -4.04 -6.19
N SER A 11 -5.79 -4.91 -6.47
CA SER A 11 -7.09 -4.47 -6.96
C SER A 11 -7.74 -3.50 -5.98
N SER A 12 -7.62 -3.80 -4.69
CA SER A 12 -8.21 -2.96 -3.65
C SER A 12 -7.45 -1.64 -3.54
N CYS A 13 -6.13 -1.73 -3.42
CA CYS A 13 -5.29 -0.54 -3.30
C CYS A 13 -5.48 0.37 -4.50
N LYS A 14 -5.49 -0.21 -5.69
CA LYS A 14 -5.66 0.56 -6.93
C LYS A 14 -7.02 1.25 -6.95
N ASP A 15 -8.08 0.47 -6.76
CA ASP A 15 -9.44 1.02 -6.76
C ASP A 15 -9.54 2.21 -5.81
N LYS A 16 -8.96 2.06 -4.62
CA LYS A 16 -8.99 3.12 -3.63
C LYS A 16 -8.13 4.30 -4.06
N LEU A 17 -6.84 4.04 -4.27
CA LEU A 17 -5.90 5.08 -4.68
C LEU A 17 -6.45 5.86 -5.88
N ALA A 18 -7.06 5.15 -6.81
CA ALA A 18 -7.62 5.78 -7.99
C ALA A 18 -8.85 6.63 -7.63
N TYR A 19 -9.68 6.10 -6.75
CA TYR A 19 -10.88 6.81 -6.31
C TYR A 19 -10.54 7.93 -5.33
N PHE A 20 -9.29 7.92 -4.85
CA PHE A 20 -8.84 8.93 -3.91
C PHE A 20 -8.14 10.08 -4.63
N ARG A 21 -8.50 11.30 -4.27
CA ARG A 21 -7.91 12.49 -4.88
C ARG A 21 -6.39 12.42 -4.83
N ILE A 22 -5.75 13.38 -5.49
CA ILE A 22 -4.29 13.44 -5.52
C ILE A 22 -3.70 13.34 -4.11
N LYS A 23 -4.49 13.74 -3.12
CA LYS A 23 -4.05 13.70 -1.74
C LYS A 23 -3.47 12.34 -1.39
N GLU A 24 -4.19 11.27 -1.74
CA GLU A 24 -3.75 9.91 -1.47
C GLU A 24 -2.42 9.63 -2.18
N LEU A 25 -2.40 9.86 -3.48
CA LEU A 25 -1.19 9.63 -4.28
C LEU A 25 -0.01 10.39 -3.71
N LYS A 26 -0.26 11.62 -3.26
CA LYS A 26 0.79 12.45 -2.67
C LYS A 26 1.36 11.82 -1.42
N ASP A 27 0.49 11.33 -0.54
CA ASP A 27 0.91 10.69 0.70
C ASP A 27 1.81 9.50 0.41
N ILE A 28 1.43 8.69 -0.58
CA ILE A 28 2.21 7.51 -0.95
C ILE A 28 3.60 7.91 -1.43
N LEU A 29 3.64 8.75 -2.47
CA LEU A 29 4.91 9.20 -3.03
C LEU A 29 5.74 9.93 -1.98
N ASN A 30 5.06 10.60 -1.05
CA ASN A 30 5.73 11.34 0.00
C ASN A 30 6.50 10.39 0.92
N GLN A 31 5.85 9.31 1.32
CA GLN A 31 6.48 8.32 2.20
C GLN A 31 7.62 7.61 1.48
N LEU A 32 7.46 7.38 0.18
CA LEU A 32 8.47 6.70 -0.60
C LEU A 32 9.72 7.58 -0.75
N GLY A 33 9.51 8.89 -0.81
CA GLY A 33 10.63 9.81 -0.95
C GLY A 33 11.06 9.99 -2.39
N LEU A 34 10.08 10.12 -3.28
CA LEU A 34 10.37 10.30 -4.70
C LEU A 34 9.48 11.38 -5.30
N PRO A 35 9.58 12.60 -4.77
CA PRO A 35 8.79 13.74 -5.24
C PRO A 35 9.22 14.20 -6.63
N LYS A 36 8.83 13.45 -7.65
CA LYS A 36 9.17 13.79 -9.02
C LYS A 36 8.43 12.88 -10.01
N GLN A 37 7.11 12.88 -9.93
CA GLN A 37 6.29 12.05 -10.80
C GLN A 37 5.45 12.92 -11.74
N GLY A 38 4.64 12.27 -12.58
CA GLY A 38 3.80 13.00 -13.50
C GLY A 38 2.47 13.39 -12.89
N LYS A 39 1.38 12.94 -13.52
CA LYS A 39 0.04 13.23 -13.04
C LYS A 39 -0.52 12.08 -12.21
N LYS A 40 -1.78 12.19 -11.83
CA LYS A 40 -2.43 11.14 -11.05
C LYS A 40 -2.20 9.77 -11.66
N GLN A 41 -2.04 9.73 -12.98
CA GLN A 41 -1.82 8.47 -13.69
C GLN A 41 -0.41 7.95 -13.41
N ASP A 42 0.58 8.82 -13.54
CA ASP A 42 1.97 8.43 -13.31
C ASP A 42 2.16 7.92 -11.89
N LEU A 43 1.66 8.67 -10.91
CA LEU A 43 1.77 8.28 -9.50
C LEU A 43 1.07 6.96 -9.25
N ILE A 44 -0.21 6.89 -9.59
CA ILE A 44 -1.00 5.68 -9.39
C ILE A 44 -0.30 4.48 -10.01
N ASP A 45 0.10 4.61 -11.27
CA ASP A 45 0.79 3.53 -11.97
C ASP A 45 2.06 3.12 -11.23
N ARG A 46 2.69 4.08 -10.57
CA ARG A 46 3.92 3.82 -9.82
C ARG A 46 3.63 2.95 -8.61
N VAL A 47 2.61 3.31 -7.84
CA VAL A 47 2.23 2.56 -6.65
C VAL A 47 1.92 1.11 -6.99
N LEU A 48 0.97 0.91 -7.90
CA LEU A 48 0.57 -0.43 -8.30
C LEU A 48 1.76 -1.20 -8.86
N ALA A 49 2.57 -0.53 -9.67
CA ALA A 49 3.75 -1.15 -10.26
C ALA A 49 4.78 -1.49 -9.20
N LEU A 50 4.70 -0.82 -8.06
CA LEU A 50 5.62 -1.05 -6.96
C LEU A 50 5.23 -2.28 -6.14
N LEU A 51 3.92 -2.40 -5.89
CA LEU A 51 3.40 -3.53 -5.12
C LEU A 51 3.10 -4.72 -6.04
N THR A 52 3.25 -4.51 -7.34
CA THR A 52 2.99 -5.55 -8.33
C THR A 52 4.29 -5.99 -9.01
N ASP A 53 5.05 -5.02 -9.50
CA ASP A 53 6.30 -5.30 -10.18
C ASP A 53 7.48 -5.21 -9.21
N GLU A 54 7.20 -4.79 -7.97
CA GLU A 54 8.22 -4.67 -6.96
C GLU A 54 7.75 -5.23 -5.62
N GLN A 55 6.65 -5.98 -5.66
CA GLN A 55 6.09 -6.58 -4.46
C GLN A 55 7.19 -7.19 -3.59
N GLY A 56 8.11 -7.91 -4.24
CA GLY A 56 9.19 -8.54 -3.51
C GLY A 56 9.00 -10.04 -3.36
N GLN A 57 7.92 -10.55 -3.93
CA GLN A 57 7.62 -11.98 -3.86
C GLN A 57 7.63 -12.46 -2.41
N ARG A 58 7.41 -11.55 -1.49
CA ARG A 58 7.38 -11.87 -0.06
C ARG A 58 8.73 -12.44 0.38
N HIS A 59 9.77 -12.20 -0.42
CA HIS A 59 11.10 -12.69 -0.11
C HIS A 59 11.75 -11.84 1.00
N HIS A 60 12.14 -10.62 0.65
CA HIS A 60 12.76 -9.72 1.60
C HIS A 60 13.02 -8.35 0.97
N GLY A 61 13.31 -7.36 1.81
CA GLY A 61 13.57 -6.01 1.32
C GLY A 61 12.50 -5.04 1.73
N TRP A 62 12.12 -5.07 3.00
CA TRP A 62 11.09 -4.16 3.51
C TRP A 62 11.67 -3.22 4.56
N GLY A 63 12.04 -3.77 5.71
CA GLY A 63 12.60 -2.97 6.78
C GLY A 63 11.54 -2.38 7.69
N ARG A 64 10.29 -2.44 7.25
CA ARG A 64 9.17 -1.92 8.02
C ARG A 64 9.29 -0.40 8.17
N LYS A 65 10.23 0.20 7.44
CA LYS A 65 10.44 1.64 7.50
C LYS A 65 10.48 2.22 6.09
N ASN A 66 10.57 1.36 5.09
CA ASN A 66 10.62 1.80 3.70
C ASN A 66 9.44 2.71 3.38
N SER A 67 8.34 2.55 4.13
CA SER A 67 7.15 3.36 3.91
C SER A 67 6.79 3.44 2.44
N LEU A 68 7.05 2.35 1.72
CA LEU A 68 6.76 2.29 0.29
C LEU A 68 6.33 0.88 -0.12
N THR A 69 5.85 0.11 0.85
CA THR A 69 5.41 -1.25 0.58
C THR A 69 3.89 -1.38 0.71
N LYS A 70 3.38 -2.59 0.50
CA LYS A 70 1.95 -2.85 0.60
C LYS A 70 1.40 -2.31 1.92
N GLU A 71 2.22 -2.30 2.95
CA GLU A 71 1.81 -1.82 4.26
C GLU A 71 1.51 -0.32 4.22
N ALA A 72 2.41 0.44 3.62
CA ALA A 72 2.24 1.88 3.50
C ALA A 72 1.04 2.23 2.63
N VAL A 73 0.99 1.66 1.43
CA VAL A 73 -0.10 1.92 0.50
C VAL A 73 -1.45 1.57 1.15
N ALA A 74 -1.50 0.43 1.81
CA ALA A 74 -2.74 0.00 2.47
C ALA A 74 -3.02 0.85 3.70
N LYS A 75 -1.97 1.38 4.32
CA LYS A 75 -2.12 2.22 5.50
C LYS A 75 -2.87 3.50 5.18
N ILE A 76 -2.44 4.18 4.11
CA ILE A 76 -3.07 5.43 3.69
C ILE A 76 -4.44 5.17 3.09
N VAL A 77 -4.55 4.09 2.31
CA VAL A 77 -5.82 3.73 1.68
C VAL A 77 -6.91 3.49 2.73
N ASP A 78 -6.54 2.81 3.80
CA ASP A 78 -7.48 2.51 4.87
C ASP A 78 -7.83 3.78 5.65
N ASP A 79 -6.81 4.52 6.06
CA ASP A 79 -7.00 5.76 6.81
C ASP A 79 -7.82 6.76 6.01
N THR A 80 -7.53 6.85 4.72
CA THR A 80 -8.22 7.78 3.84
C THR A 80 -9.68 7.36 3.66
N TYR A 81 -9.91 6.07 3.49
CA TYR A 81 -11.26 5.55 3.31
C TYR A 81 -12.10 5.74 4.57
N ARG A 82 -11.56 5.28 5.70
CA ARG A 82 -12.26 5.41 6.97
C ARG A 82 -12.54 6.87 7.31
N LYS A 83 -11.59 7.74 6.95
CA LYS A 83 -11.75 9.16 7.20
C LYS A 83 -12.63 9.82 6.15
N MET A 84 -12.73 9.19 4.99
CA MET A 84 -13.55 9.70 3.90
C MET A 84 -15.03 9.64 4.26
N GLN A 85 -15.51 8.44 4.55
CA GLN A 85 -16.92 8.24 4.91
C GLN A 85 -17.06 7.18 6.00
N ILE A 86 -15.93 6.65 6.46
CA ILE A 86 -15.93 5.63 7.49
C ILE A 86 -16.60 4.36 7.02
N GLN A 87 -15.83 3.26 6.98
CA GLN A 87 -16.37 1.98 6.54
C GLN A 87 -16.60 1.05 7.73
N CYS A 88 -16.73 -0.25 7.45
CA CYS A 88 -16.97 -1.24 8.49
C CYS A 88 -15.65 -1.74 9.07
N ALA A 89 -14.68 -0.84 9.21
CA ALA A 89 -13.37 -1.20 9.74
C ALA A 89 -12.81 -2.44 9.05
N PRO A 90 -12.28 -2.24 7.84
CA PRO A 90 -11.70 -3.34 7.05
C PRO A 90 -10.40 -3.87 7.65
N ASP A 91 -9.92 -3.20 8.69
CA ASP A 91 -8.70 -3.60 9.35
C ASP A 91 -7.56 -3.78 8.35
N LEU A 92 -7.57 -2.97 7.30
CA LEU A 92 -6.55 -3.04 6.26
C LEU A 92 -6.58 -4.39 5.56
N ALA A 93 -7.71 -4.69 4.92
CA ALA A 93 -7.87 -5.94 4.20
C ALA A 93 -7.54 -7.14 5.09
N THR A 94 -7.75 -6.97 6.39
CA THR A 94 -7.47 -8.03 7.36
C THR A 94 -5.98 -8.34 7.40
N ARG A 95 -5.32 -7.88 8.46
CA ARG A 95 -3.89 -8.12 8.63
C ARG A 95 -3.64 -9.32 9.52
N SER A 96 -4.64 -10.20 9.61
CA SER A 96 -4.52 -11.40 10.44
C SER A 96 -4.04 -12.59 9.61
N HIS A 97 -3.06 -12.34 8.75
CA HIS A 97 -2.51 -13.38 7.89
C HIS A 97 -0.99 -13.48 8.06
N SER A 98 -0.52 -13.14 9.25
CA SER A 98 0.91 -13.19 9.54
C SER A 98 1.17 -13.02 11.03
N GLY A 99 2.15 -13.77 11.55
CA GLY A 99 2.48 -13.68 12.96
C GLY A 99 3.23 -12.41 13.31
N SER A 100 4.36 -12.21 12.64
CA SER A 100 5.20 -11.04 12.89
C SER A 100 5.84 -11.11 14.27
N ASP A 101 5.76 -12.27 14.90
CA ASP A 101 6.34 -12.47 16.22
C ASP A 101 7.38 -13.59 16.20
N PHE A 102 7.55 -14.20 15.03
CA PHE A 102 8.51 -15.28 14.87
C PHE A 102 9.75 -14.81 14.12
N SER A 103 9.85 -13.50 13.92
CA SER A 103 10.97 -12.91 13.21
C SER A 103 10.98 -11.39 13.36
N PHE A 104 10.81 -10.92 14.59
CA PHE A 104 10.79 -9.49 14.86
C PHE A 104 12.19 -8.90 14.79
N ARG A 105 12.70 -8.76 13.57
CA ARG A 105 14.03 -8.20 13.35
C ARG A 105 14.22 -6.90 14.13
N PRO A 106 15.48 -6.55 14.41
CA PRO A 106 15.81 -5.33 15.14
C PRO A 106 15.55 -4.07 14.32
N ILE A 107 15.97 -2.92 14.85
CA ILE A 107 15.78 -1.64 14.17
C ILE A 107 16.99 -0.73 14.35
N GLU A 108 18.17 -1.34 14.46
CA GLU A 108 19.39 -0.58 14.65
C GLU A 108 19.26 0.41 15.80
N GLU A 109 18.59 -0.01 16.86
CA GLU A 109 18.38 0.83 18.03
C GLU A 109 19.69 1.07 18.77
N ALA A 110 20.46 2.05 18.32
CA ALA A 110 21.74 2.37 18.95
C ALA A 110 22.09 3.85 18.75
N GLY A 1 -7.50 -15.64 -0.55
CA GLY A 1 -7.45 -16.78 0.33
C GLY A 1 -6.37 -17.78 -0.08
N SER A 2 -5.97 -18.63 0.86
CA SER A 2 -4.95 -19.63 0.59
C SER A 2 -3.61 -18.96 0.24
N HIS A 3 -3.24 -17.97 1.04
CA HIS A 3 -1.99 -17.25 0.84
C HIS A 3 -2.00 -16.54 -0.52
N MET A 4 -3.08 -15.83 -0.80
CA MET A 4 -3.22 -15.11 -2.06
C MET A 4 -4.01 -13.81 -1.85
N ALA A 5 -3.32 -12.77 -1.41
CA ALA A 5 -3.96 -11.48 -1.17
C ALA A 5 -3.29 -10.39 -1.99
N SER A 6 -2.21 -10.73 -2.66
CA SER A 6 -1.47 -9.77 -3.48
C SER A 6 -2.40 -9.03 -4.43
N ALA A 7 -3.14 -9.78 -5.23
CA ALA A 7 -4.08 -9.19 -6.17
C ALA A 7 -5.18 -8.42 -5.45
N ASP A 8 -5.40 -8.76 -4.18
CA ASP A 8 -6.42 -8.10 -3.38
C ASP A 8 -5.94 -6.74 -2.88
N LEU A 9 -4.68 -6.68 -2.45
CA LEU A 9 -4.09 -5.45 -1.96
C LEU A 9 -3.89 -4.45 -3.09
N VAL A 10 -3.45 -4.96 -4.24
CA VAL A 10 -3.22 -4.11 -5.41
C VAL A 10 -4.53 -3.62 -6.01
N SER A 11 -5.43 -4.56 -6.28
CA SER A 11 -6.73 -4.22 -6.86
C SER A 11 -7.49 -3.26 -5.95
N SER A 12 -7.45 -3.52 -4.65
CA SER A 12 -8.14 -2.68 -3.68
C SER A 12 -7.49 -1.30 -3.59
N CYS A 13 -6.17 -1.29 -3.49
CA CYS A 13 -5.42 -0.03 -3.39
C CYS A 13 -5.63 0.82 -4.64
N LYS A 14 -5.66 0.18 -5.80
CA LYS A 14 -5.86 0.87 -7.05
C LYS A 14 -7.25 1.50 -7.13
N ASP A 15 -8.28 0.67 -6.93
CA ASP A 15 -9.66 1.14 -6.96
C ASP A 15 -9.83 2.35 -6.06
N LYS A 16 -9.38 2.22 -4.80
CA LYS A 16 -9.49 3.30 -3.83
C LYS A 16 -8.66 4.50 -4.25
N LEU A 17 -7.36 4.27 -4.43
CA LEU A 17 -6.44 5.34 -4.82
C LEU A 17 -6.98 6.10 -6.03
N ALA A 18 -7.56 5.37 -6.98
CA ALA A 18 -8.12 5.98 -8.18
C ALA A 18 -9.37 6.79 -7.85
N TYR A 19 -10.14 6.30 -6.89
CA TYR A 19 -11.36 6.98 -6.48
C TYR A 19 -11.06 8.13 -5.51
N PHE A 20 -9.82 8.17 -5.03
CA PHE A 20 -9.39 9.22 -4.10
C PHE A 20 -8.56 10.27 -4.81
N ARG A 21 -8.79 11.54 -4.47
CA ARG A 21 -8.06 12.64 -5.08
C ARG A 21 -6.56 12.40 -5.03
N ILE A 22 -5.81 13.24 -5.73
CA ILE A 22 -4.36 13.12 -5.76
C ILE A 22 -3.77 13.06 -4.35
N LYS A 23 -4.53 13.57 -3.38
CA LYS A 23 -4.09 13.57 -1.99
C LYS A 23 -3.50 12.22 -1.60
N GLU A 24 -4.23 11.16 -1.91
CA GLU A 24 -3.78 9.81 -1.60
C GLU A 24 -2.45 9.50 -2.29
N LEU A 25 -2.43 9.69 -3.60
CA LEU A 25 -1.22 9.43 -4.40
C LEU A 25 -0.05 10.28 -3.90
N LYS A 26 -0.37 11.46 -3.38
CA LYS A 26 0.65 12.36 -2.87
C LYS A 26 1.29 11.80 -1.60
N ASP A 27 0.45 11.30 -0.69
CA ASP A 27 0.93 10.74 0.56
C ASP A 27 1.80 9.51 0.30
N ILE A 28 1.40 8.70 -0.67
CA ILE A 28 2.14 7.49 -1.01
C ILE A 28 3.49 7.84 -1.63
N LEU A 29 3.47 8.60 -2.72
CA LEU A 29 4.70 9.00 -3.40
C LEU A 29 5.60 9.80 -2.46
N ASN A 30 5.00 10.46 -1.48
CA ASN A 30 5.75 11.25 -0.51
C ASN A 30 6.48 10.36 0.49
N GLN A 31 5.77 9.36 1.00
CA GLN A 31 6.36 8.43 1.96
C GLN A 31 7.40 7.54 1.30
N LEU A 32 7.24 7.30 0.00
CA LEU A 32 8.16 6.47 -0.75
C LEU A 32 9.53 7.14 -0.85
N GLY A 33 9.53 8.47 -0.81
CA GLY A 33 10.78 9.21 -0.90
C GLY A 33 11.19 9.49 -2.34
N LEU A 34 10.19 9.57 -3.23
CA LEU A 34 10.46 9.84 -4.64
C LEU A 34 9.56 10.95 -5.16
N PRO A 35 9.64 12.13 -4.51
CA PRO A 35 8.85 13.30 -4.88
C PRO A 35 9.29 13.90 -6.21
N LYS A 36 8.87 13.27 -7.31
CA LYS A 36 9.23 13.74 -8.64
C LYS A 36 8.55 12.90 -9.72
N GLN A 37 7.22 12.83 -9.66
CA GLN A 37 6.45 12.05 -10.63
C GLN A 37 5.77 12.98 -11.64
N GLY A 38 4.91 12.39 -12.46
CA GLY A 38 4.20 13.16 -13.46
C GLY A 38 2.80 13.54 -13.02
N LYS A 39 1.80 13.09 -13.77
CA LYS A 39 0.40 13.38 -13.46
C LYS A 39 -0.24 12.19 -12.74
N LYS A 40 -1.55 12.27 -12.53
CA LYS A 40 -2.29 11.22 -11.85
C LYS A 40 -1.97 9.86 -12.47
N GLN A 41 -1.63 9.85 -13.75
CA GLN A 41 -1.30 8.62 -14.45
C GLN A 41 0.04 8.06 -13.97
N ASP A 42 1.05 8.92 -13.89
CA ASP A 42 2.37 8.50 -13.44
C ASP A 42 2.32 7.98 -12.00
N LEU A 43 1.66 8.75 -11.14
CA LEU A 43 1.54 8.37 -9.72
C LEU A 43 0.84 7.01 -9.59
N ILE A 44 -0.36 6.92 -10.15
CA ILE A 44 -1.13 5.69 -10.09
C ILE A 44 -0.30 4.49 -10.57
N ASP A 45 0.26 4.62 -11.77
CA ASP A 45 1.07 3.56 -12.35
C ASP A 45 2.24 3.21 -11.43
N ARG A 46 2.72 4.21 -10.68
CA ARG A 46 3.83 4.00 -9.76
C ARG A 46 3.42 3.11 -8.60
N VAL A 47 2.30 3.43 -7.97
CA VAL A 47 1.79 2.65 -6.85
C VAL A 47 1.59 1.19 -7.23
N LEU A 48 0.81 0.96 -8.28
CA LEU A 48 0.53 -0.39 -8.75
C LEU A 48 1.83 -1.10 -9.15
N ALA A 49 2.74 -0.35 -9.76
CA ALA A 49 4.02 -0.90 -10.19
C ALA A 49 4.86 -1.33 -8.99
N LEU A 50 4.62 -0.70 -7.86
CA LEU A 50 5.36 -1.01 -6.64
C LEU A 50 4.81 -2.28 -5.98
N LEU A 51 3.49 -2.38 -5.90
CA LEU A 51 2.83 -3.53 -5.30
C LEU A 51 2.75 -4.69 -6.29
N THR A 52 3.13 -4.42 -7.53
CA THR A 52 3.10 -5.44 -8.57
C THR A 52 4.51 -5.80 -9.02
N ASP A 53 5.21 -4.84 -9.59
CA ASP A 53 6.57 -5.05 -10.07
C ASP A 53 7.56 -5.11 -8.91
N GLU A 54 7.08 -4.74 -7.72
CA GLU A 54 7.92 -4.76 -6.52
C GLU A 54 7.25 -5.53 -5.40
N GLN A 55 6.34 -6.43 -5.76
CA GLN A 55 5.63 -7.24 -4.78
C GLN A 55 6.55 -8.31 -4.19
N GLY A 56 7.77 -8.37 -4.69
CA GLY A 56 8.73 -9.35 -4.20
C GLY A 56 9.17 -9.07 -2.79
N GLN A 57 8.77 -7.91 -2.25
CA GLN A 57 9.14 -7.53 -0.90
C GLN A 57 8.30 -8.28 0.13
N ARG A 58 8.38 -9.61 0.10
CA ARG A 58 7.63 -10.45 1.02
C ARG A 58 8.57 -11.26 1.91
N HIS A 59 9.84 -11.30 1.53
CA HIS A 59 10.85 -12.05 2.28
C HIS A 59 11.29 -11.26 3.51
N HIS A 60 12.05 -10.19 3.29
CA HIS A 60 12.55 -9.36 4.38
C HIS A 60 13.29 -8.14 3.83
N GLY A 61 13.48 -7.13 4.68
CA GLY A 61 14.17 -5.93 4.28
C GLY A 61 13.24 -4.75 4.11
N TRP A 62 12.33 -4.58 5.07
CA TRP A 62 11.37 -3.48 5.03
C TRP A 62 11.61 -2.50 6.18
N GLY A 63 11.24 -2.91 7.38
CA GLY A 63 11.43 -2.06 8.54
C GLY A 63 10.17 -1.93 9.37
N ARG A 64 9.08 -2.55 8.91
CA ARG A 64 7.81 -2.50 9.62
C ARG A 64 7.25 -1.08 9.62
N LYS A 65 7.86 -0.20 8.83
CA LYS A 65 7.42 1.18 8.74
C LYS A 65 8.31 1.97 7.78
N ASN A 66 8.75 1.31 6.72
CA ASN A 66 9.60 1.95 5.72
C ASN A 66 8.81 2.97 4.90
N SER A 67 7.50 2.98 5.08
CA SER A 67 6.63 3.90 4.35
C SER A 67 6.93 3.86 2.86
N LEU A 68 7.12 2.65 2.33
CA LEU A 68 7.41 2.47 0.92
C LEU A 68 7.13 1.04 0.47
N THR A 69 6.16 0.41 1.12
CA THR A 69 5.80 -0.96 0.80
C THR A 69 4.28 -1.15 0.83
N LYS A 70 3.84 -2.38 0.55
CA LYS A 70 2.42 -2.68 0.55
C LYS A 70 1.76 -2.26 1.86
N GLU A 71 2.52 -2.36 2.95
CA GLU A 71 2.00 -1.97 4.27
C GLU A 71 1.66 -0.48 4.30
N ALA A 72 2.57 0.33 3.79
CA ALA A 72 2.35 1.78 3.76
C ALA A 72 1.16 2.14 2.88
N VAL A 73 1.15 1.62 1.66
CA VAL A 73 0.06 1.89 0.73
C VAL A 73 -1.29 1.52 1.33
N ALA A 74 -1.36 0.32 1.92
CA ALA A 74 -2.59 -0.15 2.53
C ALA A 74 -2.91 0.64 3.80
N LYS A 75 -1.88 1.15 4.46
CA LYS A 75 -2.05 1.93 5.68
C LYS A 75 -2.86 3.20 5.40
N ILE A 76 -2.45 3.94 4.38
CA ILE A 76 -3.14 5.17 4.01
C ILE A 76 -4.49 4.88 3.37
N VAL A 77 -4.56 3.78 2.63
CA VAL A 77 -5.79 3.39 1.95
C VAL A 77 -6.92 3.18 2.96
N ASP A 78 -6.62 2.45 4.03
CA ASP A 78 -7.60 2.17 5.07
C ASP A 78 -7.85 3.41 5.94
N ASP A 79 -6.78 4.14 6.23
CA ASP A 79 -6.87 5.35 7.04
C ASP A 79 -7.74 6.40 6.35
N THR A 80 -7.43 6.69 5.09
CA THR A 80 -8.17 7.68 4.32
C THR A 80 -9.59 7.20 4.04
N TYR A 81 -9.74 5.90 3.78
CA TYR A 81 -11.04 5.31 3.50
C TYR A 81 -11.93 5.35 4.74
N ARG A 82 -11.42 4.81 5.83
CA ARG A 82 -12.17 4.78 7.09
C ARG A 82 -12.52 6.20 7.54
N LYS A 83 -11.64 7.13 7.27
CA LYS A 83 -11.85 8.53 7.65
C LYS A 83 -12.76 9.24 6.64
N MET A 84 -12.78 8.72 5.42
CA MET A 84 -13.60 9.30 4.36
C MET A 84 -15.08 9.15 4.68
N GLN A 85 -15.51 7.91 4.89
CA GLN A 85 -16.91 7.63 5.21
C GLN A 85 -17.03 6.43 6.13
N ILE A 86 -15.91 6.03 6.72
CA ILE A 86 -15.88 4.89 7.63
C ILE A 86 -16.75 3.74 7.10
N GLN A 87 -16.14 2.87 6.30
CA GLN A 87 -16.84 1.74 5.73
C GLN A 87 -17.33 0.79 6.83
N CYS A 88 -16.40 0.00 7.37
CA CYS A 88 -16.74 -0.95 8.43
C CYS A 88 -15.51 -1.78 8.81
N ALA A 89 -14.34 -1.17 8.74
CA ALA A 89 -13.10 -1.85 9.08
C ALA A 89 -12.98 -3.17 8.34
N PRO A 90 -12.66 -3.10 7.03
CA PRO A 90 -12.51 -4.29 6.18
C PRO A 90 -11.27 -5.09 6.54
N ASP A 91 -10.46 -4.56 7.45
CA ASP A 91 -9.25 -5.24 7.87
C ASP A 91 -8.24 -5.33 6.72
N LEU A 92 -7.56 -4.23 6.46
CA LEU A 92 -6.56 -4.19 5.38
C LEU A 92 -5.50 -5.25 5.59
N ALA A 93 -5.37 -5.74 6.82
CA ALA A 93 -4.39 -6.77 7.14
C ALA A 93 -2.98 -6.23 7.02
N THR A 94 -2.60 -5.36 7.96
CA THR A 94 -1.27 -4.77 7.96
C THR A 94 -0.19 -5.83 7.80
N ARG A 95 -0.01 -6.66 8.82
CA ARG A 95 0.98 -7.71 8.80
C ARG A 95 0.66 -8.79 9.83
N SER A 96 -0.61 -8.90 10.19
CA SER A 96 -1.05 -9.88 11.18
C SER A 96 -1.75 -11.06 10.50
N HIS A 97 -1.04 -11.72 9.59
CA HIS A 97 -1.59 -12.86 8.87
C HIS A 97 -0.60 -14.03 8.85
N SER A 98 0.28 -14.06 9.84
CA SER A 98 1.29 -15.12 9.92
C SER A 98 1.73 -15.33 11.36
N GLY A 99 2.81 -16.09 11.54
CA GLY A 99 3.32 -16.36 12.87
C GLY A 99 4.39 -15.37 13.29
N SER A 100 5.60 -15.87 13.52
CA SER A 100 6.71 -15.03 13.92
C SER A 100 7.98 -15.85 14.09
N ASP A 101 8.09 -16.93 13.32
CA ASP A 101 9.26 -17.80 13.38
C ASP A 101 9.85 -18.01 11.99
N PHE A 102 9.17 -17.46 10.98
CA PHE A 102 9.62 -17.60 9.60
C PHE A 102 10.29 -16.32 9.12
N SER A 103 10.53 -15.40 10.05
CA SER A 103 11.16 -14.12 9.71
C SER A 103 11.40 -13.29 10.97
N PHE A 104 12.18 -13.83 11.89
CA PHE A 104 12.48 -13.15 13.14
C PHE A 104 13.53 -12.05 12.92
N ARG A 105 13.17 -11.06 12.12
CA ARG A 105 14.07 -9.95 11.82
C ARG A 105 14.67 -9.39 13.10
N PRO A 106 15.97 -9.65 13.32
CA PRO A 106 16.69 -9.17 14.50
C PRO A 106 16.90 -7.66 14.49
N ILE A 107 15.99 -6.93 15.13
CA ILE A 107 16.08 -5.48 15.19
C ILE A 107 15.66 -4.96 16.57
N GLU A 108 15.96 -5.73 17.60
CA GLU A 108 15.62 -5.34 18.97
C GLU A 108 16.09 -3.93 19.27
N GLU A 109 17.19 -3.52 18.64
CA GLU A 109 17.75 -2.19 18.84
C GLU A 109 16.84 -1.13 18.24
N ALA A 110 15.83 -0.71 19.00
CA ALA A 110 14.89 0.31 18.54
C ALA A 110 14.06 0.85 19.69
N GLY A 1 -7.67 -15.59 -0.55
CA GLY A 1 -8.39 -16.69 0.07
C GLY A 1 -7.47 -17.75 0.63
N SER A 2 -6.80 -18.48 -0.25
CA SER A 2 -5.89 -19.54 0.16
C SER A 2 -4.44 -19.07 0.08
N HIS A 3 -3.98 -18.81 -1.14
CA HIS A 3 -2.61 -18.36 -1.37
C HIS A 3 -2.54 -17.44 -2.58
N MET A 4 -3.48 -16.51 -2.68
CA MET A 4 -3.52 -15.57 -3.79
C MET A 4 -4.16 -14.25 -3.36
N ALA A 5 -3.34 -13.35 -2.83
CA ALA A 5 -3.82 -12.04 -2.39
C ALA A 5 -3.23 -10.91 -3.23
N SER A 6 -2.30 -11.27 -4.11
CA SER A 6 -1.65 -10.29 -4.97
C SER A 6 -2.69 -9.45 -5.71
N ALA A 7 -3.60 -10.12 -6.41
CA ALA A 7 -4.65 -9.44 -7.16
C ALA A 7 -5.60 -8.71 -6.22
N ASP A 8 -5.63 -9.13 -4.96
CA ASP A 8 -6.50 -8.51 -3.96
C ASP A 8 -5.92 -7.18 -3.49
N LEU A 9 -4.62 -7.16 -3.21
CA LEU A 9 -3.95 -5.96 -2.75
C LEU A 9 -3.86 -4.93 -3.87
N VAL A 10 -3.55 -5.39 -5.07
CA VAL A 10 -3.43 -4.52 -6.23
C VAL A 10 -4.78 -3.93 -6.62
N SER A 11 -5.77 -4.80 -6.77
CA SER A 11 -7.12 -4.37 -7.15
C SER A 11 -7.71 -3.45 -6.08
N SER A 12 -7.43 -3.76 -4.82
CA SER A 12 -7.94 -2.97 -3.71
C SER A 12 -7.21 -1.62 -3.62
N CYS A 13 -5.88 -1.68 -3.60
CA CYS A 13 -5.07 -0.47 -3.52
C CYS A 13 -5.32 0.44 -4.71
N LYS A 14 -5.46 -0.16 -5.89
CA LYS A 14 -5.71 0.59 -7.11
C LYS A 14 -7.08 1.25 -7.07
N ASP A 15 -8.11 0.45 -6.83
CA ASP A 15 -9.47 0.96 -6.76
C ASP A 15 -9.57 2.15 -5.81
N LYS A 16 -8.95 2.02 -4.64
CA LYS A 16 -8.96 3.08 -3.65
C LYS A 16 -8.12 4.26 -4.11
N LEU A 17 -6.89 3.99 -4.49
CA LEU A 17 -5.97 5.03 -4.95
C LEU A 17 -6.63 5.85 -6.07
N ALA A 18 -7.30 5.17 -6.98
CA ALA A 18 -7.97 5.84 -8.09
C ALA A 18 -9.15 6.66 -7.61
N TYR A 19 -9.94 6.10 -6.71
CA TYR A 19 -11.11 6.78 -6.16
C TYR A 19 -10.69 7.89 -5.20
N PHE A 20 -9.43 7.87 -4.79
CA PHE A 20 -8.91 8.87 -3.87
C PHE A 20 -8.16 9.97 -4.64
N ARG A 21 -8.47 11.22 -4.31
CA ARG A 21 -7.84 12.36 -4.96
C ARG A 21 -6.32 12.21 -4.95
N ILE A 22 -5.63 13.09 -5.69
CA ILE A 22 -4.19 13.05 -5.76
C ILE A 22 -3.57 13.03 -4.36
N LYS A 23 -4.31 13.54 -3.38
CA LYS A 23 -3.83 13.56 -2.01
C LYS A 23 -3.28 12.21 -1.59
N GLU A 24 -4.05 11.15 -1.85
CA GLU A 24 -3.63 9.80 -1.51
C GLU A 24 -2.30 9.45 -2.19
N LEU A 25 -2.26 9.63 -3.50
CA LEU A 25 -1.05 9.33 -4.27
C LEU A 25 0.12 10.18 -3.79
N LYS A 26 -0.18 11.40 -3.35
CA LYS A 26 0.85 12.31 -2.86
C LYS A 26 1.51 11.75 -1.59
N ASP A 27 0.68 11.33 -0.65
CA ASP A 27 1.19 10.77 0.61
C ASP A 27 2.02 9.53 0.36
N ILE A 28 1.57 8.68 -0.56
CA ILE A 28 2.27 7.46 -0.90
C ILE A 28 3.62 7.76 -1.54
N LEU A 29 3.58 8.49 -2.65
CA LEU A 29 4.81 8.84 -3.37
C LEU A 29 5.74 9.65 -2.47
N ASN A 30 5.17 10.33 -1.49
CA ASN A 30 5.96 11.15 -0.56
C ASN A 30 6.72 10.26 0.41
N GLN A 31 6.04 9.25 0.95
CA GLN A 31 6.65 8.34 1.90
C GLN A 31 7.59 7.36 1.19
N LEU A 32 7.35 7.16 -0.11
CA LEU A 32 8.17 6.25 -0.90
C LEU A 32 9.59 6.77 -1.02
N GLY A 33 9.74 8.09 -1.06
CA GLY A 33 11.06 8.70 -1.18
C GLY A 33 11.37 9.14 -2.59
N LEU A 34 10.33 9.35 -3.39
CA LEU A 34 10.49 9.79 -4.77
C LEU A 34 9.41 10.79 -5.16
N PRO A 35 9.32 11.88 -4.38
CA PRO A 35 8.32 12.93 -4.63
C PRO A 35 8.64 13.73 -5.90
N LYS A 36 8.37 13.13 -7.06
CA LYS A 36 8.62 13.78 -8.33
C LYS A 36 8.07 12.95 -9.49
N GLN A 37 6.76 12.69 -9.45
CA GLN A 37 6.11 11.91 -10.50
C GLN A 37 5.41 12.81 -11.50
N GLY A 38 4.73 12.20 -12.47
CA GLY A 38 4.03 12.96 -13.47
C GLY A 38 2.64 13.38 -13.02
N LYS A 39 1.63 13.01 -13.80
CA LYS A 39 0.24 13.35 -13.47
C LYS A 39 -0.44 12.17 -12.77
N LYS A 40 -1.75 12.32 -12.54
CA LYS A 40 -2.53 11.28 -11.88
C LYS A 40 -2.26 9.92 -12.51
N GLN A 41 -1.96 9.91 -13.82
CA GLN A 41 -1.68 8.68 -14.53
C GLN A 41 -0.33 8.11 -14.12
N ASP A 42 0.70 8.94 -14.19
CA ASP A 42 2.05 8.52 -13.82
C ASP A 42 2.10 8.01 -12.38
N LEU A 43 1.50 8.78 -11.47
CA LEU A 43 1.47 8.41 -10.06
C LEU A 43 0.79 7.06 -9.86
N ILE A 44 -0.43 6.94 -10.38
CA ILE A 44 -1.19 5.70 -10.26
C ILE A 44 -0.37 4.51 -10.74
N ASP A 45 0.22 4.63 -11.93
CA ASP A 45 1.04 3.58 -12.50
C ASP A 45 2.21 3.24 -11.57
N ARG A 46 2.71 4.25 -10.88
CA ARG A 46 3.84 4.06 -9.97
C ARG A 46 3.43 3.21 -8.77
N VAL A 47 2.28 3.55 -8.17
CA VAL A 47 1.78 2.82 -7.01
C VAL A 47 1.58 1.35 -7.35
N LEU A 48 0.77 1.08 -8.36
CA LEU A 48 0.49 -0.29 -8.78
C LEU A 48 1.77 -1.03 -9.12
N ALA A 49 2.70 -0.32 -9.77
CA ALA A 49 3.98 -0.91 -10.15
C ALA A 49 4.83 -1.23 -8.92
N LEU A 50 4.58 -0.51 -7.84
CA LEU A 50 5.32 -0.71 -6.60
C LEU A 50 4.79 -1.93 -5.84
N LEU A 51 3.47 -2.05 -5.75
CA LEU A 51 2.85 -3.16 -5.06
C LEU A 51 2.80 -4.41 -5.95
N THR A 52 3.14 -4.22 -7.23
CA THR A 52 3.13 -5.32 -8.18
C THR A 52 4.55 -5.71 -8.57
N ASP A 53 5.27 -4.79 -9.21
CA ASP A 53 6.63 -5.04 -9.63
C ASP A 53 7.59 -4.96 -8.45
N GLU A 54 7.08 -4.48 -7.31
CA GLU A 54 7.90 -4.35 -6.11
C GLU A 54 7.17 -4.92 -4.90
N GLN A 55 6.22 -5.83 -5.16
CA GLN A 55 5.45 -6.44 -4.09
C GLN A 55 6.36 -7.03 -3.02
N GLY A 56 7.60 -7.33 -3.41
CA GLY A 56 8.56 -7.90 -2.47
C GLY A 56 8.37 -9.39 -2.27
N GLN A 57 8.05 -10.09 -3.36
CA GLN A 57 7.83 -11.53 -3.29
C GLN A 57 9.15 -12.29 -3.43
N ARG A 58 10.08 -11.72 -4.18
CA ARG A 58 11.38 -12.33 -4.40
C ARG A 58 12.50 -11.32 -4.17
N HIS A 59 12.41 -10.58 -3.08
CA HIS A 59 13.42 -9.58 -2.75
C HIS A 59 13.09 -8.88 -1.43
N HIS A 60 14.11 -8.66 -0.61
CA HIS A 60 13.92 -8.00 0.67
C HIS A 60 13.17 -6.69 0.51
N GLY A 61 11.88 -6.70 0.85
CA GLY A 61 11.06 -5.50 0.73
C GLY A 61 10.13 -5.32 1.91
N TRP A 62 10.70 -5.30 3.11
CA TRP A 62 9.91 -5.13 4.33
C TRP A 62 10.32 -3.86 5.07
N GLY A 63 11.59 -3.80 5.49
CA GLY A 63 12.08 -2.65 6.20
C GLY A 63 11.22 -2.29 7.39
N ARG A 64 10.52 -3.27 7.93
CA ARG A 64 9.64 -3.05 9.08
C ARG A 64 8.91 -1.71 8.96
N LYS A 65 8.01 -1.63 7.98
CA LYS A 65 7.25 -0.40 7.76
C LYS A 65 8.16 0.73 7.31
N ASN A 66 8.71 0.60 6.11
CA ASN A 66 9.61 1.61 5.56
C ASN A 66 8.81 2.68 4.82
N SER A 67 7.50 2.71 5.03
CA SER A 67 6.63 3.68 4.37
C SER A 67 6.89 3.70 2.87
N LEU A 68 7.06 2.51 2.29
CA LEU A 68 7.31 2.40 0.85
C LEU A 68 6.97 1.00 0.36
N THR A 69 6.09 0.31 1.08
CA THR A 69 5.69 -1.03 0.71
C THR A 69 4.16 -1.18 0.75
N LYS A 70 3.68 -2.37 0.45
CA LYS A 70 2.25 -2.64 0.44
C LYS A 70 1.61 -2.18 1.75
N GLU A 71 2.34 -2.37 2.85
CA GLU A 71 1.84 -1.98 4.16
C GLU A 71 1.59 -0.47 4.22
N ALA A 72 2.52 0.29 3.67
CA ALA A 72 2.41 1.75 3.67
C ALA A 72 1.21 2.20 2.83
N VAL A 73 1.15 1.74 1.59
CA VAL A 73 0.06 2.09 0.69
C VAL A 73 -1.29 1.77 1.32
N ALA A 74 -1.40 0.58 1.90
CA ALA A 74 -2.64 0.16 2.54
C ALA A 74 -2.91 0.96 3.80
N LYS A 75 -1.84 1.39 4.47
CA LYS A 75 -1.97 2.17 5.69
C LYS A 75 -2.69 3.49 5.42
N ILE A 76 -2.22 4.22 4.41
CA ILE A 76 -2.81 5.50 4.05
C ILE A 76 -4.23 5.31 3.52
N VAL A 77 -4.37 4.43 2.53
CA VAL A 77 -5.66 4.16 1.92
C VAL A 77 -6.70 3.81 2.99
N ASP A 78 -6.28 3.04 3.99
CA ASP A 78 -7.17 2.64 5.07
C ASP A 78 -7.57 3.85 5.93
N ASP A 79 -6.60 4.69 6.25
CA ASP A 79 -6.85 5.88 7.06
C ASP A 79 -7.83 6.81 6.36
N THR A 80 -7.55 7.13 5.10
CA THR A 80 -8.40 8.02 4.33
C THR A 80 -9.81 7.45 4.19
N TYR A 81 -9.89 6.14 3.94
CA TYR A 81 -11.17 5.46 3.78
C TYR A 81 -11.94 5.44 5.10
N ARG A 82 -11.24 5.10 6.18
CA ARG A 82 -11.85 5.04 7.50
C ARG A 82 -12.51 6.36 7.86
N LYS A 83 -11.78 7.46 7.61
CA LYS A 83 -12.29 8.79 7.90
C LYS A 83 -13.27 9.26 6.83
N MET A 84 -13.14 8.68 5.63
CA MET A 84 -14.00 9.04 4.51
C MET A 84 -15.44 8.61 4.78
N GLN A 85 -15.63 7.31 4.98
CA GLN A 85 -16.96 6.77 5.24
C GLN A 85 -16.91 5.70 6.33
N ILE A 86 -15.70 5.33 6.73
CA ILE A 86 -15.51 4.31 7.76
C ILE A 86 -15.80 2.92 7.22
N GLN A 87 -17.02 2.74 6.71
CA GLN A 87 -17.43 1.45 6.15
C GLN A 87 -17.45 0.37 7.24
N CYS A 88 -16.41 -0.45 7.26
CA CYS A 88 -16.31 -1.52 8.24
C CYS A 88 -15.10 -2.41 7.95
N ALA A 89 -14.04 -1.81 7.42
CA ALA A 89 -12.82 -2.55 7.10
C ALA A 89 -13.12 -3.73 6.19
N PRO A 90 -12.94 -3.52 4.87
CA PRO A 90 -13.19 -4.55 3.86
C PRO A 90 -12.16 -5.68 3.93
N ASP A 91 -11.17 -5.52 4.80
CA ASP A 91 -10.13 -6.53 4.95
C ASP A 91 -9.30 -6.65 3.68
N LEU A 92 -8.36 -5.74 3.50
CA LEU A 92 -7.50 -5.76 2.32
C LEU A 92 -6.46 -6.87 2.40
N ALA A 93 -6.47 -7.59 3.53
CA ALA A 93 -5.54 -8.69 3.73
C ALA A 93 -4.11 -8.25 3.43
N THR A 94 -3.56 -7.39 4.28
CA THR A 94 -2.21 -6.90 4.09
C THR A 94 -1.26 -7.50 5.13
N ARG A 95 -0.87 -6.70 6.11
CA ARG A 95 0.03 -7.16 7.17
C ARG A 95 1.24 -7.87 6.56
N SER A 96 1.58 -7.52 5.33
CA SER A 96 2.70 -8.13 4.64
C SER A 96 2.59 -9.65 4.64
N HIS A 97 1.98 -10.19 3.60
CA HIS A 97 1.80 -11.64 3.47
C HIS A 97 3.12 -12.37 3.68
N SER A 98 3.98 -12.32 2.67
CA SER A 98 5.28 -12.99 2.75
C SER A 98 6.07 -12.79 1.46
N GLY A 99 7.39 -12.74 1.57
CA GLY A 99 8.24 -12.55 0.41
C GLY A 99 9.60 -12.00 0.78
N SER A 100 10.63 -12.83 0.63
CA SER A 100 11.99 -12.41 0.95
C SER A 100 12.96 -12.83 -0.15
N ASP A 101 14.25 -12.88 0.18
CA ASP A 101 15.27 -13.26 -0.77
C ASP A 101 15.09 -14.71 -1.22
N PHE A 102 14.19 -15.43 -0.54
CA PHE A 102 13.92 -16.82 -0.85
C PHE A 102 12.42 -17.10 -0.86
N SER A 103 11.63 -16.02 -0.84
CA SER A 103 10.18 -16.15 -0.83
C SER A 103 9.70 -16.85 0.44
N PHE A 104 9.10 -16.09 1.35
CA PHE A 104 8.60 -16.63 2.60
C PHE A 104 9.74 -17.21 3.44
N ARG A 105 10.71 -16.37 3.76
CA ARG A 105 11.86 -16.80 4.56
C ARG A 105 12.34 -15.67 5.46
N PRO A 106 11.80 -15.60 6.69
CA PRO A 106 12.17 -14.58 7.66
C PRO A 106 13.59 -14.76 8.20
N ILE A 107 13.93 -13.98 9.21
CA ILE A 107 15.26 -14.05 9.82
C ILE A 107 15.19 -13.87 11.33
N GLU A 108 14.10 -14.32 11.92
CA GLU A 108 13.91 -14.21 13.36
C GLU A 108 14.14 -12.77 13.83
N GLU A 109 13.68 -11.82 13.03
CA GLU A 109 13.85 -10.41 13.36
C GLU A 109 13.00 -10.02 14.56
N ALA A 110 13.53 -10.23 15.75
CA ALA A 110 12.82 -9.92 16.99
C ALA A 110 11.52 -10.71 17.10
N GLY A 1 -3.88 -16.47 1.89
CA GLY A 1 -2.51 -16.59 1.45
C GLY A 1 -1.80 -15.26 1.35
N SER A 2 -1.48 -14.86 0.13
CA SER A 2 -0.79 -13.59 -0.11
C SER A 2 -1.75 -12.55 -0.67
N HIS A 3 -2.82 -12.28 0.08
CA HIS A 3 -3.82 -11.31 -0.33
C HIS A 3 -4.42 -11.69 -1.68
N MET A 4 -4.75 -12.97 -1.84
CA MET A 4 -5.34 -13.46 -3.08
C MET A 4 -4.34 -13.36 -4.23
N ALA A 5 -3.11 -13.76 -3.97
CA ALA A 5 -2.06 -13.72 -4.98
C ALA A 5 -1.72 -12.28 -5.37
N SER A 6 -1.85 -11.37 -4.41
CA SER A 6 -1.57 -9.96 -4.65
C SER A 6 -2.70 -9.31 -5.46
N ALA A 7 -3.68 -10.12 -5.86
CA ALA A 7 -4.81 -9.63 -6.63
C ALA A 7 -5.74 -8.79 -5.77
N ASP A 8 -5.84 -9.15 -4.49
CA ASP A 8 -6.70 -8.43 -3.56
C ASP A 8 -6.04 -7.12 -3.12
N LEU A 9 -4.74 -7.17 -2.88
CA LEU A 9 -4.00 -5.99 -2.45
C LEU A 9 -3.90 -4.97 -3.57
N VAL A 10 -3.65 -5.45 -4.78
CA VAL A 10 -3.53 -4.58 -5.95
C VAL A 10 -4.88 -4.00 -6.34
N SER A 11 -5.87 -4.88 -6.50
CA SER A 11 -7.21 -4.46 -6.88
C SER A 11 -7.79 -3.48 -5.85
N SER A 12 -7.54 -3.76 -4.57
CA SER A 12 -8.02 -2.91 -3.50
C SER A 12 -7.28 -1.58 -3.47
N CYS A 13 -5.95 -1.66 -3.51
CA CYS A 13 -5.11 -0.46 -3.49
C CYS A 13 -5.43 0.43 -4.68
N LYS A 14 -5.55 -0.16 -5.86
CA LYS A 14 -5.85 0.58 -7.07
C LYS A 14 -7.21 1.25 -6.98
N ASP A 15 -8.24 0.46 -6.69
CA ASP A 15 -9.60 0.98 -6.58
C ASP A 15 -9.63 2.19 -5.64
N LYS A 16 -9.04 2.04 -4.47
CA LYS A 16 -9.01 3.12 -3.49
C LYS A 16 -8.17 4.29 -3.99
N LEU A 17 -6.94 4.00 -4.40
CA LEU A 17 -6.05 5.04 -4.91
C LEU A 17 -6.72 5.86 -6.00
N ALA A 18 -7.43 5.18 -6.90
CA ALA A 18 -8.14 5.84 -7.98
C ALA A 18 -9.30 6.68 -7.45
N TYR A 19 -9.99 6.16 -6.45
CA TYR A 19 -11.13 6.84 -5.86
C TYR A 19 -10.66 8.03 -5.01
N PHE A 20 -9.39 8.02 -4.62
CA PHE A 20 -8.82 9.08 -3.81
C PHE A 20 -8.07 10.08 -4.68
N ARG A 21 -8.33 11.37 -4.46
CA ARG A 21 -7.68 12.42 -5.23
C ARG A 21 -6.17 12.25 -5.22
N ILE A 22 -5.48 13.06 -6.01
CA ILE A 22 -4.03 13.00 -6.09
C ILE A 22 -3.39 13.07 -4.70
N LYS A 23 -4.12 13.65 -3.76
CA LYS A 23 -3.64 13.79 -2.39
C LYS A 23 -3.10 12.45 -1.87
N GLU A 24 -3.87 11.40 -2.04
CA GLU A 24 -3.47 10.07 -1.60
C GLU A 24 -2.20 9.62 -2.31
N LEU A 25 -2.22 9.68 -3.64
CA LEU A 25 -1.06 9.28 -4.43
C LEU A 25 0.17 10.10 -4.07
N LYS A 26 -0.07 11.36 -3.67
CA LYS A 26 1.01 12.25 -3.29
C LYS A 26 1.69 11.79 -2.01
N ASP A 27 0.87 11.47 -1.00
CA ASP A 27 1.39 10.99 0.28
C ASP A 27 2.17 9.69 0.11
N ILE A 28 1.64 8.80 -0.72
CA ILE A 28 2.29 7.52 -0.96
C ILE A 28 3.64 7.70 -1.65
N LEU A 29 3.61 8.34 -2.82
CA LEU A 29 4.83 8.58 -3.59
C LEU A 29 5.82 9.43 -2.78
N ASN A 30 5.28 10.24 -1.87
CA ASN A 30 6.11 11.10 -1.03
C ASN A 30 6.92 10.28 -0.03
N GLN A 31 6.24 9.34 0.62
CA GLN A 31 6.89 8.49 1.61
C GLN A 31 7.87 7.52 0.94
N LEU A 32 7.56 7.15 -0.30
CA LEU A 32 8.41 6.23 -1.04
C LEU A 32 9.74 6.88 -1.40
N GLY A 33 9.73 8.21 -1.49
CA GLY A 33 10.95 8.93 -1.82
C GLY A 33 10.95 9.46 -3.24
N LEU A 34 9.76 9.77 -3.75
CA LEU A 34 9.63 10.28 -5.11
C LEU A 34 9.41 11.79 -5.10
N PRO A 35 9.70 12.44 -6.24
CA PRO A 35 9.52 13.88 -6.40
C PRO A 35 8.05 14.30 -6.42
N LYS A 36 7.81 15.60 -6.24
CA LYS A 36 6.45 16.12 -6.23
C LYS A 36 5.77 15.88 -7.58
N GLN A 37 6.56 15.86 -8.65
CA GLN A 37 6.03 15.64 -9.98
C GLN A 37 5.32 14.28 -10.07
N GLY A 38 4.95 13.89 -11.29
CA GLY A 38 4.28 12.63 -11.48
C GLY A 38 2.79 12.78 -11.68
N LYS A 39 2.37 12.85 -12.94
CA LYS A 39 0.95 13.01 -13.27
C LYS A 39 0.12 11.88 -12.67
N LYS A 40 -1.19 11.98 -12.79
CA LYS A 40 -2.10 10.97 -12.26
C LYS A 40 -1.69 9.58 -12.74
N GLN A 41 -1.25 9.51 -14.00
CA GLN A 41 -0.84 8.24 -14.59
C GLN A 41 0.48 7.77 -13.98
N ASP A 42 1.45 8.68 -13.90
CA ASP A 42 2.76 8.36 -13.34
C ASP A 42 2.63 7.80 -11.93
N LEU A 43 1.87 8.50 -11.10
CA LEU A 43 1.65 8.07 -9.72
C LEU A 43 0.95 6.71 -9.66
N ILE A 44 -0.22 6.64 -10.28
CA ILE A 44 -0.99 5.40 -10.31
C ILE A 44 -0.13 4.23 -10.78
N ASP A 45 0.55 4.42 -11.90
CA ASP A 45 1.40 3.38 -12.47
C ASP A 45 2.52 3.02 -11.48
N ARG A 46 2.97 3.99 -10.71
CA ARG A 46 4.03 3.77 -9.73
C ARG A 46 3.55 2.88 -8.60
N VAL A 47 2.37 3.19 -8.07
CA VAL A 47 1.79 2.42 -6.97
C VAL A 47 1.58 0.96 -7.38
N LEU A 48 0.82 0.75 -8.44
CA LEU A 48 0.56 -0.60 -8.93
C LEU A 48 1.85 -1.33 -9.26
N ALA A 49 2.82 -0.59 -9.80
CA ALA A 49 4.11 -1.17 -10.16
C ALA A 49 4.88 -1.59 -8.91
N LEU A 50 4.61 -0.92 -7.80
CA LEU A 50 5.29 -1.23 -6.54
C LEU A 50 4.69 -2.48 -5.89
N LEU A 51 3.36 -2.54 -5.87
CA LEU A 51 2.66 -3.69 -5.28
C LEU A 51 2.67 -4.87 -6.23
N THR A 52 3.06 -4.63 -7.48
CA THR A 52 3.11 -5.68 -8.49
C THR A 52 4.54 -6.08 -8.81
N ASP A 53 5.29 -5.16 -9.41
CA ASP A 53 6.68 -5.41 -9.76
C ASP A 53 7.56 -5.44 -8.52
N GLU A 54 7.00 -5.00 -7.40
CA GLU A 54 7.73 -4.99 -6.13
C GLU A 54 6.90 -5.61 -5.01
N GLN A 55 5.96 -6.47 -5.38
CA GLN A 55 5.10 -7.14 -4.41
C GLN A 55 5.93 -7.82 -3.34
N GLY A 56 7.19 -8.11 -3.65
CA GLY A 56 8.06 -8.76 -2.70
C GLY A 56 9.35 -9.25 -3.34
N GLN A 57 10.08 -8.34 -3.97
CA GLN A 57 11.34 -8.68 -4.63
C GLN A 57 12.25 -9.45 -3.68
N ARG A 58 12.19 -9.12 -2.39
CA ARG A 58 13.01 -9.79 -1.39
C ARG A 58 14.49 -9.60 -1.70
N HIS A 59 15.02 -8.44 -1.35
CA HIS A 59 16.43 -8.13 -1.58
C HIS A 59 17.01 -7.30 -0.44
N HIS A 60 16.58 -6.05 -0.37
CA HIS A 60 17.06 -5.14 0.68
C HIS A 60 16.41 -3.77 0.56
N GLY A 61 15.10 -3.71 0.85
CA GLY A 61 14.39 -2.46 0.76
C GLY A 61 13.72 -2.09 2.07
N TRP A 62 14.52 -1.83 3.10
CA TRP A 62 14.00 -1.46 4.41
C TRP A 62 14.48 -0.09 4.82
N GLY A 63 15.80 0.05 5.01
CA GLY A 63 16.35 1.33 5.41
C GLY A 63 15.62 1.95 6.58
N ARG A 64 14.95 1.12 7.36
CA ARG A 64 14.20 1.60 8.51
C ARG A 64 13.34 2.80 8.14
N LYS A 65 12.96 2.88 6.88
CA LYS A 65 12.13 3.98 6.39
C LYS A 65 11.47 3.62 5.06
N ASN A 66 11.42 2.33 4.76
CA ASN A 66 10.81 1.85 3.53
C ASN A 66 9.29 1.90 3.61
N SER A 67 8.76 3.07 3.94
CA SER A 67 7.32 3.25 4.07
C SER A 67 6.67 3.35 2.70
N LEU A 68 6.91 2.35 1.86
CA LEU A 68 6.34 2.32 0.52
C LEU A 68 5.86 0.92 0.15
N THR A 69 5.77 0.05 1.17
CA THR A 69 5.32 -1.32 0.95
C THR A 69 3.81 -1.44 1.11
N LYS A 70 3.29 -2.65 0.97
CA LYS A 70 1.86 -2.90 1.11
C LYS A 70 1.31 -2.25 2.37
N GLU A 71 2.15 -2.18 3.40
CA GLU A 71 1.74 -1.58 4.67
C GLU A 71 1.53 -0.08 4.52
N ALA A 72 2.46 0.58 3.85
CA ALA A 72 2.37 2.02 3.63
C ALA A 72 1.17 2.38 2.76
N VAL A 73 1.09 1.75 1.59
CA VAL A 73 -0.01 2.01 0.66
C VAL A 73 -1.36 1.72 1.32
N ALA A 74 -1.43 0.62 2.05
CA ALA A 74 -2.67 0.25 2.73
C ALA A 74 -2.92 1.14 3.95
N LYS A 75 -1.84 1.69 4.50
CA LYS A 75 -1.94 2.57 5.66
C LYS A 75 -2.68 3.85 5.31
N ILE A 76 -2.28 4.48 4.21
CA ILE A 76 -2.91 5.72 3.77
C ILE A 76 -4.27 5.45 3.14
N VAL A 77 -4.34 4.38 2.35
CA VAL A 77 -5.59 4.01 1.68
C VAL A 77 -6.68 3.67 2.70
N ASP A 78 -6.30 2.94 3.74
CA ASP A 78 -7.23 2.55 4.79
C ASP A 78 -7.60 3.75 5.65
N ASP A 79 -6.60 4.48 6.12
CA ASP A 79 -6.82 5.64 6.96
C ASP A 79 -7.64 6.70 6.22
N THR A 80 -7.37 6.87 4.93
CA THR A 80 -8.09 7.85 4.12
C THR A 80 -9.53 7.41 3.89
N TYR A 81 -9.71 6.12 3.60
CA TYR A 81 -11.04 5.58 3.35
C TYR A 81 -11.88 5.59 4.63
N ARG A 82 -11.33 5.02 5.69
CA ARG A 82 -12.03 4.96 6.97
C ARG A 82 -12.37 6.36 7.46
N LYS A 83 -11.39 7.27 7.40
CA LYS A 83 -11.59 8.64 7.84
C LYS A 83 -12.57 9.37 6.93
N MET A 84 -12.56 9.02 5.64
CA MET A 84 -13.44 9.63 4.67
C MET A 84 -14.90 9.44 5.06
N GLN A 85 -15.31 8.18 5.23
CA GLN A 85 -16.68 7.87 5.60
C GLN A 85 -16.85 6.36 5.77
N ILE A 86 -15.76 5.68 6.10
CA ILE A 86 -15.80 4.23 6.30
C ILE A 86 -16.20 3.51 5.02
N GLN A 87 -17.51 3.52 4.72
CA GLN A 87 -18.02 2.87 3.53
C GLN A 87 -17.77 1.37 3.58
N CYS A 88 -17.62 0.76 2.40
CA CYS A 88 -17.38 -0.67 2.31
C CYS A 88 -16.55 -1.16 3.49
N ALA A 89 -15.33 -0.64 3.60
CA ALA A 89 -14.43 -1.01 4.69
C ALA A 89 -14.32 -2.53 4.80
N PRO A 90 -13.60 -3.15 3.84
CA PRO A 90 -13.40 -4.59 3.81
C PRO A 90 -12.49 -5.08 4.94
N ASP A 91 -11.99 -4.14 5.73
CA ASP A 91 -11.11 -4.47 6.85
C ASP A 91 -9.78 -5.02 6.34
N LEU A 92 -8.79 -4.14 6.24
CA LEU A 92 -7.46 -4.54 5.77
C LEU A 92 -7.10 -5.93 6.27
N ALA A 93 -6.86 -6.05 7.57
CA ALA A 93 -6.51 -7.32 8.17
C ALA A 93 -6.23 -7.17 9.66
N THR A 94 -6.98 -6.28 10.31
CA THR A 94 -6.81 -6.04 11.74
C THR A 94 -5.37 -5.69 12.07
N ARG A 95 -4.66 -5.11 11.11
CA ARG A 95 -3.26 -4.72 11.30
C ARG A 95 -2.39 -5.95 11.53
N SER A 96 -2.87 -7.10 11.08
CA SER A 96 -2.13 -8.35 11.23
C SER A 96 -1.12 -8.53 10.11
N HIS A 97 -1.56 -8.33 8.88
CA HIS A 97 -0.69 -8.46 7.71
C HIS A 97 0.14 -7.19 7.50
N SER A 98 -0.37 -6.07 8.01
CA SER A 98 0.32 -4.79 7.87
C SER A 98 0.05 -3.91 9.09
N GLY A 99 1.11 -3.65 9.87
CA GLY A 99 0.98 -2.82 11.04
C GLY A 99 1.25 -1.36 10.75
N SER A 100 2.28 -0.82 11.41
CA SER A 100 2.65 0.59 11.22
C SER A 100 3.83 0.95 12.11
N ASP A 101 4.69 -0.03 12.39
CA ASP A 101 5.86 0.20 13.23
C ASP A 101 7.13 -0.22 12.50
N PHE A 102 6.97 -0.80 11.32
CA PHE A 102 8.10 -1.25 10.52
C PHE A 102 8.45 -0.23 9.43
N SER A 103 7.82 0.94 9.51
CA SER A 103 8.06 1.99 8.54
C SER A 103 7.22 3.23 8.87
N PHE A 104 7.52 3.86 10.00
CA PHE A 104 6.81 5.05 10.43
C PHE A 104 7.70 6.28 10.35
N ARG A 105 8.51 6.35 9.30
CA ARG A 105 9.42 7.47 9.11
C ARG A 105 8.67 8.80 9.24
N PRO A 106 9.42 9.87 9.56
CA PRO A 106 8.86 11.21 9.71
C PRO A 106 8.39 11.81 8.40
N ILE A 107 8.02 13.09 8.42
CA ILE A 107 7.55 13.77 7.22
C ILE A 107 8.04 15.22 7.20
N GLU A 108 9.25 15.43 7.71
CA GLU A 108 9.84 16.77 7.74
C GLU A 108 9.78 17.42 6.36
N GLU A 109 10.68 16.99 5.48
CA GLU A 109 10.74 17.53 4.13
C GLU A 109 11.85 16.88 3.32
N ALA A 110 12.30 17.55 2.28
CA ALA A 110 13.37 17.03 1.43
C ALA A 110 14.18 18.17 0.82
N GLY A 1 -10.41 -18.00 -1.29
CA GLY A 1 -8.98 -17.79 -1.39
C GLY A 1 -8.25 -18.14 -0.11
N SER A 2 -7.03 -18.64 -0.24
CA SER A 2 -6.23 -19.03 0.92
C SER A 2 -4.83 -18.42 0.83
N HIS A 3 -4.24 -18.46 -0.36
CA HIS A 3 -2.91 -17.91 -0.58
C HIS A 3 -2.87 -17.04 -1.83
N MET A 4 -3.86 -16.15 -1.94
CA MET A 4 -3.93 -15.24 -3.09
C MET A 4 -4.50 -13.89 -2.67
N ALA A 5 -3.63 -13.02 -2.17
CA ALA A 5 -4.04 -11.69 -1.73
C ALA A 5 -3.42 -10.61 -2.62
N SER A 6 -2.45 -11.00 -3.43
CA SER A 6 -1.78 -10.07 -4.33
C SER A 6 -2.79 -9.25 -5.11
N ALA A 7 -3.69 -9.94 -5.81
CA ALA A 7 -4.71 -9.28 -6.61
C ALA A 7 -5.68 -8.49 -5.72
N ASP A 8 -5.73 -8.86 -4.45
CA ASP A 8 -6.62 -8.20 -3.49
C ASP A 8 -6.03 -6.87 -3.05
N LEU A 9 -4.73 -6.86 -2.77
CA LEU A 9 -4.05 -5.64 -2.34
C LEU A 9 -3.94 -4.64 -3.48
N VAL A 10 -3.63 -5.15 -4.67
CA VAL A 10 -3.50 -4.29 -5.85
C VAL A 10 -4.85 -3.71 -6.27
N SER A 11 -5.84 -4.59 -6.41
CA SER A 11 -7.18 -4.17 -6.81
C SER A 11 -7.78 -3.22 -5.78
N SER A 12 -7.53 -3.50 -4.50
CA SER A 12 -8.04 -2.68 -3.42
C SER A 12 -7.32 -1.33 -3.36
N CYS A 13 -5.99 -1.39 -3.36
CA CYS A 13 -5.17 -0.17 -3.32
C CYS A 13 -5.43 0.71 -4.53
N LYS A 14 -5.59 0.08 -5.70
CA LYS A 14 -5.84 0.81 -6.93
C LYS A 14 -7.21 1.47 -6.89
N ASP A 15 -8.24 0.68 -6.64
CA ASP A 15 -9.60 1.18 -6.58
C ASP A 15 -9.70 2.38 -5.63
N LYS A 16 -9.14 2.23 -4.44
CA LYS A 16 -9.15 3.29 -3.45
C LYS A 16 -8.31 4.47 -3.91
N LEU A 17 -7.03 4.23 -4.16
CA LEU A 17 -6.12 5.27 -4.61
C LEU A 17 -6.72 6.06 -5.77
N ALA A 18 -7.34 5.35 -6.70
CA ALA A 18 -7.96 5.98 -7.86
C ALA A 18 -9.16 6.82 -7.45
N TYR A 19 -9.93 6.31 -6.48
CA TYR A 19 -11.12 7.01 -6.01
C TYR A 19 -10.73 8.18 -5.13
N PHE A 20 -9.50 8.17 -4.63
CA PHE A 20 -9.00 9.24 -3.77
C PHE A 20 -8.32 10.33 -4.60
N ARG A 21 -8.50 11.58 -4.18
CA ARG A 21 -7.90 12.71 -4.88
C ARG A 21 -6.38 12.67 -4.78
N ILE A 22 -5.73 13.64 -5.43
CA ILE A 22 -4.27 13.72 -5.41
C ILE A 22 -3.73 13.60 -3.99
N LYS A 23 -4.55 14.00 -3.02
CA LYS A 23 -4.16 13.94 -1.61
C LYS A 23 -3.59 12.57 -1.27
N GLU A 24 -4.32 11.51 -1.65
CA GLU A 24 -3.88 10.15 -1.37
C GLU A 24 -2.55 9.86 -2.05
N LEU A 25 -2.52 10.01 -3.36
CA LEU A 25 -1.29 9.76 -4.13
C LEU A 25 -0.14 10.62 -3.61
N LYS A 26 -0.48 11.79 -3.09
CA LYS A 26 0.54 12.69 -2.55
C LYS A 26 1.20 12.10 -1.31
N ASP A 27 0.38 11.63 -0.38
CA ASP A 27 0.89 11.04 0.86
C ASP A 27 1.75 9.82 0.56
N ILE A 28 1.29 9.01 -0.40
CA ILE A 28 2.02 7.80 -0.78
C ILE A 28 3.39 8.15 -1.38
N LEU A 29 3.36 8.94 -2.45
CA LEU A 29 4.60 9.35 -3.12
C LEU A 29 5.52 10.09 -2.16
N ASN A 30 4.93 10.81 -1.22
CA ASN A 30 5.70 11.57 -0.24
C ASN A 30 6.48 10.63 0.68
N GLN A 31 5.82 9.58 1.14
CA GLN A 31 6.45 8.60 2.02
C GLN A 31 7.52 7.81 1.27
N LEU A 32 7.30 7.59 -0.02
CA LEU A 32 8.24 6.85 -0.84
C LEU A 32 9.51 7.66 -1.08
N GLY A 33 9.42 8.97 -0.88
CA GLY A 33 10.57 9.84 -1.07
C GLY A 33 10.45 10.68 -2.32
N LEU A 34 9.22 11.00 -2.71
CA LEU A 34 8.98 11.80 -3.90
C LEU A 34 9.74 11.25 -5.10
N PRO A 35 9.18 10.23 -5.75
CA PRO A 35 9.79 9.60 -6.92
C PRO A 35 9.80 10.51 -8.14
N LYS A 36 9.80 11.82 -7.89
CA LYS A 36 9.80 12.80 -8.97
C LYS A 36 8.85 12.38 -10.10
N GLN A 37 7.77 11.70 -9.72
CA GLN A 37 6.79 11.24 -10.71
C GLN A 37 6.16 12.42 -11.43
N GLY A 38 5.18 12.13 -12.28
CA GLY A 38 4.52 13.18 -13.03
C GLY A 38 3.14 13.50 -12.48
N LYS A 39 2.09 13.20 -13.25
CA LYS A 39 0.73 13.47 -12.83
C LYS A 39 0.09 12.22 -12.23
N LYS A 40 -1.20 12.30 -11.96
CA LYS A 40 -1.93 11.18 -11.39
C LYS A 40 -1.70 9.91 -12.18
N GLN A 41 -1.40 10.07 -13.47
CA GLN A 41 -1.15 8.93 -14.34
C GLN A 41 0.13 8.21 -13.94
N ASP A 42 1.21 8.95 -13.78
CA ASP A 42 2.49 8.38 -13.39
C ASP A 42 2.43 7.82 -11.97
N LEU A 43 1.89 8.62 -11.05
CA LEU A 43 1.77 8.20 -9.66
C LEU A 43 1.00 6.89 -9.55
N ILE A 44 -0.22 6.88 -10.08
CA ILE A 44 -1.05 5.69 -10.04
C ILE A 44 -0.32 4.47 -10.60
N ASP A 45 0.20 4.61 -11.81
CA ASP A 45 0.94 3.52 -12.45
C ASP A 45 2.11 3.09 -11.59
N ARG A 46 2.69 4.03 -10.85
CA ARG A 46 3.83 3.74 -9.99
C ARG A 46 3.40 2.93 -8.78
N VAL A 47 2.30 3.34 -8.15
CA VAL A 47 1.79 2.65 -6.98
C VAL A 47 1.49 1.19 -7.28
N LEU A 48 0.64 0.96 -8.28
CA LEU A 48 0.27 -0.40 -8.68
C LEU A 48 1.50 -1.20 -9.07
N ALA A 49 2.41 -0.55 -9.81
CA ALA A 49 3.64 -1.20 -10.24
C ALA A 49 4.55 -1.51 -9.07
N LEU A 50 4.38 -0.78 -7.98
CA LEU A 50 5.19 -0.98 -6.78
C LEU A 50 4.67 -2.16 -5.96
N LEU A 51 3.36 -2.23 -5.79
CA LEU A 51 2.74 -3.31 -5.04
C LEU A 51 2.58 -4.56 -5.89
N THR A 52 2.84 -4.42 -7.20
CA THR A 52 2.73 -5.52 -8.13
C THR A 52 4.09 -5.97 -8.62
N ASP A 53 4.79 -5.07 -9.31
CA ASP A 53 6.12 -5.37 -9.83
C ASP A 53 7.17 -5.30 -8.74
N GLU A 54 6.77 -4.80 -7.56
CA GLU A 54 7.69 -4.68 -6.43
C GLU A 54 7.04 -5.22 -5.16
N GLN A 55 6.06 -6.10 -5.33
CA GLN A 55 5.36 -6.69 -4.19
C GLN A 55 6.34 -7.40 -3.27
N GLY A 56 7.52 -7.72 -3.79
CA GLY A 56 8.52 -8.40 -2.99
C GLY A 56 9.17 -9.56 -3.73
N GLN A 57 8.45 -10.11 -4.70
CA GLN A 57 8.96 -11.23 -5.48
C GLN A 57 9.45 -12.35 -4.57
N ARG A 58 8.92 -12.39 -3.36
CA ARG A 58 9.31 -13.41 -2.39
C ARG A 58 10.79 -13.30 -2.04
N HIS A 59 11.27 -12.06 -1.90
CA HIS A 59 12.67 -11.82 -1.57
C HIS A 59 12.79 -10.79 -0.45
N HIS A 60 12.46 -9.54 -0.77
CA HIS A 60 12.53 -8.46 0.21
C HIS A 60 11.36 -7.49 0.03
N GLY A 61 11.41 -6.37 0.75
CA GLY A 61 10.35 -5.39 0.67
C GLY A 61 9.79 -5.02 2.02
N TRP A 62 10.64 -5.00 3.03
CA TRP A 62 10.22 -4.67 4.39
C TRP A 62 10.87 -3.37 4.87
N GLY A 63 12.19 -3.38 4.97
CA GLY A 63 12.91 -2.20 5.40
C GLY A 63 12.37 -1.64 6.71
N ARG A 64 11.78 -2.51 7.52
CA ARG A 64 11.21 -2.09 8.80
C ARG A 64 10.41 -0.80 8.65
N LYS A 65 9.32 -0.88 7.89
CA LYS A 65 8.46 0.27 7.67
C LYS A 65 9.23 1.39 6.98
N ASN A 66 9.60 1.16 5.71
CA ASN A 66 10.34 2.15 4.95
C ASN A 66 9.39 3.15 4.28
N SER A 67 8.12 3.09 4.68
CA SER A 67 7.12 3.99 4.12
C SER A 67 7.18 4.01 2.60
N LEU A 68 7.35 2.84 2.00
CA LEU A 68 7.44 2.71 0.56
C LEU A 68 7.04 1.31 0.09
N THR A 69 6.28 0.62 0.93
CA THR A 69 5.83 -0.73 0.62
C THR A 69 4.33 -0.86 0.79
N LYS A 70 3.81 -2.06 0.55
CA LYS A 70 2.38 -2.33 0.69
C LYS A 70 1.86 -1.80 2.02
N GLU A 71 2.71 -1.80 3.04
CA GLU A 71 2.33 -1.33 4.36
C GLU A 71 1.92 0.14 4.31
N ALA A 72 2.77 0.97 3.71
CA ALA A 72 2.50 2.40 3.60
C ALA A 72 1.30 2.66 2.70
N VAL A 73 1.32 2.07 1.50
CA VAL A 73 0.23 2.23 0.54
C VAL A 73 -1.10 1.81 1.15
N ALA A 74 -1.10 0.65 1.80
CA ALA A 74 -2.31 0.12 2.43
C ALA A 74 -2.67 0.93 3.67
N LYS A 75 -1.66 1.54 4.29
CA LYS A 75 -1.88 2.34 5.49
C LYS A 75 -2.74 3.56 5.19
N ILE A 76 -2.36 4.30 4.15
CA ILE A 76 -3.09 5.50 3.75
C ILE A 76 -4.42 5.12 3.10
N VAL A 77 -4.41 4.09 2.27
CA VAL A 77 -5.61 3.64 1.59
C VAL A 77 -6.65 3.13 2.58
N ASP A 78 -6.18 2.45 3.62
CA ASP A 78 -7.07 1.91 4.65
C ASP A 78 -7.65 3.02 5.51
N ASP A 79 -6.77 3.91 5.98
CA ASP A 79 -7.19 5.02 6.81
C ASP A 79 -8.09 5.98 6.03
N THR A 80 -7.70 6.27 4.79
CA THR A 80 -8.48 7.17 3.95
C THR A 80 -9.88 6.62 3.68
N TYR A 81 -9.95 5.35 3.29
CA TYR A 81 -11.22 4.70 3.01
C TYR A 81 -12.03 4.51 4.28
N ARG A 82 -11.37 3.99 5.32
CA ARG A 82 -12.03 3.74 6.59
C ARG A 82 -12.70 5.02 7.11
N LYS A 83 -12.00 6.14 6.99
CA LYS A 83 -12.53 7.42 7.44
C LYS A 83 -13.49 8.00 6.42
N MET A 84 -13.33 7.61 5.16
CA MET A 84 -14.19 8.08 4.09
C MET A 84 -15.64 7.71 4.35
N GLN A 85 -15.89 6.41 4.55
CA GLN A 85 -17.25 5.93 4.80
C GLN A 85 -17.22 4.47 5.23
N ILE A 86 -16.14 4.06 5.90
CA ILE A 86 -15.99 2.69 6.37
C ILE A 86 -15.26 2.64 7.70
N GLN A 87 -15.80 3.36 8.69
CA GLN A 87 -15.20 3.39 10.02
C GLN A 87 -15.10 1.99 10.61
N CYS A 88 -15.88 1.06 10.06
CA CYS A 88 -15.87 -0.32 10.53
C CYS A 88 -14.45 -0.86 10.60
N ALA A 89 -13.58 -0.32 9.76
CA ALA A 89 -12.18 -0.76 9.74
C ALA A 89 -12.07 -2.21 9.29
N PRO A 90 -11.90 -2.42 7.98
CA PRO A 90 -11.77 -3.75 7.39
C PRO A 90 -10.46 -4.43 7.77
N ASP A 91 -9.57 -3.67 8.40
CA ASP A 91 -8.28 -4.20 8.81
C ASP A 91 -7.51 -4.77 7.62
N LEU A 92 -7.71 -4.17 6.46
CA LEU A 92 -7.04 -4.61 5.24
C LEU A 92 -7.25 -6.11 5.02
N ALA A 93 -8.51 -6.52 4.95
CA ALA A 93 -8.84 -7.92 4.75
C ALA A 93 -8.11 -8.82 5.75
N THR A 94 -8.10 -8.40 7.01
CA THR A 94 -7.43 -9.17 8.05
C THR A 94 -5.92 -9.22 7.82
N ARG A 95 -5.38 -8.15 7.22
CA ARG A 95 -3.96 -8.07 6.95
C ARG A 95 -3.54 -9.16 5.96
N SER A 96 -4.50 -9.65 5.18
CA SER A 96 -4.22 -10.70 4.20
C SER A 96 -3.67 -11.95 4.88
N HIS A 97 -4.55 -12.73 5.47
CA HIS A 97 -4.14 -13.96 6.15
C HIS A 97 -3.03 -13.68 7.15
N SER A 98 -3.36 -12.94 8.21
CA SER A 98 -2.39 -12.60 9.24
C SER A 98 -3.08 -12.34 10.58
N GLY A 99 -2.59 -12.99 11.62
CA GLY A 99 -3.18 -12.82 12.94
C GLY A 99 -2.85 -11.47 13.55
N SER A 100 -1.64 -11.34 14.08
CA SER A 100 -1.21 -10.09 14.69
C SER A 100 0.23 -10.20 15.20
N ASP A 101 1.01 -11.04 14.54
CA ASP A 101 2.41 -11.24 14.93
C ASP A 101 3.34 -11.06 13.73
N PHE A 102 2.74 -10.82 12.56
CA PHE A 102 3.51 -10.64 11.35
C PHE A 102 3.57 -9.16 10.96
N SER A 103 3.10 -8.31 11.86
CA SER A 103 3.10 -6.87 11.61
C SER A 103 2.53 -6.11 12.81
N PHE A 104 3.19 -6.25 13.96
CA PHE A 104 2.75 -5.59 15.18
C PHE A 104 3.07 -4.09 15.13
N ARG A 105 2.26 -3.37 14.36
CA ARG A 105 2.45 -1.92 14.22
C ARG A 105 1.10 -1.21 14.05
N PRO A 106 0.50 -0.80 15.18
CA PRO A 106 -0.79 -0.11 15.18
C PRO A 106 -0.70 1.29 14.61
N ILE A 107 -1.77 2.06 14.72
CA ILE A 107 -1.82 3.42 14.21
C ILE A 107 -2.60 4.34 15.14
N GLU A 108 -2.51 4.07 16.45
CA GLU A 108 -3.21 4.87 17.44
C GLU A 108 -2.93 6.35 17.24
N GLU A 109 -1.73 6.66 16.74
CA GLU A 109 -1.34 8.04 16.50
C GLU A 109 -1.28 8.83 17.81
N ALA A 110 -0.16 8.69 18.52
CA ALA A 110 0.02 9.39 19.79
C ALA A 110 1.46 9.83 19.97
N GLY A 1 -8.94 -17.36 0.67
CA GLY A 1 -8.20 -18.28 1.52
C GLY A 1 -7.47 -19.35 0.74
N SER A 2 -7.08 -19.01 -0.50
CA SER A 2 -6.37 -19.95 -1.35
C SER A 2 -4.95 -19.47 -1.64
N HIS A 3 -4.39 -18.75 -0.68
CA HIS A 3 -3.02 -18.23 -0.83
C HIS A 3 -2.94 -17.27 -2.01
N MET A 4 -3.89 -16.34 -2.10
CA MET A 4 -3.92 -15.37 -3.18
C MET A 4 -4.44 -14.02 -2.69
N ALA A 5 -3.55 -13.23 -2.11
CA ALA A 5 -3.91 -11.91 -1.61
C ALA A 5 -3.32 -10.80 -2.46
N SER A 6 -2.32 -11.15 -3.26
CA SER A 6 -1.67 -10.19 -4.14
C SER A 6 -2.69 -9.39 -4.95
N ALA A 7 -3.58 -10.11 -5.63
CA ALA A 7 -4.61 -9.49 -6.45
C ALA A 7 -5.59 -8.70 -5.57
N ASP A 8 -5.65 -9.06 -4.30
CA ASP A 8 -6.55 -8.39 -3.36
C ASP A 8 -5.98 -7.04 -2.92
N LEU A 9 -4.68 -7.02 -2.64
CA LEU A 9 -4.01 -5.80 -2.22
C LEU A 9 -3.90 -4.81 -3.36
N VAL A 10 -3.59 -5.31 -4.55
CA VAL A 10 -3.47 -4.46 -5.73
C VAL A 10 -4.82 -3.91 -6.17
N SER A 11 -5.79 -4.82 -6.31
CA SER A 11 -7.13 -4.42 -6.72
C SER A 11 -7.75 -3.46 -5.71
N SER A 12 -7.51 -3.72 -4.44
CA SER A 12 -8.05 -2.88 -3.36
C SER A 12 -7.34 -1.54 -3.33
N CYS A 13 -6.01 -1.57 -3.28
CA CYS A 13 -5.21 -0.35 -3.23
C CYS A 13 -5.46 0.51 -4.47
N LYS A 14 -5.59 -0.15 -5.62
CA LYS A 14 -5.83 0.54 -6.88
C LYS A 14 -7.20 1.23 -6.87
N ASP A 15 -8.24 0.44 -6.59
CA ASP A 15 -9.60 0.97 -6.55
C ASP A 15 -9.69 2.20 -5.65
N LYS A 16 -9.10 2.09 -4.46
CA LYS A 16 -9.11 3.19 -3.50
C LYS A 16 -8.23 4.34 -3.98
N LEU A 17 -6.95 4.05 -4.17
CA LEU A 17 -6.00 5.06 -4.63
C LEU A 17 -6.56 5.83 -5.84
N ALA A 18 -7.16 5.09 -6.76
CA ALA A 18 -7.74 5.70 -7.96
C ALA A 18 -8.97 6.52 -7.62
N TYR A 19 -9.78 6.01 -6.69
CA TYR A 19 -11.00 6.69 -6.28
C TYR A 19 -10.67 7.92 -5.42
N PHE A 20 -9.44 7.97 -4.92
CA PHE A 20 -8.99 9.09 -4.10
C PHE A 20 -8.25 10.12 -4.94
N ARG A 21 -8.56 11.39 -4.70
CA ARG A 21 -7.92 12.48 -5.44
C ARG A 21 -6.40 12.39 -5.31
N ILE A 22 -5.70 13.33 -5.96
CA ILE A 22 -4.25 13.36 -5.93
C ILE A 22 -3.73 13.33 -4.50
N LYS A 23 -4.57 13.79 -3.56
CA LYS A 23 -4.20 13.81 -2.16
C LYS A 23 -3.62 12.47 -1.72
N GLU A 24 -4.31 11.39 -2.06
CA GLU A 24 -3.86 10.06 -1.70
C GLU A 24 -2.47 9.78 -2.26
N LEU A 25 -2.33 9.93 -3.58
CA LEU A 25 -1.05 9.71 -4.24
C LEU A 25 0.05 10.56 -3.61
N LYS A 26 -0.21 11.87 -3.52
CA LYS A 26 0.75 12.80 -2.93
C LYS A 26 1.17 12.36 -1.54
N ASP A 27 0.17 12.03 -0.72
CA ASP A 27 0.44 11.59 0.66
C ASP A 27 1.42 10.42 0.67
N ILE A 28 1.14 9.42 -0.15
CA ILE A 28 2.01 8.24 -0.23
C ILE A 28 3.36 8.59 -0.84
N LEU A 29 3.34 9.09 -2.06
CA LEU A 29 4.57 9.48 -2.76
C LEU A 29 5.43 10.36 -1.88
N ASN A 30 4.80 11.10 -0.98
CA ASN A 30 5.52 11.99 -0.07
C ASN A 30 6.19 11.19 1.05
N GLN A 31 5.44 10.27 1.64
CA GLN A 31 5.97 9.44 2.73
C GLN A 31 7.12 8.58 2.24
N LEU A 32 7.01 8.08 1.01
CA LEU A 32 8.03 7.23 0.43
C LEU A 32 9.31 8.01 0.18
N GLY A 33 9.16 9.30 -0.14
CA GLY A 33 10.32 10.15 -0.39
C GLY A 33 10.82 10.03 -1.82
N LEU A 34 9.89 9.92 -2.76
CA LEU A 34 10.24 9.80 -4.18
C LEU A 34 9.42 10.76 -5.02
N PRO A 35 9.61 12.07 -4.79
CA PRO A 35 8.90 13.12 -5.53
C PRO A 35 9.34 13.21 -6.99
N LYS A 36 8.90 14.27 -7.66
CA LYS A 36 9.26 14.48 -9.06
C LYS A 36 8.59 13.44 -9.95
N GLN A 37 7.27 13.40 -9.92
CA GLN A 37 6.51 12.45 -10.73
C GLN A 37 5.74 13.17 -11.83
N GLY A 38 4.85 12.44 -12.50
CA GLY A 38 4.07 13.03 -13.58
C GLY A 38 2.70 13.48 -13.12
N LYS A 39 1.66 13.03 -13.81
CA LYS A 39 0.29 13.38 -13.47
C LYS A 39 -0.37 12.27 -12.67
N LYS A 40 -1.68 12.42 -12.44
CA LYS A 40 -2.43 11.42 -11.69
C LYS A 40 -2.15 10.02 -12.21
N GLN A 41 -1.87 9.92 -13.50
CA GLN A 41 -1.57 8.63 -14.12
C GLN A 41 -0.22 8.10 -13.67
N ASP A 42 0.78 8.97 -13.69
CA ASP A 42 2.13 8.60 -13.28
C ASP A 42 2.15 8.10 -11.85
N LEU A 43 1.52 8.86 -10.95
CA LEU A 43 1.47 8.50 -9.54
C LEU A 43 0.72 7.18 -9.35
N ILE A 44 -0.51 7.13 -9.85
CA ILE A 44 -1.32 5.93 -9.73
C ILE A 44 -0.58 4.69 -10.22
N ASP A 45 -0.09 4.76 -11.46
CA ASP A 45 0.66 3.65 -12.04
C ASP A 45 1.87 3.29 -11.19
N ARG A 46 2.46 4.29 -10.55
CA ARG A 46 3.63 4.08 -9.70
C ARG A 46 3.28 3.18 -8.53
N VAL A 47 2.26 3.55 -7.77
CA VAL A 47 1.83 2.76 -6.62
C VAL A 47 1.55 1.32 -7.01
N LEU A 48 0.75 1.14 -8.06
CA LEU A 48 0.40 -0.19 -8.54
C LEU A 48 1.66 -1.00 -8.85
N ALA A 49 2.67 -0.33 -9.40
CA ALA A 49 3.92 -1.00 -9.73
C ALA A 49 4.66 -1.47 -8.48
N LEU A 50 4.66 -0.61 -7.45
CA LEU A 50 5.33 -0.94 -6.20
C LEU A 50 4.79 -2.25 -5.62
N LEU A 51 3.46 -2.32 -5.48
CA LEU A 51 2.82 -3.51 -4.95
C LEU A 51 2.84 -4.66 -5.96
N THR A 52 2.93 -4.30 -7.24
CA THR A 52 2.95 -5.30 -8.31
C THR A 52 4.35 -5.88 -8.47
N ASP A 53 5.28 -5.06 -8.96
CA ASP A 53 6.66 -5.50 -9.16
C ASP A 53 7.22 -6.12 -7.89
N GLU A 54 6.60 -5.82 -6.76
CA GLU A 54 7.04 -6.35 -5.48
C GLU A 54 6.91 -7.87 -5.44
N GLN A 55 6.21 -8.41 -6.43
CA GLN A 55 6.01 -9.85 -6.51
C GLN A 55 7.31 -10.56 -6.91
N GLY A 56 8.33 -9.78 -7.20
CA GLY A 56 9.61 -10.35 -7.58
C GLY A 56 10.10 -11.40 -6.61
N GLN A 57 9.66 -11.30 -5.36
CA GLN A 57 10.05 -12.25 -4.33
C GLN A 57 8.83 -12.95 -3.73
N ARG A 58 7.71 -12.22 -3.68
CA ARG A 58 6.48 -12.76 -3.13
C ARG A 58 6.59 -12.96 -1.62
N HIS A 59 7.27 -12.03 -0.96
CA HIS A 59 7.46 -12.11 0.49
C HIS A 59 7.77 -10.73 1.07
N HIS A 60 7.11 -9.71 0.53
CA HIS A 60 7.30 -8.34 1.00
C HIS A 60 7.04 -8.24 2.49
N GLY A 61 7.20 -7.03 3.04
CA GLY A 61 6.97 -6.82 4.45
C GLY A 61 8.19 -6.25 5.16
N TRP A 62 8.88 -5.33 4.50
CA TRP A 62 10.06 -4.71 5.07
C TRP A 62 9.85 -3.21 5.30
N GLY A 63 9.75 -2.47 4.19
CA GLY A 63 9.54 -1.04 4.30
C GLY A 63 10.78 -0.30 4.80
N ARG A 64 11.87 -1.04 4.97
CA ARG A 64 13.12 -0.45 5.45
C ARG A 64 14.21 -0.56 4.38
N LYS A 65 13.84 -1.07 3.22
CA LYS A 65 14.79 -1.22 2.11
C LYS A 65 14.45 -0.26 0.97
N ASN A 66 13.30 0.40 1.08
CA ASN A 66 12.87 1.33 0.05
C ASN A 66 11.92 2.37 0.64
N SER A 67 11.91 2.48 1.96
CA SER A 67 11.05 3.44 2.64
C SER A 67 9.64 3.40 2.06
N LEU A 68 9.19 2.21 1.68
CA LEU A 68 7.86 2.05 1.11
C LEU A 68 7.47 0.57 1.05
N THR A 69 6.25 0.26 1.48
CA THR A 69 5.76 -1.11 1.48
C THR A 69 4.23 -1.15 1.44
N LYS A 70 3.68 -2.34 1.29
CA LYS A 70 2.24 -2.52 1.25
C LYS A 70 1.57 -1.91 2.48
N GLU A 71 2.26 -1.97 3.61
CA GLU A 71 1.74 -1.43 4.86
C GLU A 71 1.47 0.06 4.73
N ALA A 72 2.42 0.78 4.14
CA ALA A 72 2.28 2.22 3.95
C ALA A 72 1.14 2.54 2.99
N VAL A 73 1.17 1.94 1.81
CA VAL A 73 0.14 2.16 0.81
C VAL A 73 -1.24 1.81 1.36
N ALA A 74 -1.32 0.66 2.02
CA ALA A 74 -2.58 0.21 2.60
C ALA A 74 -2.98 1.05 3.82
N LYS A 75 -1.98 1.66 4.46
CA LYS A 75 -2.21 2.50 5.62
C LYS A 75 -2.99 3.75 5.24
N ILE A 76 -2.54 4.44 4.19
CA ILE A 76 -3.19 5.65 3.73
C ILE A 76 -4.51 5.33 3.04
N VAL A 77 -4.53 4.25 2.27
CA VAL A 77 -5.73 3.83 1.56
C VAL A 77 -6.85 3.47 2.53
N ASP A 78 -6.49 2.78 3.60
CA ASP A 78 -7.47 2.38 4.62
C ASP A 78 -7.93 3.58 5.43
N ASP A 79 -6.97 4.37 5.92
CA ASP A 79 -7.29 5.55 6.71
C ASP A 79 -8.09 6.55 5.90
N THR A 80 -7.74 6.71 4.63
CA THR A 80 -8.43 7.63 3.74
C THR A 80 -9.87 7.18 3.47
N TYR A 81 -10.02 5.90 3.16
CA TYR A 81 -11.34 5.33 2.88
C TYR A 81 -12.23 5.41 4.11
N ARG A 82 -11.72 4.91 5.23
CA ARG A 82 -12.48 4.92 6.49
C ARG A 82 -12.80 6.35 6.91
N LYS A 83 -11.89 7.27 6.64
CA LYS A 83 -12.09 8.67 6.99
C LYS A 83 -13.02 9.36 6.01
N MET A 84 -13.09 8.82 4.80
CA MET A 84 -13.95 9.39 3.76
C MET A 84 -15.43 9.10 4.06
N GLN A 85 -15.76 7.81 4.19
CA GLN A 85 -17.12 7.40 4.48
C GLN A 85 -17.15 6.14 5.32
N ILE A 86 -16.04 5.85 5.99
CA ILE A 86 -15.94 4.67 6.83
C ILE A 86 -15.97 3.39 5.99
N GLN A 87 -17.17 3.04 5.52
CA GLN A 87 -17.34 1.84 4.71
C GLN A 87 -16.91 0.59 5.47
N CYS A 88 -17.18 -0.57 4.90
CA CYS A 88 -16.82 -1.84 5.53
C CYS A 88 -15.34 -2.14 5.32
N ALA A 89 -14.48 -1.27 5.83
CA ALA A 89 -13.04 -1.45 5.70
C ALA A 89 -12.63 -2.87 6.06
N PRO A 90 -12.28 -3.66 5.04
CA PRO A 90 -11.86 -5.05 5.23
C PRO A 90 -10.51 -5.17 5.91
N ASP A 91 -9.84 -4.03 6.09
CA ASP A 91 -8.53 -4.01 6.73
C ASP A 91 -7.49 -4.74 5.88
N LEU A 92 -7.46 -4.42 4.59
CA LEU A 92 -6.50 -5.04 3.68
C LEU A 92 -6.78 -6.54 3.56
N ALA A 93 -8.06 -6.90 3.50
CA ALA A 93 -8.46 -8.30 3.37
C ALA A 93 -7.78 -9.16 4.43
N THR A 94 -7.84 -8.70 5.68
CA THR A 94 -7.22 -9.43 6.78
C THR A 94 -5.70 -9.46 6.65
N ARG A 95 -5.02 -8.71 7.50
CA ARG A 95 -3.57 -8.65 7.47
C ARG A 95 -2.96 -9.67 8.43
N SER A 96 -3.74 -10.68 8.78
CA SER A 96 -3.29 -11.73 9.69
C SER A 96 -3.27 -13.08 9.00
N HIS A 97 -3.12 -13.06 7.68
CA HIS A 97 -3.09 -14.30 6.90
C HIS A 97 -1.80 -15.07 7.16
N SER A 98 -0.72 -14.34 7.43
CA SER A 98 0.57 -14.95 7.69
C SER A 98 1.63 -13.90 7.97
N GLY A 99 2.58 -14.23 8.85
CA GLY A 99 3.63 -13.29 9.19
C GLY A 99 4.95 -13.63 8.52
N SER A 100 5.97 -13.92 9.31
CA SER A 100 7.29 -14.25 8.79
C SER A 100 7.94 -13.04 8.15
N ASP A 101 7.35 -11.86 8.36
CA ASP A 101 7.87 -10.63 7.80
C ASP A 101 8.25 -9.65 8.92
N PHE A 102 8.00 -10.04 10.16
CA PHE A 102 8.31 -9.20 11.30
C PHE A 102 9.55 -9.72 12.04
N SER A 103 10.25 -10.66 11.42
CA SER A 103 11.44 -11.24 12.01
C SER A 103 12.13 -12.20 11.03
N PHE A 104 12.21 -11.79 9.77
CA PHE A 104 12.84 -12.60 8.74
C PHE A 104 13.28 -11.75 7.55
N ARG A 105 14.03 -10.70 7.85
CA ARG A 105 14.52 -9.79 6.81
C ARG A 105 15.89 -9.24 7.17
N PRO A 106 16.95 -9.95 6.75
CA PRO A 106 18.33 -9.54 7.01
C PRO A 106 18.73 -8.29 6.24
N ILE A 107 20.01 -7.95 6.29
CA ILE A 107 20.53 -6.78 5.60
C ILE A 107 21.90 -7.05 5.01
N GLU A 108 22.12 -8.28 4.57
CA GLU A 108 23.40 -8.66 3.99
C GLU A 108 23.81 -7.69 2.88
N GLU A 109 22.81 -7.13 2.20
CA GLU A 109 23.07 -6.18 1.12
C GLU A 109 21.76 -5.68 0.50
N ALA A 110 20.74 -5.53 1.34
CA ALA A 110 19.45 -5.07 0.88
C ALA A 110 18.91 -5.95 -0.24
N GLY A 1 -1.43 -21.25 -2.12
CA GLY A 1 -2.70 -20.75 -1.61
C GLY A 1 -2.82 -20.91 -0.11
N SER A 2 -2.81 -19.78 0.60
CA SER A 2 -2.92 -19.79 2.06
C SER A 2 -2.90 -18.38 2.62
N HIS A 3 -1.83 -17.64 2.31
CA HIS A 3 -1.69 -16.26 2.79
C HIS A 3 -1.02 -15.39 1.73
N MET A 4 -1.84 -14.70 0.95
CA MET A 4 -1.32 -13.83 -0.11
C MET A 4 -2.03 -12.48 -0.08
N ALA A 5 -3.24 -12.44 -0.63
CA ALA A 5 -4.03 -11.20 -0.67
C ALA A 5 -3.37 -10.17 -1.58
N SER A 6 -2.40 -10.62 -2.37
CA SER A 6 -1.69 -9.72 -3.29
C SER A 6 -2.67 -9.00 -4.21
N ALA A 7 -3.46 -9.78 -4.95
CA ALA A 7 -4.44 -9.21 -5.86
C ALA A 7 -5.47 -8.39 -5.12
N ASP A 8 -5.63 -8.66 -3.83
CA ASP A 8 -6.60 -7.95 -3.00
C ASP A 8 -6.06 -6.58 -2.59
N LEU A 9 -4.78 -6.54 -2.23
CA LEU A 9 -4.14 -5.30 -1.82
C LEU A 9 -3.97 -4.35 -3.01
N VAL A 10 -3.60 -4.90 -4.16
CA VAL A 10 -3.42 -4.12 -5.37
C VAL A 10 -4.75 -3.61 -5.90
N SER A 11 -5.69 -4.52 -6.09
CA SER A 11 -7.02 -4.16 -6.60
C SER A 11 -7.70 -3.16 -5.67
N SER A 12 -7.57 -3.37 -4.37
CA SER A 12 -8.18 -2.48 -3.39
C SER A 12 -7.48 -1.12 -3.38
N CYS A 13 -6.16 -1.14 -3.25
CA CYS A 13 -5.38 0.09 -3.24
C CYS A 13 -5.63 0.91 -4.50
N LYS A 14 -5.68 0.23 -5.63
CA LYS A 14 -5.91 0.89 -6.91
C LYS A 14 -7.29 1.56 -6.95
N ASP A 15 -8.32 0.77 -6.66
CA ASP A 15 -9.69 1.28 -6.65
C ASP A 15 -9.78 2.55 -5.82
N LYS A 16 -9.30 2.48 -4.59
CA LYS A 16 -9.34 3.63 -3.69
C LYS A 16 -8.45 4.75 -4.20
N LEU A 17 -7.22 4.41 -4.56
CA LEU A 17 -6.26 5.39 -5.06
C LEU A 17 -6.86 6.18 -6.23
N ALA A 18 -7.52 5.47 -7.14
CA ALA A 18 -8.14 6.11 -8.29
C ALA A 18 -9.39 6.88 -7.88
N TYR A 19 -10.06 6.42 -6.84
CA TYR A 19 -11.27 7.07 -6.35
C TYR A 19 -10.93 8.32 -5.55
N PHE A 20 -9.68 8.41 -5.11
CA PHE A 20 -9.23 9.56 -4.33
C PHE A 20 -8.37 10.49 -5.19
N ARG A 21 -8.51 11.79 -4.96
CA ARG A 21 -7.75 12.78 -5.71
C ARG A 21 -6.25 12.53 -5.58
N ILE A 22 -5.45 13.38 -6.22
CA ILE A 22 -4.00 13.25 -6.17
C ILE A 22 -3.49 13.28 -4.73
N LYS A 23 -4.28 13.87 -3.84
CA LYS A 23 -3.91 13.97 -2.44
C LYS A 23 -3.41 12.63 -1.91
N GLU A 24 -4.20 11.58 -2.14
CA GLU A 24 -3.83 10.24 -1.68
C GLU A 24 -2.53 9.78 -2.34
N LEU A 25 -2.48 9.89 -3.66
CA LEU A 25 -1.30 9.48 -4.42
C LEU A 25 -0.07 10.27 -3.96
N LYS A 26 -0.29 11.50 -3.54
CA LYS A 26 0.80 12.35 -3.08
C LYS A 26 1.40 11.82 -1.78
N ASP A 27 0.54 11.55 -0.80
CA ASP A 27 0.99 11.04 0.49
C ASP A 27 1.72 9.71 0.31
N ILE A 28 1.19 8.84 -0.55
CA ILE A 28 1.79 7.55 -0.81
C ILE A 28 3.17 7.70 -1.44
N LEU A 29 3.23 8.36 -2.59
CA LEU A 29 4.48 8.57 -3.29
C LEU A 29 5.45 9.38 -2.44
N ASN A 30 4.91 10.20 -1.55
CA ASN A 30 5.72 11.03 -0.66
C ASN A 30 6.48 10.18 0.34
N GLN A 31 5.79 9.23 0.96
CA GLN A 31 6.40 8.34 1.93
C GLN A 31 7.36 7.37 1.26
N LEU A 32 7.01 6.95 0.05
CA LEU A 32 7.84 6.01 -0.71
C LEU A 32 9.16 6.66 -1.11
N GLY A 33 9.15 7.99 -1.24
CA GLY A 33 10.36 8.70 -1.62
C GLY A 33 10.33 9.16 -3.06
N LEU A 34 9.24 8.86 -3.76
CA LEU A 34 9.09 9.24 -5.16
C LEU A 34 9.37 10.73 -5.34
N PRO A 35 9.62 11.13 -6.60
CA PRO A 35 9.89 12.53 -6.95
C PRO A 35 8.66 13.42 -6.80
N LYS A 36 8.87 14.73 -6.77
CA LYS A 36 7.79 15.69 -6.63
C LYS A 36 6.87 15.65 -7.86
N GLN A 37 7.45 15.31 -9.01
CA GLN A 37 6.70 15.25 -10.25
C GLN A 37 5.91 13.94 -10.34
N GLY A 38 5.31 13.69 -11.50
CA GLY A 38 4.54 12.48 -11.69
C GLY A 38 3.06 12.73 -11.79
N LYS A 39 2.56 12.86 -13.02
CA LYS A 39 1.14 13.11 -13.26
C LYS A 39 0.29 12.01 -12.65
N LYS A 40 -1.03 12.16 -12.75
CA LYS A 40 -1.97 11.18 -12.22
C LYS A 40 -1.61 9.77 -12.70
N GLN A 41 -1.18 9.67 -13.95
CA GLN A 41 -0.81 8.40 -14.53
C GLN A 41 0.50 7.88 -13.94
N ASP A 42 1.51 8.75 -13.89
CA ASP A 42 2.80 8.38 -13.34
C ASP A 42 2.66 7.83 -11.92
N LEU A 43 1.92 8.55 -11.09
CA LEU A 43 1.71 8.13 -9.70
C LEU A 43 0.96 6.81 -9.64
N ILE A 44 -0.22 6.78 -10.26
CA ILE A 44 -1.04 5.57 -10.28
C ILE A 44 -0.23 4.36 -10.75
N ASP A 45 0.45 4.52 -11.88
CA ASP A 45 1.26 3.45 -12.44
C ASP A 45 2.38 3.06 -11.48
N ARG A 46 2.87 4.04 -10.71
CA ARG A 46 3.94 3.79 -9.76
C ARG A 46 3.46 2.88 -8.62
N VAL A 47 2.31 3.23 -8.04
CA VAL A 47 1.75 2.44 -6.95
C VAL A 47 1.51 1.00 -7.38
N LEU A 48 0.73 0.82 -8.44
CA LEU A 48 0.42 -0.50 -8.95
C LEU A 48 1.70 -1.26 -9.33
N ALA A 49 2.67 -0.51 -9.85
CA ALA A 49 3.95 -1.10 -10.25
C ALA A 49 4.71 -1.64 -9.04
N LEU A 50 4.50 -1.01 -7.89
CA LEU A 50 5.17 -1.42 -6.66
C LEU A 50 4.52 -2.66 -6.08
N LEU A 51 3.20 -2.67 -6.05
CA LEU A 51 2.45 -3.81 -5.51
C LEU A 51 2.38 -4.94 -6.53
N THR A 52 2.76 -4.65 -7.77
CA THR A 52 2.75 -5.65 -8.83
C THR A 52 4.16 -6.08 -9.19
N ASP A 53 4.94 -5.16 -9.75
CA ASP A 53 6.31 -5.44 -10.14
C ASP A 53 7.21 -5.60 -8.92
N GLU A 54 6.69 -5.21 -7.76
CA GLU A 54 7.45 -5.30 -6.52
C GLU A 54 6.62 -5.98 -5.43
N GLN A 55 5.63 -6.78 -5.85
CA GLN A 55 4.77 -7.48 -4.91
C GLN A 55 5.59 -8.31 -3.93
N GLY A 56 6.82 -8.63 -4.33
CA GLY A 56 7.68 -9.43 -3.47
C GLY A 56 8.57 -8.57 -2.59
N GLN A 57 8.08 -7.40 -2.21
CA GLN A 57 8.83 -6.48 -1.36
C GLN A 57 8.69 -6.86 0.11
N ARG A 58 7.96 -7.95 0.37
CA ARG A 58 7.75 -8.41 1.73
C ARG A 58 9.01 -9.05 2.30
N HIS A 59 9.98 -9.30 1.42
CA HIS A 59 11.24 -9.92 1.83
C HIS A 59 11.87 -9.14 2.99
N HIS A 60 12.30 -7.92 2.71
CA HIS A 60 12.92 -7.07 3.72
C HIS A 60 13.00 -5.62 3.25
N GLY A 61 13.26 -4.71 4.18
CA GLY A 61 13.36 -3.31 3.85
C GLY A 61 12.21 -2.49 4.42
N TRP A 62 11.92 -2.69 5.70
CA TRP A 62 10.84 -1.97 6.35
C TRP A 62 11.39 -1.07 7.47
N GLY A 63 11.97 -1.69 8.48
CA GLY A 63 12.51 -0.92 9.59
C GLY A 63 11.48 -0.05 10.27
N ARG A 64 10.21 -0.37 10.06
CA ARG A 64 9.11 0.38 10.65
C ARG A 64 9.36 1.88 10.53
N LYS A 65 9.51 2.35 9.30
CA LYS A 65 9.76 3.77 9.05
C LYS A 65 9.97 4.03 7.56
N ASN A 66 10.52 3.05 6.87
CA ASN A 66 10.78 3.16 5.43
C ASN A 66 9.58 3.77 4.72
N SER A 67 8.38 3.40 5.16
CA SER A 67 7.16 3.90 4.56
C SER A 67 7.26 3.91 3.04
N LEU A 68 7.78 2.82 2.49
CA LEU A 68 7.94 2.69 1.04
C LEU A 68 7.54 1.30 0.56
N THR A 69 6.67 0.65 1.33
CA THR A 69 6.22 -0.69 0.99
C THR A 69 4.70 -0.80 1.11
N LYS A 70 4.18 -2.00 0.87
CA LYS A 70 2.74 -2.23 0.96
C LYS A 70 2.17 -1.67 2.25
N GLU A 71 3.00 -1.64 3.30
CA GLU A 71 2.58 -1.12 4.59
C GLU A 71 2.15 0.34 4.49
N ALA A 72 3.02 1.16 3.89
CA ALA A 72 2.74 2.58 3.73
C ALA A 72 1.54 2.80 2.80
N VAL A 73 1.58 2.16 1.63
CA VAL A 73 0.51 2.29 0.66
C VAL A 73 -0.83 1.85 1.25
N ALA A 74 -0.82 0.69 1.92
CA ALA A 74 -2.03 0.17 2.53
C ALA A 74 -2.42 0.98 3.77
N LYS A 75 -1.44 1.66 4.34
CA LYS A 75 -1.67 2.48 5.54
C LYS A 75 -2.57 3.66 5.21
N ILE A 76 -2.23 4.38 4.15
CA ILE A 76 -3.02 5.54 3.73
C ILE A 76 -4.32 5.11 3.06
N VAL A 77 -4.24 4.07 2.24
CA VAL A 77 -5.41 3.56 1.54
C VAL A 77 -6.47 3.06 2.53
N ASP A 78 -6.02 2.35 3.56
CA ASP A 78 -6.93 1.81 4.57
C ASP A 78 -7.42 2.92 5.49
N ASP A 79 -6.49 3.73 5.99
CA ASP A 79 -6.83 4.83 6.88
C ASP A 79 -7.78 5.82 6.20
N THR A 80 -7.38 6.27 5.01
CA THR A 80 -8.19 7.22 4.26
C THR A 80 -9.55 6.63 3.91
N TYR A 81 -9.55 5.43 3.35
CA TYR A 81 -10.79 4.76 2.97
C TYR A 81 -11.68 4.52 4.19
N ARG A 82 -11.06 4.11 5.29
CA ARG A 82 -11.80 3.85 6.52
C ARG A 82 -12.30 5.15 7.14
N LYS A 83 -11.59 6.25 6.87
CA LYS A 83 -11.97 7.55 7.40
C LYS A 83 -13.13 8.15 6.60
N MET A 84 -13.09 7.95 5.29
CA MET A 84 -14.14 8.46 4.41
C MET A 84 -15.36 7.55 4.43
N GLN A 85 -15.15 6.26 4.13
CA GLN A 85 -16.23 5.29 4.11
C GLN A 85 -16.70 4.98 5.53
N ILE A 86 -15.75 4.69 6.41
CA ILE A 86 -16.07 4.36 7.80
C ILE A 86 -17.05 3.21 7.88
N GLN A 87 -17.08 2.38 6.84
CA GLN A 87 -17.97 1.23 6.80
C GLN A 87 -17.30 0.03 6.14
N CYS A 88 -17.88 -1.15 6.31
CA CYS A 88 -17.34 -2.36 5.73
C CYS A 88 -16.14 -2.85 6.53
N ALA A 89 -15.17 -1.98 6.73
CA ALA A 89 -13.97 -2.32 7.47
C ALA A 89 -13.34 -3.61 6.96
N PRO A 90 -12.64 -3.52 5.83
CA PRO A 90 -11.98 -4.67 5.20
C PRO A 90 -10.80 -5.18 6.02
N ASP A 91 -10.50 -4.49 7.11
CA ASP A 91 -9.39 -4.87 7.98
C ASP A 91 -8.06 -4.64 7.28
N LEU A 92 -7.48 -3.45 7.49
CA LEU A 92 -6.21 -3.11 6.88
C LEU A 92 -5.25 -4.31 6.88
N ALA A 93 -4.94 -4.81 8.07
CA ALA A 93 -4.05 -5.94 8.21
C ALA A 93 -3.74 -6.23 9.67
N THR A 94 -3.78 -5.18 10.49
CA THR A 94 -3.50 -5.31 11.92
C THR A 94 -2.04 -5.66 12.15
N ARG A 95 -1.23 -5.55 11.11
CA ARG A 95 0.20 -5.85 11.21
C ARG A 95 0.42 -7.20 11.90
N SER A 96 -0.50 -8.13 11.68
CA SER A 96 -0.41 -9.46 12.29
C SER A 96 0.10 -10.47 11.29
N HIS A 97 -0.27 -10.30 10.03
CA HIS A 97 0.15 -11.22 8.97
C HIS A 97 1.63 -11.01 8.64
N SER A 98 2.13 -9.80 8.90
CA SER A 98 3.53 -9.48 8.63
C SER A 98 3.93 -8.19 9.34
N GLY A 99 4.01 -8.25 10.66
CA GLY A 99 4.39 -7.08 11.43
C GLY A 99 5.47 -7.38 12.45
N SER A 100 5.09 -7.50 13.71
CA SER A 100 6.03 -7.78 14.78
C SER A 100 6.94 -6.58 15.04
N ASP A 101 6.58 -5.45 14.44
CA ASP A 101 7.35 -4.23 14.60
C ASP A 101 6.54 -3.15 15.32
N PHE A 102 5.28 -3.48 15.63
CA PHE A 102 4.40 -2.55 16.31
C PHE A 102 4.20 -2.96 17.76
N SER A 103 5.04 -3.87 18.23
CA SER A 103 4.96 -4.35 19.61
C SER A 103 5.08 -3.19 20.60
N PHE A 104 3.99 -2.91 21.29
CA PHE A 104 3.96 -1.81 22.26
C PHE A 104 4.21 -0.48 21.59
N ARG A 105 3.55 -0.27 20.45
CA ARG A 105 3.70 0.97 19.70
C ARG A 105 3.50 2.18 20.61
N PRO A 106 4.05 3.34 20.20
CA PRO A 106 3.94 4.58 20.96
C PRO A 106 2.53 5.15 20.95
N ILE A 107 2.38 6.36 21.47
CA ILE A 107 1.07 7.01 21.52
C ILE A 107 1.06 8.27 20.66
N GLU A 108 1.77 8.23 19.54
CA GLU A 108 1.84 9.37 18.63
C GLU A 108 2.50 10.57 19.31
N GLU A 109 3.32 10.29 20.31
CA GLU A 109 4.01 11.35 21.04
C GLU A 109 3.02 12.38 21.58
N ALA A 110 1.83 11.92 21.92
CA ALA A 110 0.79 12.80 22.44
C ALA A 110 1.28 13.58 23.65
N GLY A 1 -8.88 -18.40 2.16
CA GLY A 1 -7.55 -17.89 1.92
C GLY A 1 -6.53 -18.99 1.72
N SER A 2 -5.41 -18.64 1.08
CA SER A 2 -4.35 -19.61 0.82
C SER A 2 -3.11 -18.94 0.24
N HIS A 3 -2.67 -17.88 0.91
CA HIS A 3 -1.50 -17.13 0.46
C HIS A 3 -1.72 -16.54 -0.93
N MET A 4 -2.88 -15.91 -1.12
CA MET A 4 -3.21 -15.30 -2.40
C MET A 4 -4.01 -14.01 -2.20
N ALA A 5 -3.32 -12.94 -1.88
CA ALA A 5 -3.97 -11.65 -1.67
C ALA A 5 -3.34 -10.55 -2.53
N SER A 6 -2.31 -10.93 -3.29
CA SER A 6 -1.61 -9.98 -4.15
C SER A 6 -2.60 -9.20 -5.00
N ALA A 7 -3.42 -9.91 -5.76
CA ALA A 7 -4.42 -9.27 -6.62
C ALA A 7 -5.46 -8.53 -5.79
N ASP A 8 -5.58 -8.90 -4.53
CA ASP A 8 -6.54 -8.27 -3.63
C ASP A 8 -6.02 -6.92 -3.16
N LEU A 9 -4.74 -6.86 -2.79
CA LEU A 9 -4.13 -5.63 -2.33
C LEU A 9 -3.97 -4.63 -3.46
N VAL A 10 -3.57 -5.13 -4.63
CA VAL A 10 -3.38 -4.27 -5.80
C VAL A 10 -4.72 -3.72 -6.30
N SER A 11 -5.68 -4.62 -6.50
CA SER A 11 -7.00 -4.23 -6.98
C SER A 11 -7.68 -3.29 -5.99
N SER A 12 -7.53 -3.59 -4.69
CA SER A 12 -8.13 -2.77 -3.65
C SER A 12 -7.43 -1.41 -3.55
N CYS A 13 -6.10 -1.43 -3.52
CA CYS A 13 -5.32 -0.20 -3.43
C CYS A 13 -5.59 0.70 -4.62
N LYS A 14 -5.68 0.10 -5.80
CA LYS A 14 -5.93 0.85 -7.03
C LYS A 14 -7.32 1.50 -6.99
N ASP A 15 -8.34 0.68 -6.76
CA ASP A 15 -9.71 1.18 -6.70
C ASP A 15 -9.82 2.36 -5.74
N LYS A 16 -9.31 2.17 -4.52
CA LYS A 16 -9.36 3.22 -3.52
C LYS A 16 -8.51 4.42 -3.94
N LEU A 17 -7.25 4.17 -4.28
CA LEU A 17 -6.34 5.23 -4.70
C LEU A 17 -6.96 6.06 -5.81
N ALA A 18 -7.60 5.40 -6.77
CA ALA A 18 -8.24 6.08 -7.88
C ALA A 18 -9.43 6.90 -7.41
N TYR A 19 -10.18 6.36 -6.44
CA TYR A 19 -11.34 7.04 -5.91
C TYR A 19 -10.93 8.18 -4.97
N PHE A 20 -9.68 8.13 -4.51
CA PHE A 20 -9.16 9.15 -3.62
C PHE A 20 -8.41 10.23 -4.38
N ARG A 21 -8.65 11.49 -4.03
CA ARG A 21 -8.00 12.61 -4.69
C ARG A 21 -6.49 12.43 -4.72
N ILE A 22 -5.80 13.30 -5.44
CA ILE A 22 -4.34 13.23 -5.55
C ILE A 22 -3.70 13.14 -4.17
N LYS A 23 -4.40 13.64 -3.15
CA LYS A 23 -3.89 13.61 -1.79
C LYS A 23 -3.43 12.21 -1.41
N GLU A 24 -4.27 11.22 -1.69
CA GLU A 24 -3.95 9.83 -1.37
C GLU A 24 -2.62 9.43 -1.99
N LEU A 25 -2.51 9.54 -3.31
CA LEU A 25 -1.30 9.19 -4.03
C LEU A 25 -0.14 10.08 -3.60
N LYS A 26 -0.46 11.31 -3.21
CA LYS A 26 0.55 12.26 -2.76
C LYS A 26 1.31 11.73 -1.56
N ASP A 27 0.57 11.23 -0.57
CA ASP A 27 1.18 10.70 0.65
C ASP A 27 1.91 9.39 0.34
N ILE A 28 1.32 8.56 -0.50
CA ILE A 28 1.92 7.28 -0.86
C ILE A 28 3.25 7.49 -1.57
N LEU A 29 3.23 8.25 -2.65
CA LEU A 29 4.43 8.54 -3.43
C LEU A 29 5.47 9.25 -2.57
N ASN A 30 5.02 10.18 -1.75
CA ASN A 30 5.92 10.92 -0.87
C ASN A 30 6.74 9.98 0.01
N GLN A 31 6.08 8.95 0.53
CA GLN A 31 6.75 7.97 1.38
C GLN A 31 7.70 7.10 0.57
N LEU A 32 7.25 6.70 -0.62
CA LEU A 32 8.06 5.86 -1.50
C LEU A 32 9.27 6.63 -2.03
N GLY A 33 9.26 7.94 -1.84
CA GLY A 33 10.36 8.76 -2.30
C GLY A 33 10.00 9.60 -3.51
N LEU A 34 8.83 10.25 -3.45
CA LEU A 34 8.37 11.08 -4.55
C LEU A 34 9.52 11.45 -5.48
N PRO A 35 9.41 11.03 -6.75
CA PRO A 35 10.43 11.30 -7.77
C PRO A 35 10.48 12.78 -8.16
N LYS A 36 11.15 13.07 -9.26
CA LYS A 36 11.27 14.45 -9.74
C LYS A 36 9.93 14.96 -10.26
N GLN A 37 9.00 14.04 -10.51
CA GLN A 37 7.68 14.39 -11.00
C GLN A 37 6.78 13.16 -11.09
N GLY A 38 5.47 13.40 -11.09
CA GLY A 38 4.52 12.29 -11.17
C GLY A 38 3.09 12.78 -11.32
N LYS A 39 2.61 12.84 -12.55
CA LYS A 39 1.26 13.28 -12.83
C LYS A 39 0.24 12.28 -12.30
N LYS A 40 -1.04 12.62 -12.42
CA LYS A 40 -2.11 11.75 -11.94
C LYS A 40 -1.90 10.32 -12.44
N GLN A 41 -1.65 10.18 -13.72
CA GLN A 41 -1.43 8.85 -14.32
C GLN A 41 -0.11 8.26 -13.83
N ASP A 42 0.94 9.06 -13.84
CA ASP A 42 2.25 8.61 -13.40
C ASP A 42 2.19 8.03 -11.99
N LEU A 43 1.46 8.71 -11.11
CA LEU A 43 1.31 8.28 -9.72
C LEU A 43 0.56 6.96 -9.66
N ILE A 44 -0.64 6.93 -10.25
CA ILE A 44 -1.47 5.73 -10.26
C ILE A 44 -0.67 4.53 -10.74
N ASP A 45 -0.06 4.65 -11.91
CA ASP A 45 0.74 3.57 -12.49
C ASP A 45 1.90 3.21 -11.56
N ARG A 46 2.45 4.21 -10.89
CA ARG A 46 3.57 3.99 -9.98
C ARG A 46 3.15 3.14 -8.78
N VAL A 47 2.03 3.52 -8.18
CA VAL A 47 1.51 2.78 -7.02
C VAL A 47 1.36 1.30 -7.33
N LEU A 48 0.67 1.00 -8.43
CA LEU A 48 0.45 -0.38 -8.84
C LEU A 48 1.77 -1.10 -9.08
N ALA A 49 2.71 -0.40 -9.72
CA ALA A 49 4.03 -0.97 -10.00
C ALA A 49 4.78 -1.26 -8.72
N LEU A 50 4.46 -0.52 -7.66
CA LEU A 50 5.11 -0.70 -6.37
C LEU A 50 4.61 -1.96 -5.67
N LEU A 51 3.29 -2.07 -5.56
CA LEU A 51 2.67 -3.23 -4.90
C LEU A 51 2.73 -4.45 -5.82
N THR A 52 3.11 -4.24 -7.07
CA THR A 52 3.20 -5.32 -8.04
C THR A 52 4.66 -5.66 -8.34
N ASP A 53 5.34 -4.76 -9.05
CA ASP A 53 6.74 -4.97 -9.40
C ASP A 53 7.63 -4.89 -8.17
N GLU A 54 7.06 -4.42 -7.06
CA GLU A 54 7.80 -4.29 -5.81
C GLU A 54 7.02 -4.89 -4.65
N GLN A 55 6.12 -5.82 -4.96
CA GLN A 55 5.31 -6.48 -3.93
C GLN A 55 6.19 -7.05 -2.83
N GLY A 56 7.46 -7.29 -3.15
CA GLY A 56 8.37 -7.84 -2.18
C GLY A 56 9.70 -8.26 -2.79
N GLN A 57 10.15 -7.51 -3.80
CA GLN A 57 11.40 -7.81 -4.47
C GLN A 57 12.41 -6.67 -4.28
N ARG A 58 12.80 -6.44 -3.03
CA ARG A 58 13.75 -5.39 -2.71
C ARG A 58 14.73 -5.85 -1.63
N HIS A 59 14.69 -7.15 -1.32
CA HIS A 59 15.57 -7.71 -0.31
C HIS A 59 15.31 -7.08 1.06
N HIS A 60 14.10 -7.27 1.58
CA HIS A 60 13.73 -6.71 2.87
C HIS A 60 14.04 -5.22 2.94
N GLY A 61 13.93 -4.65 4.13
CA GLY A 61 14.20 -3.23 4.30
C GLY A 61 12.94 -2.43 4.59
N TRP A 62 12.07 -2.98 5.44
CA TRP A 62 10.83 -2.31 5.80
C TRP A 62 10.83 -1.90 7.26
N GLY A 63 11.93 -2.22 7.96
CA GLY A 63 12.04 -1.88 9.36
C GLY A 63 11.91 -0.39 9.61
N ARG A 64 12.05 0.40 8.55
CA ARG A 64 11.95 1.85 8.66
C ARG A 64 10.51 2.31 8.41
N LYS A 65 9.59 1.77 9.21
CA LYS A 65 8.18 2.13 9.08
C LYS A 65 7.63 1.71 7.73
N ASN A 66 8.34 0.82 7.04
CA ASN A 66 7.92 0.33 5.74
C ASN A 66 7.20 1.43 4.96
N SER A 67 7.79 2.62 4.94
CA SER A 67 7.21 3.75 4.23
C SER A 67 7.48 3.66 2.73
N LEU A 68 7.29 2.46 2.18
CA LEU A 68 7.52 2.23 0.76
C LEU A 68 7.12 0.81 0.36
N THR A 69 6.20 0.23 1.13
CA THR A 69 5.72 -1.12 0.86
C THR A 69 4.20 -1.20 0.97
N LYS A 70 3.67 -2.41 0.75
CA LYS A 70 2.23 -2.62 0.84
C LYS A 70 1.67 -2.09 2.16
N GLU A 71 2.48 -2.17 3.20
CA GLU A 71 2.08 -1.70 4.53
C GLU A 71 1.76 -0.21 4.50
N ALA A 72 2.67 0.58 3.93
CA ALA A 72 2.49 2.02 3.84
C ALA A 72 1.32 2.36 2.93
N VAL A 73 1.34 1.84 1.71
CA VAL A 73 0.28 2.10 0.74
C VAL A 73 -1.08 1.71 1.31
N ALA A 74 -1.15 0.54 1.93
CA ALA A 74 -2.39 0.05 2.52
C ALA A 74 -2.76 0.86 3.76
N LYS A 75 -1.75 1.39 4.43
CA LYS A 75 -1.97 2.18 5.64
C LYS A 75 -2.75 3.46 5.32
N ILE A 76 -2.30 4.19 4.32
CA ILE A 76 -2.95 5.43 3.92
C ILE A 76 -4.29 5.14 3.25
N VAL A 77 -4.28 4.26 2.25
CA VAL A 77 -5.50 3.89 1.54
C VAL A 77 -6.59 3.46 2.50
N ASP A 78 -6.20 2.72 3.53
CA ASP A 78 -7.15 2.23 4.53
C ASP A 78 -7.68 3.39 5.38
N ASP A 79 -6.77 4.26 5.81
CA ASP A 79 -7.14 5.41 6.63
C ASP A 79 -8.16 6.29 5.91
N THR A 80 -7.96 6.46 4.61
CA THR A 80 -8.86 7.29 3.80
C THR A 80 -10.19 6.59 3.60
N TYR A 81 -10.15 5.30 3.28
CA TYR A 81 -11.37 4.53 3.05
C TYR A 81 -12.14 4.35 4.35
N ARG A 82 -11.44 4.34 5.47
CA ARG A 82 -12.06 4.19 6.77
C ARG A 82 -12.75 5.48 7.21
N LYS A 83 -12.00 6.58 7.19
CA LYS A 83 -12.53 7.88 7.58
C LYS A 83 -13.68 8.29 6.66
N MET A 84 -13.51 8.02 5.37
CA MET A 84 -14.53 8.37 4.38
C MET A 84 -15.68 7.38 4.43
N GLN A 85 -15.37 6.09 4.34
CA GLN A 85 -16.39 5.05 4.37
C GLN A 85 -16.00 3.94 5.34
N ILE A 86 -16.09 4.22 6.63
CA ILE A 86 -15.75 3.26 7.65
C ILE A 86 -16.14 1.84 7.23
N GLN A 87 -17.35 1.70 6.70
CA GLN A 87 -17.84 0.40 6.24
C GLN A 87 -17.91 -0.59 7.40
N CYS A 88 -16.82 -1.30 7.62
CA CYS A 88 -16.75 -2.29 8.70
C CYS A 88 -15.42 -3.06 8.66
N ALA A 89 -14.36 -2.37 8.24
CA ALA A 89 -13.05 -2.98 8.15
C ALA A 89 -13.02 -4.09 7.11
N PRO A 90 -12.74 -3.71 5.85
CA PRO A 90 -12.67 -4.66 4.74
C PRO A 90 -11.46 -5.59 4.84
N ASP A 91 -10.62 -5.35 5.84
CA ASP A 91 -9.42 -6.17 6.03
C ASP A 91 -8.62 -6.28 4.74
N LEU A 92 -8.19 -5.14 4.21
CA LEU A 92 -7.42 -5.12 2.98
C LEU A 92 -6.30 -6.15 3.02
N ALA A 93 -5.26 -5.85 3.78
CA ALA A 93 -4.12 -6.76 3.92
C ALA A 93 -4.39 -7.83 4.97
N THR A 94 -5.28 -7.52 5.90
CA THR A 94 -5.64 -8.46 6.96
C THR A 94 -4.42 -8.79 7.83
N ARG A 95 -4.36 -8.19 9.02
CA ARG A 95 -3.25 -8.41 9.94
C ARG A 95 -3.35 -9.79 10.58
N SER A 96 -3.05 -10.83 9.81
CA SER A 96 -3.11 -12.19 10.30
C SER A 96 -2.48 -13.16 9.29
N HIS A 97 -1.51 -12.68 8.54
CA HIS A 97 -0.83 -13.50 7.54
C HIS A 97 0.62 -13.78 7.97
N SER A 98 1.19 -12.87 8.73
CA SER A 98 2.56 -13.02 9.20
C SER A 98 2.97 -11.83 10.07
N GLY A 99 2.40 -11.77 11.27
CA GLY A 99 2.71 -10.68 12.18
C GLY A 99 1.52 -9.78 12.46
N SER A 100 0.97 -9.88 13.66
CA SER A 100 -0.18 -9.09 14.04
C SER A 100 -0.19 -8.83 15.56
N ASP A 101 0.94 -9.07 16.20
CA ASP A 101 1.07 -8.87 17.63
C ASP A 101 2.26 -7.96 17.95
N PHE A 102 3.02 -7.59 16.92
CA PHE A 102 4.18 -6.73 17.08
C PHE A 102 3.87 -5.31 16.60
N SER A 103 2.60 -5.06 16.30
CA SER A 103 2.17 -3.74 15.82
C SER A 103 0.66 -3.69 15.65
N PHE A 104 -0.06 -4.14 16.67
CA PHE A 104 -1.52 -4.15 16.63
C PHE A 104 -2.07 -2.73 16.80
N ARG A 105 -1.98 -1.94 15.74
CA ARG A 105 -2.48 -0.58 15.77
C ARG A 105 -3.91 -0.52 16.28
N PRO A 106 -4.32 0.68 16.73
CA PRO A 106 -5.67 0.89 17.26
C PRO A 106 -6.75 0.81 16.18
N ILE A 107 -7.97 1.16 16.55
CA ILE A 107 -9.09 1.12 15.61
C ILE A 107 -10.03 2.30 15.83
N GLU A 108 -9.48 3.42 16.28
CA GLU A 108 -10.28 4.62 16.53
C GLU A 108 -11.46 4.30 17.44
N GLU A 109 -11.23 3.43 18.42
CA GLU A 109 -12.28 3.04 19.36
C GLU A 109 -12.67 4.20 20.26
N ALA A 110 -13.57 5.05 19.78
CA ALA A 110 -14.03 6.20 20.55
C ALA A 110 -15.12 5.80 21.53
N GLY A 1 -5.48 -18.49 -5.46
CA GLY A 1 -4.45 -19.41 -5.90
C GLY A 1 -3.44 -19.73 -4.81
N SER A 2 -3.34 -18.84 -3.83
CA SER A 2 -2.40 -19.03 -2.73
C SER A 2 -2.76 -18.14 -1.55
N HIS A 3 -4.06 -17.86 -1.41
CA HIS A 3 -4.55 -17.01 -0.31
C HIS A 3 -3.92 -15.62 -0.38
N MET A 4 -4.62 -14.70 -1.03
CA MET A 4 -4.13 -13.33 -1.16
C MET A 4 -2.89 -13.28 -2.05
N ALA A 5 -3.10 -13.47 -3.36
CA ALA A 5 -2.00 -13.44 -4.31
C ALA A 5 -1.73 -12.03 -4.80
N SER A 6 -1.83 -11.05 -3.90
CA SER A 6 -1.60 -9.66 -4.24
C SER A 6 -2.78 -9.10 -5.03
N ALA A 7 -3.76 -9.95 -5.30
CA ALA A 7 -4.95 -9.54 -6.05
C ALA A 7 -5.84 -8.64 -5.19
N ASP A 8 -5.87 -8.90 -3.89
CA ASP A 8 -6.70 -8.12 -2.97
C ASP A 8 -6.02 -6.81 -2.62
N LEU A 9 -4.70 -6.85 -2.45
CA LEU A 9 -3.93 -5.66 -2.12
C LEU A 9 -3.89 -4.69 -3.29
N VAL A 10 -3.72 -5.22 -4.50
CA VAL A 10 -3.67 -4.41 -5.70
C VAL A 10 -5.06 -3.87 -6.05
N SER A 11 -6.04 -4.76 -6.09
CA SER A 11 -7.40 -4.38 -6.42
C SER A 11 -7.94 -3.36 -5.43
N SER A 12 -7.58 -3.53 -4.16
CA SER A 12 -8.02 -2.63 -3.11
C SER A 12 -7.28 -1.30 -3.18
N CYS A 13 -5.95 -1.37 -3.21
CA CYS A 13 -5.12 -0.18 -3.26
C CYS A 13 -5.45 0.64 -4.51
N LYS A 14 -5.63 -0.04 -5.63
CA LYS A 14 -5.95 0.62 -6.89
C LYS A 14 -7.34 1.24 -6.84
N ASP A 15 -8.34 0.42 -6.52
CA ASP A 15 -9.72 0.89 -6.44
C ASP A 15 -9.83 2.11 -5.54
N LYS A 16 -9.17 2.07 -4.39
CA LYS A 16 -9.18 3.18 -3.44
C LYS A 16 -8.38 4.36 -3.98
N LEU A 17 -7.11 4.13 -4.29
CA LEU A 17 -6.24 5.17 -4.81
C LEU A 17 -6.91 5.89 -5.98
N ALA A 18 -7.55 5.12 -6.86
CA ALA A 18 -8.22 5.68 -8.02
C ALA A 18 -9.46 6.47 -7.60
N TYR A 19 -10.20 5.94 -6.63
CA TYR A 19 -11.41 6.58 -6.15
C TYR A 19 -11.07 7.79 -5.27
N PHE A 20 -9.82 7.88 -4.88
CA PHE A 20 -9.36 8.99 -4.04
C PHE A 20 -8.63 10.04 -4.87
N ARG A 21 -8.91 11.31 -4.58
CA ARG A 21 -8.29 12.41 -5.30
C ARG A 21 -6.77 12.33 -5.23
N ILE A 22 -6.09 13.29 -5.82
CA ILE A 22 -4.63 13.33 -5.83
C ILE A 22 -4.08 13.19 -4.41
N LYS A 23 -4.89 13.58 -3.43
CA LYS A 23 -4.48 13.49 -2.03
C LYS A 23 -3.85 12.14 -1.73
N GLU A 24 -4.53 11.07 -2.12
CA GLU A 24 -4.03 9.71 -1.89
C GLU A 24 -2.64 9.54 -2.50
N LEU A 25 -2.53 9.85 -3.79
CA LEU A 25 -1.26 9.72 -4.49
C LEU A 25 -0.19 10.59 -3.85
N LYS A 26 -0.60 11.74 -3.32
CA LYS A 26 0.33 12.65 -2.67
C LYS A 26 1.01 11.99 -1.48
N ASP A 27 0.21 11.34 -0.64
CA ASP A 27 0.74 10.66 0.54
C ASP A 27 1.65 9.51 0.14
N ILE A 28 1.25 8.77 -0.89
CA ILE A 28 2.02 7.64 -1.37
C ILE A 28 3.36 8.10 -1.95
N LEU A 29 3.29 8.98 -2.95
CA LEU A 29 4.48 9.50 -3.59
C LEU A 29 5.37 10.22 -2.58
N ASN A 30 4.75 10.75 -1.53
CA ASN A 30 5.49 11.47 -0.49
C ASN A 30 6.34 10.51 0.33
N GLN A 31 5.76 9.38 0.72
CA GLN A 31 6.46 8.38 1.51
C GLN A 31 7.47 7.62 0.66
N LEU A 32 7.19 7.54 -0.64
CA LEU A 32 8.08 6.84 -1.57
C LEU A 32 9.38 7.60 -1.75
N GLY A 33 9.42 8.83 -1.25
CA GLY A 33 10.61 9.65 -1.38
C GLY A 33 10.44 10.80 -2.34
N LEU A 34 9.19 11.16 -2.61
CA LEU A 34 8.88 12.25 -3.53
C LEU A 34 9.90 12.30 -4.67
N PRO A 35 9.59 11.60 -5.77
CA PRO A 35 10.46 11.54 -6.95
C PRO A 35 10.50 12.87 -7.70
N LYS A 36 11.35 12.94 -8.71
CA LYS A 36 11.48 14.16 -9.51
C LYS A 36 10.12 14.70 -9.92
N GLN A 37 9.16 13.80 -10.10
CA GLN A 37 7.81 14.18 -10.49
C GLN A 37 6.89 12.97 -10.54
N GLY A 38 5.65 13.19 -10.96
CA GLY A 38 4.69 12.11 -11.04
C GLY A 38 3.25 12.59 -10.99
N LYS A 39 2.65 12.79 -12.15
CA LYS A 39 1.27 13.27 -12.22
C LYS A 39 0.30 12.19 -11.72
N LYS A 40 -0.98 12.52 -11.72
CA LYS A 40 -2.02 11.60 -11.26
C LYS A 40 -1.82 10.22 -11.89
N GLN A 41 -1.57 10.21 -13.20
CA GLN A 41 -1.37 8.96 -13.92
C GLN A 41 -0.04 8.32 -13.54
N ASP A 42 1.02 9.11 -13.58
CA ASP A 42 2.36 8.62 -13.24
C ASP A 42 2.35 7.93 -11.88
N LEU A 43 1.75 8.59 -10.90
CA LEU A 43 1.68 8.04 -9.54
C LEU A 43 0.90 6.73 -9.53
N ILE A 44 -0.31 6.75 -10.10
CA ILE A 44 -1.14 5.57 -10.16
C ILE A 44 -0.38 4.37 -10.71
N ASP A 45 0.29 4.57 -11.85
CA ASP A 45 1.08 3.52 -12.47
C ASP A 45 2.23 3.09 -11.58
N ARG A 46 2.77 4.03 -10.82
CA ARG A 46 3.89 3.75 -9.93
C ARG A 46 3.43 2.90 -8.75
N VAL A 47 2.28 3.26 -8.17
CA VAL A 47 1.74 2.53 -7.04
C VAL A 47 1.47 1.07 -7.39
N LEU A 48 0.64 0.85 -8.41
CA LEU A 48 0.30 -0.49 -8.86
C LEU A 48 1.55 -1.26 -9.25
N ALA A 49 2.49 -0.58 -9.90
CA ALA A 49 3.73 -1.19 -10.33
C ALA A 49 4.60 -1.56 -9.13
N LEU A 50 4.41 -0.86 -8.03
CA LEU A 50 5.18 -1.11 -6.81
C LEU A 50 4.64 -2.33 -6.07
N LEU A 51 3.31 -2.40 -5.94
CA LEU A 51 2.67 -3.51 -5.26
C LEU A 51 2.57 -4.73 -6.18
N THR A 52 2.85 -4.53 -7.46
CA THR A 52 2.80 -5.61 -8.43
C THR A 52 4.19 -6.03 -8.86
N ASP A 53 4.91 -5.13 -9.52
CA ASP A 53 6.26 -5.40 -9.99
C ASP A 53 7.25 -5.40 -8.83
N GLU A 54 6.79 -4.93 -7.66
CA GLU A 54 7.63 -4.87 -6.48
C GLU A 54 6.91 -5.45 -5.26
N GLN A 55 5.95 -6.33 -5.52
CA GLN A 55 5.19 -6.96 -4.46
C GLN A 55 6.11 -7.63 -3.44
N GLY A 56 7.32 -7.95 -3.88
CA GLY A 56 8.29 -8.60 -3.00
C GLY A 56 7.78 -9.92 -2.46
N GLN A 57 7.29 -10.76 -3.36
CA GLN A 57 6.76 -12.07 -2.96
C GLN A 57 7.25 -13.16 -3.91
N ARG A 58 8.46 -12.98 -4.45
CA ARG A 58 9.04 -13.94 -5.36
C ARG A 58 10.51 -14.20 -5.03
N HIS A 59 11.22 -13.14 -4.65
CA HIS A 59 12.63 -13.25 -4.30
C HIS A 59 13.17 -11.91 -3.80
N HIS A 60 12.68 -10.82 -4.40
CA HIS A 60 13.11 -9.48 -4.02
C HIS A 60 12.07 -8.80 -3.13
N GLY A 61 11.79 -9.41 -1.98
CA GLY A 61 10.81 -8.85 -1.08
C GLY A 61 11.41 -8.49 0.27
N TRP A 62 12.42 -7.63 0.25
CA TRP A 62 13.08 -7.20 1.47
C TRP A 62 12.84 -5.72 1.73
N GLY A 63 12.37 -5.02 0.71
CA GLY A 63 12.10 -3.59 0.85
C GLY A 63 10.77 -3.31 1.51
N ARG A 64 10.49 -4.03 2.60
CA ARG A 64 9.24 -3.86 3.32
C ARG A 64 9.43 -2.97 4.53
N LYS A 65 10.63 -2.41 4.67
CA LYS A 65 10.95 -1.52 5.79
C LYS A 65 11.56 -0.22 5.29
N ASN A 66 11.06 0.26 4.16
CA ASN A 66 11.55 1.51 3.58
C ASN A 66 10.47 2.59 3.60
N SER A 67 9.44 2.36 4.41
CA SER A 67 8.33 3.31 4.51
C SER A 67 7.79 3.66 3.12
N LEU A 68 7.68 2.65 2.26
CA LEU A 68 7.18 2.86 0.92
C LEU A 68 6.81 1.53 0.27
N THR A 69 6.33 0.59 1.09
CA THR A 69 5.94 -0.72 0.59
C THR A 69 4.43 -0.93 0.70
N LYS A 70 3.98 -2.14 0.37
CA LYS A 70 2.55 -2.45 0.44
C LYS A 70 1.96 -2.01 1.77
N GLU A 71 2.76 -2.06 2.82
CA GLU A 71 2.30 -1.65 4.14
C GLU A 71 1.89 -0.19 4.15
N ALA A 72 2.76 0.67 3.61
CA ALA A 72 2.48 2.10 3.55
C ALA A 72 1.27 2.39 2.67
N VAL A 73 1.27 1.83 1.47
CA VAL A 73 0.17 2.02 0.52
C VAL A 73 -1.16 1.62 1.14
N ALA A 74 -1.17 0.48 1.81
CA ALA A 74 -2.38 -0.03 2.45
C ALA A 74 -2.72 0.79 3.69
N LYS A 75 -1.71 1.41 4.29
CA LYS A 75 -1.90 2.22 5.48
C LYS A 75 -2.72 3.47 5.17
N ILE A 76 -2.32 4.17 4.10
CA ILE A 76 -3.01 5.39 3.69
C ILE A 76 -4.36 5.06 3.04
N VAL A 77 -4.37 3.98 2.26
CA VAL A 77 -5.60 3.56 1.58
C VAL A 77 -6.67 3.15 2.59
N ASP A 78 -6.24 2.45 3.64
CA ASP A 78 -7.17 1.99 4.67
C ASP A 78 -7.65 3.16 5.54
N ASP A 79 -6.70 3.98 5.99
CA ASP A 79 -7.01 5.12 6.83
C ASP A 79 -7.87 6.13 6.06
N THR A 80 -7.52 6.36 4.80
CA THR A 80 -8.26 7.30 3.96
C THR A 80 -9.65 6.76 3.62
N TYR A 81 -9.72 5.46 3.35
CA TYR A 81 -10.98 4.83 3.01
C TYR A 81 -11.90 4.75 4.22
N ARG A 82 -11.33 4.38 5.36
CA ARG A 82 -12.09 4.26 6.60
C ARG A 82 -12.51 5.63 7.12
N LYS A 83 -11.68 6.63 6.84
CA LYS A 83 -11.96 8.00 7.27
C LYS A 83 -13.04 8.64 6.39
N MET A 84 -12.96 8.40 5.10
CA MET A 84 -13.93 8.96 4.16
C MET A 84 -15.23 8.17 4.20
N GLN A 85 -15.13 6.84 4.21
CA GLN A 85 -16.30 5.98 4.26
C GLN A 85 -16.90 5.94 5.66
N ILE A 86 -16.04 5.77 6.67
CA ILE A 86 -16.48 5.72 8.05
C ILE A 86 -17.41 4.54 8.29
N GLN A 87 -17.39 3.59 7.36
CA GLN A 87 -18.25 2.41 7.47
C GLN A 87 -17.76 1.48 8.59
N CYS A 88 -18.32 0.28 8.63
CA CYS A 88 -17.95 -0.70 9.65
C CYS A 88 -16.68 -1.44 9.24
N ALA A 89 -15.59 -0.69 9.08
CA ALA A 89 -14.32 -1.28 8.69
C ALA A 89 -14.37 -1.85 7.28
N PRO A 90 -13.37 -1.52 6.47
CA PRO A 90 -13.28 -1.98 5.08
C PRO A 90 -12.99 -3.47 4.99
N ASP A 91 -12.80 -4.11 6.14
CA ASP A 91 -12.51 -5.54 6.18
C ASP A 91 -11.13 -5.83 5.61
N LEU A 92 -10.12 -5.13 6.12
CA LEU A 92 -8.75 -5.32 5.66
C LEU A 92 -8.12 -6.56 6.29
N ALA A 93 -8.91 -7.26 7.10
CA ALA A 93 -8.44 -8.47 7.77
C ALA A 93 -7.35 -8.14 8.80
N THR A 94 -7.19 -6.86 9.09
CA THR A 94 -6.19 -6.42 10.05
C THR A 94 -4.82 -7.00 9.73
N ARG A 95 -4.59 -7.29 8.45
CA ARG A 95 -3.32 -7.85 8.01
C ARG A 95 -3.00 -9.13 8.77
N SER A 96 -4.04 -9.79 9.27
CA SER A 96 -3.88 -11.02 10.03
C SER A 96 -3.16 -12.08 9.20
N HIS A 97 -3.50 -12.13 7.91
CA HIS A 97 -2.89 -13.10 7.00
C HIS A 97 -1.48 -12.67 6.61
N SER A 98 -0.59 -12.61 7.60
CA SER A 98 0.79 -12.20 7.36
C SER A 98 1.62 -12.35 8.63
N GLY A 99 2.84 -12.88 8.47
CA GLY A 99 3.71 -13.07 9.61
C GLY A 99 5.17 -12.91 9.25
N SER A 100 5.69 -11.69 9.40
CA SER A 100 7.09 -11.42 9.08
C SER A 100 7.75 -10.63 10.21
N ASP A 101 7.02 -10.45 11.31
CA ASP A 101 7.55 -9.72 12.45
C ASP A 101 8.12 -8.37 12.03
N PHE A 102 7.62 -7.85 10.92
CA PHE A 102 8.09 -6.56 10.40
C PHE A 102 9.59 -6.59 10.16
N SER A 103 10.13 -7.79 9.99
CA SER A 103 11.57 -7.95 9.75
C SER A 103 12.38 -7.38 10.91
N PHE A 104 13.69 -7.59 10.85
CA PHE A 104 14.57 -7.09 11.91
C PHE A 104 15.72 -6.29 11.30
N ARG A 105 15.42 -5.51 10.27
CA ARG A 105 16.43 -4.68 9.62
C ARG A 105 17.21 -3.86 10.63
N PRO A 106 18.40 -3.38 10.22
CA PRO A 106 19.27 -2.57 11.08
C PRO A 106 18.69 -1.19 11.34
N ILE A 107 19.50 -0.32 11.96
CA ILE A 107 19.07 1.04 12.27
C ILE A 107 20.20 2.02 12.07
N GLU A 108 21.06 1.75 11.10
CA GLU A 108 22.20 2.62 10.81
C GLU A 108 21.75 4.07 10.65
N GLU A 109 21.15 4.39 9.51
CA GLU A 109 20.68 5.74 9.24
C GLU A 109 20.05 5.83 7.86
N ALA A 110 20.00 7.03 7.31
CA ALA A 110 19.42 7.26 5.99
C ALA A 110 20.19 6.47 4.92
N GLY A 1 -9.18 -10.73 5.42
CA GLY A 1 -7.92 -11.44 5.58
C GLY A 1 -8.09 -12.95 5.56
N SER A 2 -7.56 -13.59 4.51
CA SER A 2 -7.66 -15.03 4.38
C SER A 2 -6.98 -15.51 3.10
N HIS A 3 -7.21 -14.78 2.01
CA HIS A 3 -6.61 -15.12 0.72
C HIS A 3 -6.34 -13.87 -0.10
N MET A 4 -5.11 -13.37 -0.02
CA MET A 4 -4.71 -12.18 -0.76
C MET A 4 -3.34 -12.36 -1.41
N ALA A 5 -3.33 -13.03 -2.56
CA ALA A 5 -2.09 -13.28 -3.28
C ALA A 5 -1.70 -12.06 -4.13
N SER A 6 -1.61 -10.90 -3.49
CA SER A 6 -1.25 -9.67 -4.19
C SER A 6 -2.45 -9.10 -4.93
N ALA A 7 -3.22 -9.97 -5.58
CA ALA A 7 -4.39 -9.56 -6.33
C ALA A 7 -5.34 -8.75 -5.45
N ASP A 8 -5.35 -9.06 -4.15
CA ASP A 8 -6.21 -8.36 -3.20
C ASP A 8 -5.65 -6.99 -2.87
N LEU A 9 -4.33 -6.92 -2.70
CA LEU A 9 -3.68 -5.65 -2.37
C LEU A 9 -3.70 -4.70 -3.56
N VAL A 10 -3.44 -5.23 -4.75
CA VAL A 10 -3.44 -4.44 -5.96
C VAL A 10 -4.84 -3.95 -6.30
N SER A 11 -5.80 -4.87 -6.32
CA SER A 11 -7.18 -4.54 -6.65
C SER A 11 -7.74 -3.54 -5.62
N SER A 12 -7.41 -3.76 -4.36
CA SER A 12 -7.87 -2.89 -3.29
C SER A 12 -7.20 -1.53 -3.36
N CYS A 13 -5.87 -1.54 -3.36
CA CYS A 13 -5.09 -0.31 -3.42
C CYS A 13 -5.45 0.50 -4.66
N LYS A 14 -5.64 -0.19 -5.78
CA LYS A 14 -5.98 0.46 -7.04
C LYS A 14 -7.35 1.12 -6.95
N ASP A 15 -8.35 0.35 -6.55
CA ASP A 15 -9.71 0.86 -6.42
C ASP A 15 -9.73 2.16 -5.62
N LYS A 16 -9.12 2.13 -4.44
CA LYS A 16 -9.06 3.30 -3.57
C LYS A 16 -8.18 4.38 -4.18
N LEU A 17 -7.04 3.97 -4.72
CA LEU A 17 -6.10 4.91 -5.34
C LEU A 17 -6.79 5.72 -6.43
N ALA A 18 -7.59 5.05 -7.25
CA ALA A 18 -8.31 5.71 -8.33
C ALA A 18 -9.42 6.60 -7.79
N TYR A 19 -10.14 6.09 -6.79
CA TYR A 19 -11.23 6.85 -6.18
C TYR A 19 -10.70 7.98 -5.30
N PHE A 20 -9.41 7.92 -5.01
CA PHE A 20 -8.77 8.94 -4.17
C PHE A 20 -8.02 9.95 -5.03
N ARG A 21 -8.21 11.23 -4.74
CA ARG A 21 -7.55 12.29 -5.48
C ARG A 21 -6.03 12.17 -5.37
N ILE A 22 -5.31 13.20 -5.83
CA ILE A 22 -3.86 13.20 -5.78
C ILE A 22 -3.35 13.15 -4.34
N LYS A 23 -4.19 13.60 -3.41
CA LYS A 23 -3.84 13.60 -2.00
C LYS A 23 -3.27 12.25 -1.58
N GLU A 24 -3.98 11.19 -1.94
CA GLU A 24 -3.55 9.84 -1.60
C GLU A 24 -2.26 9.47 -2.33
N LEU A 25 -2.28 9.62 -3.64
CA LEU A 25 -1.11 9.31 -4.46
C LEU A 25 0.14 9.99 -3.92
N LYS A 26 0.06 11.31 -3.74
CA LYS A 26 1.18 12.08 -3.22
C LYS A 26 1.56 11.61 -1.82
N ASP A 27 0.55 11.31 -1.01
CA ASP A 27 0.78 10.84 0.36
C ASP A 27 1.76 9.67 0.38
N ILE A 28 1.45 8.65 -0.43
CA ILE A 28 2.29 7.46 -0.50
C ILE A 28 3.62 7.77 -1.18
N LEU A 29 3.60 8.69 -2.14
CA LEU A 29 4.80 9.08 -2.86
C LEU A 29 5.82 9.72 -1.92
N ASN A 30 5.40 10.80 -1.28
CA ASN A 30 6.27 11.51 -0.34
C ASN A 30 6.77 10.58 0.76
N GLN A 31 5.87 9.70 1.22
CA GLN A 31 6.22 8.75 2.27
C GLN A 31 7.09 7.62 1.73
N LEU A 32 7.06 7.43 0.42
CA LEU A 32 7.84 6.39 -0.24
C LEU A 32 9.24 6.90 -0.56
N GLY A 33 9.34 8.17 -0.90
CA GLY A 33 10.63 8.75 -1.24
C GLY A 33 11.04 8.45 -2.67
N LEU A 34 10.08 8.54 -3.59
CA LEU A 34 10.36 8.28 -5.00
C LEU A 34 9.98 9.48 -5.86
N PRO A 35 10.83 10.51 -5.85
CA PRO A 35 10.60 11.73 -6.63
C PRO A 35 10.73 11.49 -8.13
N LYS A 36 9.66 11.02 -8.75
CA LYS A 36 9.66 10.75 -10.18
C LYS A 36 8.24 10.52 -10.69
N GLN A 37 7.40 11.55 -10.54
CA GLN A 37 6.01 11.46 -10.98
C GLN A 37 5.65 12.64 -11.88
N GLY A 38 4.37 12.77 -12.20
CA GLY A 38 3.92 13.85 -13.04
C GLY A 38 2.44 14.17 -12.86
N LYS A 39 1.61 13.60 -13.73
CA LYS A 39 0.17 13.83 -13.66
C LYS A 39 -0.52 12.68 -12.93
N LYS A 40 -1.84 12.76 -12.81
CA LYS A 40 -2.62 11.74 -12.13
C LYS A 40 -2.25 10.35 -12.64
N GLN A 41 -1.81 10.28 -13.90
CA GLN A 41 -1.43 9.02 -14.50
C GLN A 41 -0.10 8.52 -13.94
N ASP A 42 0.89 9.41 -13.87
CA ASP A 42 2.20 9.07 -13.35
C ASP A 42 2.10 8.60 -11.90
N LEU A 43 1.40 9.38 -11.08
CA LEU A 43 1.23 9.05 -9.68
C LEU A 43 0.54 7.70 -9.51
N ILE A 44 -0.66 7.58 -10.07
CA ILE A 44 -1.42 6.34 -9.98
C ILE A 44 -0.59 5.15 -10.46
N ASP A 45 0.01 5.29 -11.63
CA ASP A 45 0.83 4.22 -12.20
C ASP A 45 2.04 3.94 -11.30
N ARG A 46 2.49 4.95 -10.57
CA ARG A 46 3.62 4.82 -9.67
C ARG A 46 3.29 3.88 -8.51
N VAL A 47 2.17 4.14 -7.85
CA VAL A 47 1.75 3.33 -6.72
C VAL A 47 1.52 1.88 -7.15
N LEU A 48 0.69 1.69 -8.16
CA LEU A 48 0.39 0.35 -8.67
C LEU A 48 1.67 -0.36 -9.12
N ALA A 49 2.59 0.40 -9.69
CA ALA A 49 3.86 -0.16 -10.15
C ALA A 49 4.71 -0.65 -8.98
N LEU A 50 4.53 -0.01 -7.82
CA LEU A 50 5.28 -0.38 -6.63
C LEU A 50 4.71 -1.64 -5.99
N LEU A 51 3.38 -1.69 -5.90
CA LEU A 51 2.70 -2.85 -5.32
C LEU A 51 2.63 -4.00 -6.30
N THR A 52 2.94 -3.71 -7.56
CA THR A 52 2.91 -4.73 -8.61
C THR A 52 4.33 -5.13 -9.02
N ASP A 53 5.05 -4.22 -9.63
CA ASP A 53 6.42 -4.47 -10.07
C ASP A 53 7.36 -4.58 -8.88
N GLU A 54 6.88 -4.16 -7.71
CA GLU A 54 7.68 -4.20 -6.49
C GLU A 54 6.90 -4.85 -5.36
N GLN A 55 5.93 -5.69 -5.71
CA GLN A 55 5.12 -6.38 -4.72
C GLN A 55 5.99 -7.12 -3.71
N GLY A 56 7.22 -7.43 -4.12
CA GLY A 56 8.13 -8.13 -3.24
C GLY A 56 7.67 -9.55 -2.94
N GLN A 57 7.26 -10.27 -3.98
CA GLN A 57 6.79 -11.64 -3.82
C GLN A 57 7.87 -12.52 -3.21
N ARG A 58 9.10 -12.36 -3.70
CA ARG A 58 10.23 -13.15 -3.22
C ARG A 58 11.50 -12.30 -3.17
N HIS A 59 11.49 -11.27 -2.34
CA HIS A 59 12.65 -10.39 -2.20
C HIS A 59 12.39 -9.31 -1.16
N HIS A 60 12.44 -9.69 0.11
CA HIS A 60 12.20 -8.76 1.20
C HIS A 60 11.00 -7.86 0.91
N GLY A 61 10.87 -6.77 1.68
CA GLY A 61 9.77 -5.86 1.48
C GLY A 61 8.94 -5.67 2.73
N TRP A 62 9.60 -5.73 3.89
CA TRP A 62 8.91 -5.57 5.16
C TRP A 62 9.37 -4.30 5.87
N GLY A 63 10.62 -4.28 6.30
CA GLY A 63 11.16 -3.13 6.98
C GLY A 63 10.28 -2.65 8.11
N ARG A 64 9.59 -3.60 8.77
CA ARG A 64 8.71 -3.27 9.87
C ARG A 64 7.83 -2.07 9.52
N LYS A 65 7.55 -1.90 8.24
CA LYS A 65 6.72 -0.81 7.77
C LYS A 65 7.45 0.53 7.88
N ASN A 66 8.29 0.81 6.89
CA ASN A 66 9.05 2.06 6.88
C ASN A 66 8.27 3.17 6.19
N SER A 67 6.97 2.96 6.02
CA SER A 67 6.11 3.95 5.38
C SER A 67 6.45 4.07 3.90
N LEU A 68 7.11 3.06 3.35
CA LEU A 68 7.49 3.06 1.95
C LEU A 68 7.32 1.68 1.33
N THR A 69 6.43 0.88 1.92
CA THR A 69 6.18 -0.46 1.43
C THR A 69 4.68 -0.73 1.30
N LYS A 70 4.33 -1.95 0.90
CA LYS A 70 2.93 -2.34 0.74
C LYS A 70 2.13 -1.95 1.98
N GLU A 71 2.74 -2.09 3.15
CA GLU A 71 2.07 -1.76 4.40
C GLU A 71 1.68 -0.29 4.44
N ALA A 72 2.59 0.56 3.98
CA ALA A 72 2.34 2.00 3.95
C ALA A 72 1.19 2.35 3.01
N VAL A 73 1.25 1.83 1.79
CA VAL A 73 0.21 2.08 0.81
C VAL A 73 -1.16 1.69 1.34
N ALA A 74 -1.25 0.51 1.92
CA ALA A 74 -2.51 0.01 2.47
C ALA A 74 -2.86 0.74 3.76
N LYS A 75 -1.84 1.28 4.43
CA LYS A 75 -2.04 2.00 5.69
C LYS A 75 -2.83 3.28 5.45
N ILE A 76 -2.41 4.06 4.46
CA ILE A 76 -3.06 5.32 4.13
C ILE A 76 -4.39 5.06 3.42
N VAL A 77 -4.39 4.09 2.51
CA VAL A 77 -5.59 3.75 1.75
C VAL A 77 -6.71 3.29 2.69
N ASP A 78 -6.35 2.48 3.67
CA ASP A 78 -7.32 1.96 4.63
C ASP A 78 -7.78 3.07 5.59
N ASP A 79 -6.81 3.80 6.15
CA ASP A 79 -7.12 4.88 7.08
C ASP A 79 -7.96 5.96 6.39
N THR A 80 -7.59 6.31 5.17
CA THR A 80 -8.30 7.33 4.41
C THR A 80 -9.71 6.87 4.06
N TYR A 81 -9.82 5.61 3.62
CA TYR A 81 -11.11 5.04 3.24
C TYR A 81 -12.01 4.91 4.46
N ARG A 82 -11.51 4.23 5.49
CA ARG A 82 -12.29 4.04 6.71
C ARG A 82 -12.73 5.37 7.31
N LYS A 83 -11.87 6.38 7.19
CA LYS A 83 -12.18 7.71 7.71
C LYS A 83 -13.09 8.47 6.75
N MET A 84 -13.03 8.11 5.47
CA MET A 84 -13.84 8.76 4.45
C MET A 84 -15.32 8.51 4.70
N GLN A 85 -15.71 7.24 4.78
CA GLN A 85 -17.09 6.87 5.01
C GLN A 85 -17.18 5.54 5.74
N ILE A 86 -16.08 5.12 6.34
CA ILE A 86 -16.03 3.85 7.06
C ILE A 86 -16.70 2.74 6.28
N GLN A 87 -15.94 2.09 5.41
CA GLN A 87 -16.46 1.01 4.59
C GLN A 87 -16.39 -0.32 5.34
N CYS A 88 -16.81 -1.40 4.68
CA CYS A 88 -16.79 -2.73 5.28
C CYS A 88 -15.37 -3.25 5.39
N ALA A 89 -14.58 -2.62 6.26
CA ALA A 89 -13.19 -3.03 6.45
C ALA A 89 -13.07 -4.55 6.56
N PRO A 90 -12.53 -5.19 5.52
CA PRO A 90 -12.35 -6.63 5.47
C PRO A 90 -11.27 -7.12 6.44
N ASP A 91 -10.60 -6.18 7.08
CA ASP A 91 -9.55 -6.51 8.03
C ASP A 91 -8.40 -7.23 7.35
N LEU A 92 -7.70 -6.51 6.48
CA LEU A 92 -6.57 -7.08 5.75
C LEU A 92 -5.69 -7.92 6.67
N ALA A 93 -4.90 -7.25 7.51
CA ALA A 93 -4.02 -7.94 8.44
C ALA A 93 -3.19 -6.95 9.24
N THR A 94 -3.78 -5.78 9.53
CA THR A 94 -3.09 -4.75 10.28
C THR A 94 -2.03 -4.07 9.44
N ARG A 95 -1.04 -4.84 8.98
CA ARG A 95 0.04 -4.32 8.17
C ARG A 95 0.94 -5.44 7.67
N SER A 96 0.37 -6.62 7.51
CA SER A 96 1.13 -7.78 7.04
C SER A 96 0.25 -9.03 7.00
N HIS A 97 -0.11 -9.46 5.80
CA HIS A 97 -0.95 -10.64 5.63
C HIS A 97 -0.10 -11.88 5.39
N SER A 98 1.09 -11.68 4.83
CA SER A 98 2.00 -12.78 4.54
C SER A 98 3.45 -12.36 4.75
N GLY A 99 3.89 -12.35 6.01
CA GLY A 99 5.26 -11.97 6.30
C GLY A 99 5.33 -10.82 7.29
N SER A 100 5.49 -11.14 8.57
CA SER A 100 5.56 -10.13 9.61
C SER A 100 6.83 -10.30 10.44
N ASP A 101 7.70 -11.20 10.00
CA ASP A 101 8.96 -11.46 10.70
C ASP A 101 8.72 -11.75 12.17
N PHE A 102 7.50 -12.21 12.49
CA PHE A 102 7.14 -12.53 13.86
C PHE A 102 7.22 -11.29 14.75
N SER A 103 7.15 -10.12 14.12
CA SER A 103 7.22 -8.86 14.84
C SER A 103 5.94 -8.05 14.66
N PHE A 104 5.97 -6.80 15.10
CA PHE A 104 4.80 -5.93 14.99
C PHE A 104 3.61 -6.48 15.78
N ARG A 105 3.73 -6.46 17.10
CA ARG A 105 2.68 -6.96 17.97
C ARG A 105 1.32 -6.37 17.59
N PRO A 106 0.24 -7.03 18.02
CA PRO A 106 -1.13 -6.58 17.73
C PRO A 106 -1.49 -5.31 18.47
N ILE A 107 -1.33 -4.17 17.81
CA ILE A 107 -1.66 -2.88 18.41
C ILE A 107 -2.28 -1.94 17.38
N GLU A 108 -3.07 -2.50 16.47
CA GLU A 108 -3.73 -1.72 15.44
C GLU A 108 -4.49 -0.55 16.06
N GLU A 109 -4.99 -0.74 17.27
CA GLU A 109 -5.73 0.30 17.98
C GLU A 109 -4.82 1.45 18.37
N ALA A 110 -4.60 2.38 17.45
CA ALA A 110 -3.75 3.53 17.70
C ALA A 110 -3.94 4.60 16.62
N GLY A 1 -6.82 -18.01 2.60
CA GLY A 1 -7.49 -18.21 1.33
C GLY A 1 -6.77 -19.19 0.44
N SER A 2 -6.77 -18.92 -0.87
CA SER A 2 -6.12 -19.80 -1.83
C SER A 2 -4.72 -19.28 -2.18
N HIS A 3 -4.12 -18.56 -1.23
CA HIS A 3 -2.78 -18.01 -1.42
C HIS A 3 -2.77 -17.03 -2.60
N MET A 4 -3.75 -16.12 -2.62
CA MET A 4 -3.85 -15.13 -3.68
C MET A 4 -4.38 -13.81 -3.14
N ALA A 5 -3.48 -13.00 -2.57
CA ALA A 5 -3.86 -11.71 -2.03
C ALA A 5 -3.29 -10.56 -2.86
N SER A 6 -2.31 -10.89 -3.70
CA SER A 6 -1.68 -9.89 -4.55
C SER A 6 -2.73 -9.07 -5.32
N ALA A 7 -3.62 -9.78 -6.00
CA ALA A 7 -4.68 -9.13 -6.77
C ALA A 7 -5.64 -8.37 -5.85
N ASP A 8 -5.67 -8.77 -4.58
CA ASP A 8 -6.55 -8.12 -3.61
C ASP A 8 -5.97 -6.78 -3.16
N LEU A 9 -4.66 -6.77 -2.89
CA LEU A 9 -3.99 -5.56 -2.46
C LEU A 9 -3.91 -4.53 -3.59
N VAL A 10 -3.62 -5.01 -4.79
CA VAL A 10 -3.51 -4.14 -5.95
C VAL A 10 -4.88 -3.58 -6.34
N SER A 11 -5.86 -4.46 -6.48
CA SER A 11 -7.21 -4.06 -6.85
C SER A 11 -7.81 -3.14 -5.80
N SER A 12 -7.52 -3.41 -4.54
CA SER A 12 -8.03 -2.61 -3.44
C SER A 12 -7.31 -1.26 -3.38
N CYS A 13 -5.99 -1.30 -3.35
CA CYS A 13 -5.18 -0.09 -3.29
C CYS A 13 -5.45 0.80 -4.50
N LYS A 14 -5.59 0.17 -5.66
CA LYS A 14 -5.85 0.90 -6.90
C LYS A 14 -7.22 1.55 -6.88
N ASP A 15 -8.25 0.73 -6.62
CA ASP A 15 -9.61 1.23 -6.57
C ASP A 15 -9.73 2.44 -5.65
N LYS A 16 -9.14 2.33 -4.47
CA LYS A 16 -9.16 3.43 -3.50
C LYS A 16 -8.30 4.59 -3.96
N LEU A 17 -7.05 4.30 -4.31
CA LEU A 17 -6.13 5.33 -4.77
C LEU A 17 -6.74 6.15 -5.91
N ALA A 18 -7.40 5.46 -6.83
CA ALA A 18 -8.05 6.11 -7.96
C ALA A 18 -9.25 6.94 -7.51
N TYR A 19 -10.06 6.35 -6.63
CA TYR A 19 -11.25 7.02 -6.12
C TYR A 19 -10.87 8.17 -5.18
N PHE A 20 -9.61 8.18 -4.75
CA PHE A 20 -9.12 9.22 -3.86
C PHE A 20 -8.32 10.27 -4.63
N ARG A 21 -8.56 11.53 -4.31
CA ARG A 21 -7.87 12.63 -4.97
C ARG A 21 -6.35 12.45 -4.89
N ILE A 22 -5.61 13.35 -5.53
CA ILE A 22 -4.16 13.29 -5.53
C ILE A 22 -3.61 13.18 -4.11
N LYS A 23 -4.40 13.65 -3.14
CA LYS A 23 -4.00 13.60 -1.74
C LYS A 23 -3.44 12.24 -1.38
N GLU A 24 -4.19 11.19 -1.72
CA GLU A 24 -3.76 9.82 -1.43
C GLU A 24 -2.40 9.53 -2.07
N LEU A 25 -2.31 9.73 -3.37
CA LEU A 25 -1.08 9.49 -4.10
C LEU A 25 0.09 10.25 -3.48
N LYS A 26 -0.10 11.57 -3.32
CA LYS A 26 0.93 12.42 -2.74
C LYS A 26 1.50 11.79 -1.47
N ASP A 27 0.61 11.29 -0.61
CA ASP A 27 1.02 10.66 0.64
C ASP A 27 1.94 9.48 0.37
N ILE A 28 1.59 8.66 -0.62
CA ILE A 28 2.39 7.50 -0.97
C ILE A 28 3.81 7.90 -1.32
N LEU A 29 3.96 8.84 -2.23
CA LEU A 29 5.27 9.32 -2.65
C LEU A 29 6.02 9.96 -1.49
N ASN A 30 5.35 10.87 -0.79
CA ASN A 30 5.95 11.56 0.35
C ASN A 30 6.62 10.57 1.29
N GLN A 31 6.03 9.38 1.40
CA GLN A 31 6.57 8.34 2.28
C GLN A 31 7.77 7.66 1.63
N LEU A 32 7.70 7.48 0.31
CA LEU A 32 8.79 6.84 -0.42
C LEU A 32 9.90 7.84 -0.72
N GLY A 33 9.68 9.09 -0.36
CA GLY A 33 10.68 10.13 -0.60
C GLY A 33 10.23 11.13 -1.63
N LEU A 34 8.97 11.54 -1.55
CA LEU A 34 8.42 12.52 -2.50
C LEU A 34 8.25 11.89 -3.89
N PRO A 35 7.32 12.45 -4.67
CA PRO A 35 7.03 11.97 -6.02
C PRO A 35 8.17 12.27 -6.99
N LYS A 36 8.01 11.83 -8.24
CA LYS A 36 9.02 12.05 -9.26
C LYS A 36 8.57 11.48 -10.61
N GLN A 37 7.27 11.49 -10.84
CA GLN A 37 6.71 10.97 -12.08
C GLN A 37 5.97 12.07 -12.84
N GLY A 38 5.24 11.67 -13.88
CA GLY A 38 4.48 12.63 -14.66
C GLY A 38 3.30 13.20 -13.91
N LYS A 39 2.11 13.02 -14.46
CA LYS A 39 0.89 13.52 -13.83
C LYS A 39 0.22 12.44 -12.99
N LYS A 40 -0.98 12.73 -12.50
CA LYS A 40 -1.73 11.78 -11.68
C LYS A 40 -1.74 10.40 -12.32
N GLN A 41 -1.70 10.37 -13.66
CA GLN A 41 -1.70 9.11 -14.38
C GLN A 41 -0.40 8.34 -14.17
N ASP A 42 0.72 8.99 -14.45
CA ASP A 42 2.03 8.37 -14.27
C ASP A 42 2.21 7.88 -12.85
N LEU A 43 1.86 8.72 -11.88
CA LEU A 43 1.99 8.38 -10.47
C LEU A 43 1.18 7.13 -10.14
N ILE A 44 -0.10 7.15 -10.51
CA ILE A 44 -0.98 6.02 -10.25
C ILE A 44 -0.37 4.72 -10.76
N ASP A 45 0.08 4.73 -12.01
CA ASP A 45 0.70 3.55 -12.61
C ASP A 45 1.92 3.10 -11.81
N ARG A 46 2.64 4.07 -11.25
CA ARG A 46 3.83 3.77 -10.47
C ARG A 46 3.46 3.05 -9.18
N VAL A 47 2.43 3.53 -8.50
CA VAL A 47 1.99 2.93 -7.25
C VAL A 47 1.62 1.46 -7.46
N LEU A 48 0.72 1.21 -8.41
CA LEU A 48 0.27 -0.14 -8.70
C LEU A 48 1.45 -1.03 -9.10
N ALA A 49 2.39 -0.45 -9.84
CA ALA A 49 3.57 -1.18 -10.27
C ALA A 49 4.47 -1.54 -9.09
N LEU A 50 4.39 -0.73 -8.03
CA LEU A 50 5.20 -0.96 -6.84
C LEU A 50 4.60 -2.08 -5.99
N LEU A 51 3.28 -2.04 -5.81
CA LEU A 51 2.59 -3.05 -5.02
C LEU A 51 2.37 -4.32 -5.83
N THR A 52 2.61 -4.24 -7.13
CA THR A 52 2.45 -5.39 -8.02
C THR A 52 3.79 -5.95 -8.45
N ASP A 53 4.55 -5.15 -9.21
CA ASP A 53 5.86 -5.57 -9.68
C ASP A 53 6.89 -5.54 -8.56
N GLU A 54 6.50 -4.94 -7.44
CA GLU A 54 7.39 -4.84 -6.28
C GLU A 54 6.68 -5.27 -5.00
N GLN A 55 5.63 -6.09 -5.16
CA GLN A 55 4.86 -6.56 -4.01
C GLN A 55 5.77 -7.18 -2.96
N GLY A 56 6.95 -7.62 -3.38
CA GLY A 56 7.89 -8.23 -2.47
C GLY A 56 7.40 -9.55 -1.92
N GLN A 57 6.88 -10.40 -2.81
CA GLN A 57 6.37 -11.70 -2.40
C GLN A 57 7.51 -12.66 -2.07
N ARG A 58 8.57 -12.60 -2.86
CA ARG A 58 9.73 -13.46 -2.65
C ARG A 58 11.00 -12.63 -2.47
N HIS A 59 10.86 -11.50 -1.78
CA HIS A 59 12.00 -10.62 -1.53
C HIS A 59 11.77 -9.79 -0.27
N HIS A 60 12.64 -8.81 -0.05
CA HIS A 60 12.54 -7.95 1.13
C HIS A 60 12.68 -6.48 0.73
N GLY A 61 12.74 -5.61 1.74
CA GLY A 61 12.87 -4.18 1.47
C GLY A 61 11.95 -3.35 2.34
N TRP A 62 11.73 -3.80 3.57
CA TRP A 62 10.86 -3.09 4.50
C TRP A 62 11.66 -2.54 5.68
N GLY A 63 12.09 -3.45 6.56
CA GLY A 63 12.86 -3.03 7.72
C GLY A 63 12.07 -3.12 9.01
N ARG A 64 11.00 -2.34 9.09
CA ARG A 64 10.15 -2.33 10.27
C ARG A 64 9.02 -1.30 10.13
N LYS A 65 9.31 -0.22 9.41
CA LYS A 65 8.32 0.83 9.19
C LYS A 65 8.83 1.87 8.20
N ASN A 66 9.74 1.44 7.32
CA ASN A 66 10.30 2.33 6.32
C ASN A 66 9.21 3.06 5.56
N SER A 67 8.02 2.47 5.53
CA SER A 67 6.89 3.07 4.83
C SER A 67 7.17 3.21 3.34
N LEU A 68 7.91 2.24 2.80
CA LEU A 68 8.26 2.25 1.38
C LEU A 68 7.84 0.95 0.71
N THR A 69 6.74 0.36 1.19
CA THR A 69 6.23 -0.89 0.63
C THR A 69 4.72 -0.95 0.73
N LYS A 70 4.16 -2.09 0.34
CA LYS A 70 2.72 -2.29 0.38
C LYS A 70 2.16 -1.88 1.74
N GLU A 71 2.96 -2.05 2.78
CA GLU A 71 2.55 -1.69 4.14
C GLU A 71 2.16 -0.22 4.22
N ALA A 72 3.05 0.64 3.72
CA ALA A 72 2.81 2.09 3.74
C ALA A 72 1.64 2.45 2.83
N VAL A 73 1.70 1.99 1.59
CA VAL A 73 0.65 2.28 0.61
C VAL A 73 -0.71 1.85 1.14
N ALA A 74 -0.78 0.63 1.67
CA ALA A 74 -2.02 0.10 2.21
C ALA A 74 -2.40 0.80 3.52
N LYS A 75 -1.39 1.30 4.22
CA LYS A 75 -1.61 1.98 5.49
C LYS A 75 -2.43 3.26 5.28
N ILE A 76 -1.98 4.08 4.34
CA ILE A 76 -2.68 5.34 4.04
C ILE A 76 -4.01 5.08 3.34
N VAL A 77 -3.96 4.29 2.27
CA VAL A 77 -5.17 3.96 1.51
C VAL A 77 -6.26 3.42 2.43
N ASP A 78 -5.87 2.60 3.39
CA ASP A 78 -6.82 2.02 4.34
C ASP A 78 -7.36 3.08 5.28
N ASP A 79 -6.46 3.91 5.82
CA ASP A 79 -6.85 4.98 6.73
C ASP A 79 -7.87 5.91 6.09
N THR A 80 -7.54 6.41 4.90
CA THR A 80 -8.42 7.32 4.18
C THR A 80 -9.76 6.64 3.85
N TYR A 81 -9.69 5.40 3.41
CA TYR A 81 -10.89 4.64 3.07
C TYR A 81 -11.74 4.39 4.31
N ARG A 82 -11.09 4.23 5.46
CA ARG A 82 -11.80 3.99 6.71
C ARG A 82 -12.60 5.21 7.13
N LYS A 83 -11.93 6.36 7.20
CA LYS A 83 -12.57 7.60 7.58
C LYS A 83 -13.71 7.96 6.62
N MET A 84 -13.43 7.83 5.32
CA MET A 84 -14.42 8.13 4.30
C MET A 84 -15.51 7.07 4.27
N GLN A 85 -15.18 5.87 4.71
CA GLN A 85 -16.12 4.76 4.72
C GLN A 85 -16.00 3.95 6.02
N ILE A 86 -16.45 4.55 7.13
CA ILE A 86 -16.39 3.89 8.42
C ILE A 86 -17.43 2.79 8.53
N GLN A 87 -17.24 1.72 7.78
CA GLN A 87 -18.17 0.60 7.78
C GLN A 87 -17.64 -0.56 6.94
N CYS A 88 -17.91 -1.78 7.38
CA CYS A 88 -17.47 -2.98 6.67
C CYS A 88 -15.94 -3.04 6.63
N ALA A 89 -15.29 -2.32 7.54
CA ALA A 89 -13.83 -2.30 7.61
C ALA A 89 -13.27 -3.72 7.64
N PRO A 90 -12.47 -4.06 6.62
CA PRO A 90 -11.84 -5.38 6.51
C PRO A 90 -10.76 -5.60 7.54
N ASP A 91 -10.44 -4.55 8.29
CA ASP A 91 -9.41 -4.62 9.32
C ASP A 91 -8.04 -4.89 8.71
N LEU A 92 -7.82 -4.37 7.51
CA LEU A 92 -6.55 -4.55 6.82
C LEU A 92 -6.11 -6.01 6.88
N ALA A 93 -7.08 -6.93 6.93
CA ALA A 93 -6.78 -8.35 7.00
C ALA A 93 -5.76 -8.66 8.08
N THR A 94 -5.80 -7.88 9.17
CA THR A 94 -4.87 -8.07 10.27
C THR A 94 -3.43 -8.10 9.78
N ARG A 95 -3.17 -7.42 8.67
CA ARG A 95 -1.83 -7.38 8.09
C ARG A 95 -1.30 -8.78 7.85
N SER A 96 -2.21 -9.73 7.69
CA SER A 96 -1.83 -11.12 7.46
C SER A 96 -2.55 -11.68 6.23
N HIS A 97 -1.82 -11.79 5.12
CA HIS A 97 -2.39 -12.31 3.88
C HIS A 97 -1.32 -12.41 2.80
N SER A 98 -0.41 -11.46 2.78
CA SER A 98 0.66 -11.43 1.80
C SER A 98 2.01 -11.76 2.44
N GLY A 99 2.08 -12.93 3.08
CA GLY A 99 3.30 -13.35 3.73
C GLY A 99 4.13 -14.27 2.85
N SER A 100 3.94 -15.57 3.02
CA SER A 100 4.69 -16.55 2.24
C SER A 100 3.76 -17.67 1.74
N ASP A 101 4.35 -18.81 1.42
CA ASP A 101 3.58 -19.95 0.93
C ASP A 101 2.59 -20.43 1.98
N PHE A 102 2.76 -19.94 3.21
CA PHE A 102 1.88 -20.32 4.31
C PHE A 102 1.26 -19.09 4.95
N SER A 103 1.38 -17.95 4.29
CA SER A 103 0.83 -16.70 4.79
C SER A 103 1.43 -16.35 6.14
N PHE A 104 2.74 -16.52 6.26
CA PHE A 104 3.44 -16.21 7.50
C PHE A 104 4.94 -16.15 7.28
N ARG A 105 5.36 -15.26 6.38
CA ARG A 105 6.78 -15.10 6.09
C ARG A 105 7.60 -14.92 7.36
N PRO A 106 8.74 -15.61 7.43
CA PRO A 106 9.63 -15.54 8.59
C PRO A 106 10.33 -14.19 8.71
N ILE A 107 11.28 -14.10 9.64
CA ILE A 107 12.02 -12.86 9.85
C ILE A 107 13.49 -13.15 10.16
N GLU A 108 14.03 -14.20 9.54
CA GLU A 108 15.42 -14.57 9.75
C GLU A 108 16.34 -13.37 9.55
N GLU A 109 15.95 -12.47 8.65
CA GLU A 109 16.74 -11.28 8.37
C GLU A 109 16.72 -10.32 9.55
N ALA A 110 17.62 -10.56 10.51
CA ALA A 110 17.71 -9.72 11.69
C ALA A 110 18.96 -10.03 12.50
N GLY A 1 -1.45 -18.21 -4.04
CA GLY A 1 -2.55 -19.00 -4.56
C GLY A 1 -3.37 -19.64 -3.45
N SER A 2 -4.28 -18.86 -2.87
CA SER A 2 -5.13 -19.36 -1.80
C SER A 2 -6.10 -18.27 -1.33
N HIS A 3 -5.56 -17.16 -0.86
CA HIS A 3 -6.36 -16.05 -0.39
C HIS A 3 -5.73 -14.71 -0.75
N MET A 4 -6.19 -14.13 -1.86
CA MET A 4 -5.66 -12.85 -2.32
C MET A 4 -4.20 -12.97 -2.72
N ALA A 5 -3.95 -13.62 -3.86
CA ALA A 5 -2.60 -13.81 -4.35
C ALA A 5 -2.06 -12.54 -4.99
N SER A 6 -2.04 -11.46 -4.22
CA SER A 6 -1.57 -10.17 -4.70
C SER A 6 -2.62 -9.48 -5.56
N ALA A 7 -3.28 -10.26 -6.42
CA ALA A 7 -4.32 -9.73 -7.30
C ALA A 7 -5.35 -8.94 -6.50
N ASP A 8 -5.58 -9.35 -5.26
CA ASP A 8 -6.54 -8.69 -4.40
C ASP A 8 -5.95 -7.41 -3.82
N LEU A 9 -4.68 -7.45 -3.46
CA LEU A 9 -4.00 -6.29 -2.89
C LEU A 9 -3.82 -5.20 -3.94
N VAL A 10 -3.49 -5.60 -5.16
CA VAL A 10 -3.29 -4.67 -6.26
C VAL A 10 -4.61 -4.09 -6.73
N SER A 11 -5.57 -4.97 -7.03
CA SER A 11 -6.88 -4.54 -7.49
C SER A 11 -7.55 -3.63 -6.47
N SER A 12 -7.44 -4.00 -5.20
CA SER A 12 -8.05 -3.23 -4.12
C SER A 12 -7.35 -1.89 -3.96
N CYS A 13 -6.03 -1.92 -3.78
CA CYS A 13 -5.24 -0.71 -3.61
C CYS A 13 -5.52 0.28 -4.74
N LYS A 14 -5.66 -0.25 -5.96
CA LYS A 14 -5.92 0.58 -7.13
C LYS A 14 -7.30 1.22 -7.04
N ASP A 15 -8.31 0.40 -6.75
CA ASP A 15 -9.68 0.88 -6.63
C ASP A 15 -9.75 2.08 -5.69
N LYS A 16 -9.25 1.89 -4.47
CA LYS A 16 -9.26 2.96 -3.47
C LYS A 16 -8.38 4.12 -3.91
N LEU A 17 -7.17 3.82 -4.36
CA LEU A 17 -6.24 4.84 -4.80
C LEU A 17 -6.87 5.71 -5.89
N ALA A 18 -7.58 5.08 -6.80
CA ALA A 18 -8.24 5.80 -7.90
C ALA A 18 -9.39 6.65 -7.37
N TYR A 19 -10.15 6.12 -6.43
CA TYR A 19 -11.28 6.83 -5.84
C TYR A 19 -10.80 7.99 -4.99
N PHE A 20 -9.53 7.93 -4.57
CA PHE A 20 -8.95 8.99 -3.74
C PHE A 20 -8.19 9.98 -4.60
N ARG A 21 -8.44 11.28 -4.36
CA ARG A 21 -7.78 12.34 -5.11
C ARG A 21 -6.26 12.18 -5.05
N ILE A 22 -5.55 13.04 -5.77
CA ILE A 22 -4.10 13.00 -5.80
C ILE A 22 -3.51 13.08 -4.39
N LYS A 23 -4.29 13.63 -3.47
CA LYS A 23 -3.86 13.76 -2.09
C LYS A 23 -3.31 12.44 -1.55
N GLU A 24 -4.07 11.37 -1.76
CA GLU A 24 -3.66 10.05 -1.31
C GLU A 24 -2.38 9.60 -2.02
N LEU A 25 -2.43 9.54 -3.34
CA LEU A 25 -1.28 9.12 -4.14
C LEU A 25 -0.06 9.98 -3.81
N LYS A 26 -0.31 11.22 -3.43
CA LYS A 26 0.77 12.15 -3.09
C LYS A 26 1.46 11.72 -1.79
N ASP A 27 0.68 11.58 -0.73
CA ASP A 27 1.21 11.18 0.57
C ASP A 27 1.99 9.87 0.44
N ILE A 28 1.46 8.93 -0.32
CA ILE A 28 2.09 7.64 -0.52
C ILE A 28 3.43 7.80 -1.25
N LEU A 29 3.41 8.53 -2.36
CA LEU A 29 4.61 8.75 -3.15
C LEU A 29 5.62 9.61 -2.38
N ASN A 30 5.11 10.42 -1.46
CA ASN A 30 5.95 11.29 -0.65
C ASN A 30 6.65 10.50 0.45
N GLN A 31 5.95 9.54 1.02
CA GLN A 31 6.49 8.71 2.08
C GLN A 31 7.41 7.62 1.51
N LEU A 32 7.12 7.20 0.29
CA LEU A 32 7.89 6.17 -0.38
C LEU A 32 9.30 6.68 -0.71
N GLY A 33 9.41 7.98 -0.96
CA GLY A 33 10.69 8.57 -1.28
C GLY A 33 11.01 8.50 -2.76
N LEU A 34 9.98 8.66 -3.60
CA LEU A 34 10.16 8.62 -5.04
C LEU A 34 10.00 10.00 -5.66
N PRO A 35 11.08 10.79 -5.65
CA PRO A 35 11.08 12.15 -6.20
C PRO A 35 10.97 12.15 -7.73
N LYS A 36 9.77 11.87 -8.22
CA LYS A 36 9.54 11.84 -9.67
C LYS A 36 8.24 12.58 -10.02
N GLN A 37 7.22 12.39 -9.19
CA GLN A 37 5.94 13.04 -9.41
C GLN A 37 5.27 12.52 -10.68
N GLY A 38 4.33 13.28 -11.22
CA GLY A 38 3.63 12.88 -12.42
C GLY A 38 2.13 13.08 -12.33
N LYS A 39 1.49 13.31 -13.46
CA LYS A 39 0.05 13.51 -13.51
C LYS A 39 -0.69 12.37 -12.83
N LYS A 40 -2.01 12.48 -12.74
CA LYS A 40 -2.83 11.45 -12.11
C LYS A 40 -2.50 10.07 -12.67
N GLN A 41 -2.20 10.02 -13.98
CA GLN A 41 -1.86 8.77 -14.63
C GLN A 41 -0.53 8.22 -14.12
N ASP A 42 0.49 9.06 -14.13
CA ASP A 42 1.82 8.67 -13.67
C ASP A 42 1.76 8.15 -12.24
N LEU A 43 1.10 8.91 -11.36
CA LEU A 43 0.97 8.52 -9.96
C LEU A 43 0.32 7.15 -9.83
N ILE A 44 -0.84 6.99 -10.44
CA ILE A 44 -1.57 5.72 -10.40
C ILE A 44 -0.65 4.56 -10.80
N ASP A 45 -0.04 4.66 -11.97
CA ASP A 45 0.85 3.62 -12.46
C ASP A 45 2.03 3.43 -11.50
N ARG A 46 2.40 4.49 -10.81
CA ARG A 46 3.51 4.44 -9.86
C ARG A 46 3.20 3.50 -8.71
N VAL A 47 2.05 3.72 -8.06
CA VAL A 47 1.63 2.90 -6.94
C VAL A 47 1.55 1.42 -7.33
N LEU A 48 0.81 1.16 -8.40
CA LEU A 48 0.64 -0.21 -8.90
C LEU A 48 1.99 -0.86 -9.18
N ALA A 49 2.91 -0.07 -9.72
CA ALA A 49 4.25 -0.56 -10.04
C ALA A 49 5.01 -0.95 -8.78
N LEU A 50 4.70 -0.26 -7.67
CA LEU A 50 5.36 -0.54 -6.40
C LEU A 50 4.81 -1.82 -5.78
N LEU A 51 3.50 -1.92 -5.70
CA LEU A 51 2.85 -3.10 -5.13
C LEU A 51 2.95 -4.29 -6.07
N THR A 52 3.36 -4.03 -7.32
CA THR A 52 3.50 -5.08 -8.31
C THR A 52 4.97 -5.40 -8.57
N ASP A 53 5.65 -4.48 -9.26
CA ASP A 53 7.07 -4.66 -9.58
C ASP A 53 7.91 -4.66 -8.30
N GLU A 54 7.31 -4.22 -7.20
CA GLU A 54 8.01 -4.17 -5.92
C GLU A 54 7.18 -4.83 -4.82
N GLN A 55 6.30 -5.74 -5.22
CA GLN A 55 5.45 -6.43 -4.27
C GLN A 55 6.27 -7.06 -3.15
N GLY A 56 7.56 -7.30 -3.43
CA GLY A 56 8.44 -7.89 -2.44
C GLY A 56 8.07 -9.33 -2.14
N GLN A 57 7.82 -10.12 -3.18
CA GLN A 57 7.46 -11.52 -3.01
C GLN A 57 8.65 -12.42 -3.33
N ARG A 58 9.58 -11.92 -4.13
CA ARG A 58 10.77 -12.68 -4.51
C ARG A 58 12.03 -12.04 -3.95
N HIS A 59 11.86 -11.25 -2.90
CA HIS A 59 12.99 -10.58 -2.27
C HIS A 59 12.53 -9.74 -1.07
N HIS A 60 13.45 -8.97 -0.51
CA HIS A 60 13.13 -8.13 0.64
C HIS A 60 12.03 -7.12 0.29
N GLY A 61 11.78 -6.19 1.21
CA GLY A 61 10.75 -5.19 0.99
C GLY A 61 9.77 -5.09 2.14
N TRP A 62 10.27 -5.29 3.36
CA TRP A 62 9.43 -5.23 4.55
C TRP A 62 9.84 -4.07 5.44
N GLY A 63 11.06 -4.13 5.97
CA GLY A 63 11.55 -3.08 6.83
C GLY A 63 10.62 -2.81 8.00
N ARG A 64 9.82 -3.81 8.36
CA ARG A 64 8.88 -3.67 9.46
C ARG A 64 8.19 -2.32 9.43
N LYS A 65 7.39 -2.10 8.40
CA LYS A 65 6.67 -0.83 8.25
C LYS A 65 7.63 0.32 8.02
N ASN A 66 8.30 0.31 6.86
CA ASN A 66 9.24 1.36 6.51
C ASN A 66 8.54 2.52 5.83
N SER A 67 7.21 2.54 5.92
CA SER A 67 6.42 3.60 5.29
C SER A 67 6.85 3.83 3.85
N LEU A 68 7.09 2.74 3.13
CA LEU A 68 7.51 2.82 1.73
C LEU A 68 7.24 1.50 1.02
N THR A 69 6.28 0.73 1.53
CA THR A 69 5.93 -0.55 0.93
C THR A 69 4.42 -0.68 0.76
N LYS A 70 3.98 -1.82 0.23
CA LYS A 70 2.57 -2.06 0.01
C LYS A 70 1.76 -1.80 1.28
N GLU A 71 2.32 -2.20 2.42
CA GLU A 71 1.64 -1.99 3.70
C GLU A 71 1.41 -0.51 3.96
N ALA A 72 2.41 0.32 3.65
CA ALA A 72 2.30 1.75 3.85
C ALA A 72 1.24 2.36 2.94
N VAL A 73 1.33 2.05 1.65
CA VAL A 73 0.37 2.57 0.68
C VAL A 73 -1.07 2.27 1.11
N ALA A 74 -1.34 1.00 1.44
CA ALA A 74 -2.66 0.59 1.88
C ALA A 74 -2.98 1.13 3.27
N LYS A 75 -1.94 1.39 4.04
CA LYS A 75 -2.10 1.92 5.40
C LYS A 75 -2.74 3.30 5.37
N ILE A 76 -2.20 4.19 4.54
CA ILE A 76 -2.72 5.54 4.43
C ILE A 76 -4.10 5.54 3.78
N VAL A 77 -4.20 4.92 2.62
CA VAL A 77 -5.47 4.84 1.90
C VAL A 77 -6.56 4.23 2.76
N ASP A 78 -6.17 3.27 3.61
CA ASP A 78 -7.12 2.60 4.49
C ASP A 78 -7.62 3.56 5.56
N ASP A 79 -6.71 4.24 6.22
CA ASP A 79 -7.07 5.20 7.27
C ASP A 79 -7.83 6.38 6.69
N THR A 80 -7.40 6.84 5.52
CA THR A 80 -8.04 7.98 4.86
C THR A 80 -9.49 7.67 4.52
N TYR A 81 -9.71 6.51 3.92
CA TYR A 81 -11.06 6.09 3.54
C TYR A 81 -11.91 5.80 4.77
N ARG A 82 -11.31 5.12 5.75
CA ARG A 82 -12.02 4.79 6.99
C ARG A 82 -12.61 6.04 7.63
N LYS A 83 -11.79 7.08 7.77
CA LYS A 83 -12.23 8.33 8.37
C LYS A 83 -13.01 9.17 7.37
N MET A 84 -12.73 8.96 6.08
CA MET A 84 -13.42 9.69 5.01
C MET A 84 -14.93 9.51 5.12
N GLN A 85 -15.38 8.27 5.03
CA GLN A 85 -16.81 7.96 5.12
C GLN A 85 -17.05 6.46 4.99
N ILE A 86 -16.04 5.67 5.34
CA ILE A 86 -16.15 4.22 5.26
C ILE A 86 -16.87 3.78 3.99
N GLN A 87 -16.61 4.50 2.89
CA GLN A 87 -17.23 4.18 1.62
C GLN A 87 -17.08 2.71 1.29
N CYS A 88 -18.16 1.95 1.46
CA CYS A 88 -18.14 0.52 1.18
C CYS A 88 -16.89 -0.13 1.75
N ALA A 89 -16.95 -0.52 3.02
CA ALA A 89 -15.81 -1.14 3.68
C ALA A 89 -15.52 -2.52 3.07
N PRO A 90 -14.37 -2.63 2.41
CA PRO A 90 -13.95 -3.88 1.76
C PRO A 90 -13.57 -4.96 2.78
N ASP A 91 -13.57 -4.58 4.05
CA ASP A 91 -13.24 -5.52 5.12
C ASP A 91 -11.78 -5.94 5.03
N LEU A 92 -10.88 -4.98 5.14
CA LEU A 92 -9.45 -5.25 5.08
C LEU A 92 -9.06 -6.37 6.03
N ALA A 93 -9.86 -6.56 7.08
CA ALA A 93 -9.60 -7.61 8.06
C ALA A 93 -8.31 -7.35 8.81
N THR A 94 -7.89 -6.08 8.85
CA THR A 94 -6.66 -5.70 9.53
C THR A 94 -5.44 -6.34 8.87
N ARG A 95 -5.56 -6.60 7.56
CA ARG A 95 -4.46 -7.21 6.81
C ARG A 95 -4.05 -8.54 7.42
N SER A 96 -4.97 -9.15 8.16
CA SER A 96 -4.70 -10.44 8.80
C SER A 96 -4.39 -11.51 7.77
N HIS A 97 -5.01 -11.40 6.60
CA HIS A 97 -4.80 -12.35 5.52
C HIS A 97 -3.47 -12.11 4.83
N SER A 98 -2.38 -12.33 5.55
CA SER A 98 -1.04 -12.13 5.00
C SER A 98 0.01 -12.68 5.95
N GLY A 99 1.04 -13.31 5.38
CA GLY A 99 2.12 -13.87 6.19
C GLY A 99 3.20 -12.86 6.49
N SER A 100 4.37 -13.06 5.87
CA SER A 100 5.50 -12.16 6.09
C SER A 100 6.05 -12.30 7.51
N ASP A 101 5.60 -13.33 8.21
CA ASP A 101 6.04 -13.57 9.57
C ASP A 101 6.67 -14.96 9.71
N PHE A 102 6.66 -15.71 8.60
CA PHE A 102 7.22 -17.06 8.59
C PHE A 102 8.57 -17.08 7.86
N SER A 103 9.08 -15.89 7.53
CA SER A 103 10.35 -15.76 6.83
C SER A 103 10.86 -14.33 6.88
N PHE A 104 10.84 -13.74 8.07
CA PHE A 104 11.30 -12.37 8.26
C PHE A 104 12.82 -12.30 8.18
N ARG A 105 13.35 -12.33 6.95
CA ARG A 105 14.78 -12.26 6.73
C ARG A 105 15.40 -11.10 7.49
N PRO A 106 16.72 -11.16 7.71
CA PRO A 106 17.46 -10.11 8.42
C PRO A 106 17.55 -8.81 7.62
N ILE A 107 18.34 -7.87 8.12
CA ILE A 107 18.51 -6.58 7.45
C ILE A 107 19.95 -6.11 7.56
N GLU A 108 20.89 -7.04 7.55
CA GLU A 108 22.30 -6.71 7.65
C GLU A 108 22.68 -5.65 6.62
N GLU A 109 22.00 -5.66 5.48
CA GLU A 109 22.26 -4.70 4.41
C GLU A 109 23.69 -4.85 3.88
N ALA A 110 23.94 -5.94 3.18
CA ALA A 110 25.27 -6.21 2.62
C ALA A 110 25.23 -7.42 1.69
N GLY A 1 -6.78 -10.11 -10.99
CA GLY A 1 -7.35 -11.42 -11.23
C GLY A 1 -6.30 -12.51 -11.27
N SER A 2 -5.45 -12.54 -10.23
CA SER A 2 -4.39 -13.54 -10.15
C SER A 2 -4.75 -14.63 -9.14
N HIS A 3 -5.56 -14.26 -8.15
CA HIS A 3 -5.98 -15.20 -7.12
C HIS A 3 -4.76 -15.78 -6.38
N MET A 4 -3.84 -14.91 -6.00
CA MET A 4 -2.64 -15.32 -5.29
C MET A 4 -2.27 -14.33 -4.20
N ALA A 5 -3.23 -13.99 -3.35
CA ALA A 5 -3.01 -13.05 -2.27
C ALA A 5 -2.38 -11.75 -2.79
N SER A 6 -2.61 -11.47 -4.06
CA SER A 6 -2.07 -10.27 -4.69
C SER A 6 -3.17 -9.48 -5.39
N ALA A 7 -4.15 -10.20 -5.94
CA ALA A 7 -5.25 -9.57 -6.64
C ALA A 7 -6.14 -8.77 -5.69
N ASP A 8 -6.12 -9.15 -4.42
CA ASP A 8 -6.91 -8.47 -3.41
C ASP A 8 -6.28 -7.13 -3.03
N LEU A 9 -4.97 -7.14 -2.84
CA LEU A 9 -4.23 -5.93 -2.48
C LEU A 9 -4.18 -4.95 -3.64
N VAL A 10 -3.99 -5.49 -4.85
CA VAL A 10 -3.93 -4.66 -6.05
C VAL A 10 -5.28 -4.03 -6.36
N SER A 11 -6.33 -4.86 -6.39
CA SER A 11 -7.67 -4.38 -6.67
C SER A 11 -8.15 -3.43 -5.59
N SER A 12 -7.77 -3.71 -4.34
CA SER A 12 -8.16 -2.88 -3.21
C SER A 12 -7.40 -1.55 -3.22
N CYS A 13 -6.08 -1.65 -3.29
CA CYS A 13 -5.23 -0.47 -3.31
C CYS A 13 -5.54 0.42 -4.50
N LYS A 14 -5.72 -0.20 -5.66
CA LYS A 14 -6.04 0.53 -6.89
C LYS A 14 -7.41 1.18 -6.79
N ASP A 15 -8.43 0.37 -6.49
CA ASP A 15 -9.79 0.86 -6.38
C ASP A 15 -9.86 2.06 -5.43
N LYS A 16 -9.22 1.93 -4.27
CA LYS A 16 -9.21 3.01 -3.29
C LYS A 16 -8.38 4.20 -3.79
N LEU A 17 -7.10 3.94 -4.06
CA LEU A 17 -6.19 4.98 -4.54
C LEU A 17 -6.83 5.76 -5.68
N ALA A 18 -7.49 5.05 -6.59
CA ALA A 18 -8.14 5.68 -7.73
C ALA A 18 -9.36 6.50 -7.29
N TYR A 19 -10.12 5.94 -6.35
CA TYR A 19 -11.31 6.63 -5.84
C TYR A 19 -10.93 7.80 -4.96
N PHE A 20 -9.66 7.83 -4.52
CA PHE A 20 -9.17 8.90 -3.67
C PHE A 20 -8.48 9.98 -4.50
N ARG A 21 -8.80 11.24 -4.22
CA ARG A 21 -8.21 12.36 -4.94
C ARG A 21 -6.68 12.27 -4.92
N ILE A 22 -6.04 13.16 -5.66
CA ILE A 22 -4.58 13.19 -5.74
C ILE A 22 -3.96 13.15 -4.34
N LYS A 23 -4.72 13.63 -3.35
CA LYS A 23 -4.25 13.66 -1.97
C LYS A 23 -3.65 12.31 -1.57
N GLU A 24 -4.39 11.24 -1.83
CA GLU A 24 -3.94 9.90 -1.51
C GLU A 24 -2.60 9.59 -2.18
N LEU A 25 -2.56 9.75 -3.49
CA LEU A 25 -1.34 9.49 -4.26
C LEU A 25 -0.20 10.40 -3.79
N LYS A 26 -0.57 11.60 -3.33
CA LYS A 26 0.42 12.56 -2.86
C LYS A 26 1.14 12.03 -1.61
N ASP A 27 0.37 11.53 -0.66
CA ASP A 27 0.93 10.99 0.57
C ASP A 27 1.82 9.79 0.28
N ILE A 28 1.38 8.94 -0.63
CA ILE A 28 2.13 7.75 -1.00
C ILE A 28 3.45 8.12 -1.66
N LEU A 29 3.37 8.88 -2.76
CA LEU A 29 4.56 9.30 -3.49
C LEU A 29 5.48 10.12 -2.59
N ASN A 30 4.89 10.79 -1.60
CA ASN A 30 5.67 11.61 -0.68
C ASN A 30 6.51 10.73 0.25
N GLN A 31 5.92 9.65 0.74
CA GLN A 31 6.61 8.74 1.63
C GLN A 31 7.54 7.81 0.84
N LEU A 32 7.29 7.69 -0.45
CA LEU A 32 8.12 6.85 -1.31
C LEU A 32 9.41 7.54 -1.69
N GLY A 33 9.61 8.75 -1.16
CA GLY A 33 10.82 9.50 -1.45
C GLY A 33 10.55 10.68 -2.36
N LEU A 34 9.28 11.00 -2.56
CA LEU A 34 8.89 12.11 -3.43
C LEU A 34 9.84 12.23 -4.61
N PRO A 35 9.48 11.58 -5.73
CA PRO A 35 10.28 11.60 -6.96
C PRO A 35 10.27 12.96 -7.63
N LYS A 36 11.07 13.10 -8.69
CA LYS A 36 11.14 14.36 -9.43
C LYS A 36 9.75 14.88 -9.77
N GLN A 37 8.80 13.95 -9.96
CA GLN A 37 7.44 14.33 -10.29
C GLN A 37 6.53 13.10 -10.32
N GLY A 38 5.31 13.28 -10.81
CA GLY A 38 4.38 12.17 -10.89
C GLY A 38 2.93 12.64 -10.93
N LYS A 39 2.35 12.68 -12.13
CA LYS A 39 0.97 13.12 -12.29
C LYS A 39 0.00 12.03 -11.82
N LYS A 40 -1.29 12.27 -12.03
CA LYS A 40 -2.32 11.32 -11.63
C LYS A 40 -2.01 9.93 -12.17
N GLN A 41 -1.67 9.86 -13.45
CA GLN A 41 -1.35 8.58 -14.09
C GLN A 41 -0.02 8.04 -13.59
N ASP A 42 1.02 8.87 -13.64
CA ASP A 42 2.34 8.47 -13.19
C ASP A 42 2.28 7.89 -11.78
N LEU A 43 1.54 8.55 -10.90
CA LEU A 43 1.41 8.11 -9.52
C LEU A 43 0.72 6.75 -9.46
N ILE A 44 -0.47 6.67 -10.05
CA ILE A 44 -1.24 5.44 -10.07
C ILE A 44 -0.39 4.27 -10.56
N ASP A 45 0.18 4.42 -11.74
CA ASP A 45 1.03 3.38 -12.32
C ASP A 45 2.21 3.07 -11.42
N ARG A 46 2.68 4.08 -10.69
CA ARG A 46 3.82 3.91 -9.79
C ARG A 46 3.46 2.99 -8.63
N VAL A 47 2.33 3.27 -7.98
CA VAL A 47 1.87 2.47 -6.86
C VAL A 47 1.74 1.00 -7.26
N LEU A 48 0.98 0.75 -8.31
CA LEU A 48 0.77 -0.62 -8.80
C LEU A 48 2.09 -1.25 -9.23
N ALA A 49 3.01 -0.42 -9.71
CA ALA A 49 4.32 -0.89 -10.14
C ALA A 49 5.09 -1.54 -9.00
N LEU A 50 5.22 -0.81 -7.90
CA LEU A 50 5.94 -1.31 -6.73
C LEU A 50 5.16 -2.42 -6.05
N LEU A 51 3.84 -2.24 -5.95
CA LEU A 51 2.98 -3.24 -5.33
C LEU A 51 2.91 -4.51 -6.17
N THR A 52 3.19 -4.37 -7.47
CA THR A 52 3.17 -5.51 -8.38
C THR A 52 4.57 -5.98 -8.71
N ASP A 53 5.26 -5.24 -9.57
CA ASP A 53 6.62 -5.58 -9.97
C ASP A 53 7.50 -5.79 -8.74
N GLU A 54 7.12 -5.19 -7.62
CA GLU A 54 7.87 -5.31 -6.38
C GLU A 54 7.01 -5.89 -5.27
N GLN A 55 6.00 -6.67 -5.65
CA GLN A 55 5.10 -7.28 -4.68
C GLN A 55 5.88 -8.06 -3.63
N GLY A 56 7.10 -8.44 -3.97
CA GLY A 56 7.93 -9.18 -3.03
C GLY A 56 8.11 -8.46 -1.72
N GLN A 57 7.93 -7.15 -1.73
CA GLN A 57 8.07 -6.34 -0.52
C GLN A 57 7.04 -6.75 0.53
N ARG A 58 6.01 -7.46 0.09
CA ARG A 58 4.95 -7.91 0.99
C ARG A 58 5.48 -8.94 1.97
N HIS A 59 6.67 -9.46 1.70
CA HIS A 59 7.30 -10.45 2.57
C HIS A 59 7.99 -9.79 3.75
N HIS A 60 9.02 -9.01 3.46
CA HIS A 60 9.77 -8.30 4.50
C HIS A 60 10.81 -7.38 3.90
N GLY A 61 11.35 -6.47 4.72
CA GLY A 61 12.34 -5.54 4.24
C GLY A 61 11.85 -4.11 4.20
N TRP A 62 11.21 -3.68 5.28
CA TRP A 62 10.67 -2.32 5.36
C TRP A 62 11.36 -1.54 6.46
N GLY A 63 11.21 -1.99 7.70
CA GLY A 63 11.82 -1.31 8.83
C GLY A 63 10.84 -0.45 9.59
N ARG A 64 9.55 -0.66 9.34
CA ARG A 64 8.51 0.11 10.01
C ARG A 64 8.83 1.60 9.99
N LYS A 65 9.07 2.13 8.79
CA LYS A 65 9.39 3.54 8.63
C LYS A 65 9.60 3.90 7.15
N ASN A 66 10.11 2.93 6.39
CA ASN A 66 10.36 3.13 4.98
C ASN A 66 9.14 3.76 4.30
N SER A 67 7.96 3.40 4.78
CA SER A 67 6.71 3.93 4.21
C SER A 67 6.77 3.94 2.69
N LEU A 68 7.31 2.88 2.11
CA LEU A 68 7.43 2.77 0.66
C LEU A 68 7.12 1.35 0.19
N THR A 69 6.43 0.60 1.03
CA THR A 69 6.07 -0.78 0.70
C THR A 69 4.56 -0.97 0.65
N LYS A 70 4.13 -2.18 0.33
CA LYS A 70 2.71 -2.49 0.26
C LYS A 70 1.99 -2.05 1.53
N GLU A 71 2.68 -2.14 2.66
CA GLU A 71 2.11 -1.75 3.94
C GLU A 71 1.83 -0.25 3.98
N ALA A 72 2.77 0.54 3.47
CA ALA A 72 2.62 1.99 3.44
C ALA A 72 1.46 2.40 2.55
N VAL A 73 1.48 1.93 1.30
CA VAL A 73 0.43 2.26 0.35
C VAL A 73 -0.95 1.88 0.89
N ALA A 74 -1.05 0.67 1.44
CA ALA A 74 -2.30 0.19 2.00
C ALA A 74 -2.66 0.94 3.27
N LYS A 75 -1.64 1.42 3.97
CA LYS A 75 -1.85 2.16 5.22
C LYS A 75 -2.60 3.45 4.96
N ILE A 76 -2.11 4.23 4.00
CA ILE A 76 -2.73 5.50 3.65
C ILE A 76 -4.11 5.29 3.03
N VAL A 77 -4.17 4.44 2.01
CA VAL A 77 -5.42 4.13 1.33
C VAL A 77 -6.50 3.71 2.33
N ASP A 78 -6.11 2.89 3.30
CA ASP A 78 -7.04 2.40 4.31
C ASP A 78 -7.52 3.55 5.19
N ASP A 79 -6.59 4.41 5.60
CA ASP A 79 -6.92 5.56 6.43
C ASP A 79 -7.92 6.48 5.74
N THR A 80 -7.75 6.63 4.42
CA THR A 80 -8.63 7.48 3.64
C THR A 80 -10.04 6.92 3.57
N TYR A 81 -10.13 5.60 3.34
CA TYR A 81 -11.42 4.93 3.24
C TYR A 81 -12.14 4.95 4.58
N ARG A 82 -11.46 4.49 5.63
CA ARG A 82 -12.04 4.45 6.96
C ARG A 82 -12.45 5.84 7.41
N LYS A 83 -11.64 6.84 7.08
CA LYS A 83 -11.91 8.22 7.45
C LYS A 83 -12.94 8.84 6.51
N MET A 84 -13.08 8.26 5.33
CA MET A 84 -14.03 8.75 4.34
C MET A 84 -15.46 8.54 4.81
N GLN A 85 -15.82 7.29 5.07
CA GLN A 85 -17.17 6.95 5.53
C GLN A 85 -17.12 5.93 6.66
N ILE A 86 -15.94 5.35 6.88
CA ILE A 86 -15.76 4.37 7.93
C ILE A 86 -16.46 3.05 7.57
N GLN A 87 -17.79 3.07 7.58
CA GLN A 87 -18.57 1.89 7.26
C GLN A 87 -18.29 1.42 5.84
N CYS A 88 -17.40 0.44 5.71
CA CYS A 88 -17.04 -0.10 4.41
C CYS A 88 -16.34 -1.44 4.55
N ALA A 89 -15.33 -1.50 5.41
CA ALA A 89 -14.58 -2.73 5.63
C ALA A 89 -14.14 -3.36 4.32
N PRO A 90 -12.98 -2.90 3.81
CA PRO A 90 -12.42 -3.40 2.55
C PRO A 90 -11.92 -4.84 2.67
N ASP A 91 -11.94 -5.36 3.89
CA ASP A 91 -11.48 -6.73 4.13
C ASP A 91 -10.00 -6.88 3.82
N LEU A 92 -9.16 -6.29 4.68
CA LEU A 92 -7.71 -6.35 4.49
C LEU A 92 -7.24 -7.80 4.50
N ALA A 93 -8.05 -8.69 5.03
CA ALA A 93 -7.71 -10.11 5.09
C ALA A 93 -6.50 -10.35 6.00
N THR A 94 -6.15 -9.34 6.79
CA THR A 94 -5.02 -9.44 7.69
C THR A 94 -3.76 -9.88 6.96
N ARG A 95 -3.71 -9.60 5.66
CA ARG A 95 -2.56 -9.98 4.84
C ARG A 95 -2.21 -11.44 5.04
N SER A 96 -3.16 -12.32 4.76
CA SER A 96 -2.94 -13.76 4.92
C SER A 96 -3.99 -14.55 4.13
N HIS A 97 -3.81 -14.61 2.82
CA HIS A 97 -4.73 -15.34 1.96
C HIS A 97 -4.16 -16.71 1.58
N SER A 98 -2.84 -16.81 1.60
CA SER A 98 -2.17 -18.07 1.26
C SER A 98 -0.70 -18.01 1.62
N GLY A 99 -0.41 -17.41 2.78
CA GLY A 99 0.97 -17.31 3.23
C GLY A 99 1.09 -16.63 4.58
N SER A 100 1.27 -17.45 5.62
CA SER A 100 1.39 -16.93 6.98
C SER A 100 1.58 -18.06 7.99
N ASP A 101 2.37 -17.80 9.02
CA ASP A 101 2.63 -18.79 10.05
C ASP A 101 3.36 -20.00 9.47
N PHE A 102 3.82 -19.87 8.22
CA PHE A 102 4.53 -20.95 7.55
C PHE A 102 5.93 -20.51 7.16
N SER A 103 6.30 -19.30 7.57
CA SER A 103 7.63 -18.76 7.26
C SER A 103 7.88 -17.47 8.03
N PHE A 104 7.51 -17.47 9.30
CA PHE A 104 7.70 -16.30 10.15
C PHE A 104 9.15 -16.21 10.64
N ARG A 105 10.03 -15.73 9.77
CA ARG A 105 11.44 -15.59 10.12
C ARG A 105 12.05 -14.37 9.42
N PRO A 106 12.00 -13.21 10.10
CA PRO A 106 12.54 -11.96 9.57
C PRO A 106 14.07 -11.97 9.51
N ILE A 107 14.65 -10.82 9.19
CA ILE A 107 16.10 -10.70 9.09
C ILE A 107 16.57 -9.35 9.64
N GLU A 108 15.88 -8.86 10.66
CA GLU A 108 16.23 -7.58 11.27
C GLU A 108 17.71 -7.54 11.64
N GLU A 109 18.26 -8.70 11.97
CA GLU A 109 19.67 -8.79 12.35
C GLU A 109 19.96 -7.97 13.61
N ALA A 110 19.78 -8.61 14.76
CA ALA A 110 20.02 -7.95 16.04
C ALA A 110 21.41 -7.35 16.09
#